data_7XJM
#
_entry.id   7XJM
#
_cell.length_a   85.825
_cell.length_b   87.214
_cell.length_c   174.521
_cell.angle_alpha   90.000
_cell.angle_beta   90.000
_cell.angle_gamma   90.000
#
_symmetry.space_group_name_H-M   'P 21 21 21'
#
loop_
_entity.id
_entity.type
_entity.pdbx_description
1 polymer 'Putrescine-binding periplasmic protein'
2 non-polymer SPERMIDINE
3 non-polymer 'HEXAETHYLENE GLYCOL'
4 non-polymer 'TETRAETHYLENE GLYCOL'
5 water water
#
_entity_poly.entity_id   1
_entity_poly.type   'polypeptide(L)'
_entity_poly.pdbx_seq_one_letter_code
;AMAKDQELYFYNWSEYIPSEVLEDFTKETGIKVIYSTYESNESMYAKLKTQGAGYDLVVPSTYFVSKMRKEGMLQEIDHS
KLSHFKDLDPNYLNKPFDPGNKFSIPYIWGATGIGINTDMLDKKSLKNWGDLWDAKWAGQLMLMDDAREVFHIALSKLGY
SPNTTNPKEIKAAYRELKKLMPNVLVFNSDFPANPYLAGEVSLGMLWNGSAYMARQEGAPIQIIWPEKGTIFWMDSISIP
AGAKNIEAAHKMIDFLLRPENAAKIALEIGYPTPVKTAHDLLPKEFANDPSIYPPQSVIDNGEWQDEVGEASVLYDEYFQ
KLKVND
;
_entity_poly.pdbx_strand_id   A,B,C,D
#
loop_
_chem_comp.id
_chem_comp.type
_chem_comp.name
_chem_comp.formula
P6G non-polymer 'HEXAETHYLENE GLYCOL' 'C12 H26 O7'
PG4 non-polymer 'TETRAETHYLENE GLYCOL' 'C8 H18 O5'
SPD non-polymer SPERMIDINE 'C7 H19 N3'
#
# COMPACT_ATOMS: atom_id res chain seq x y z
N LYS A 4 -22.24 1.82 -31.09
CA LYS A 4 -20.92 1.22 -31.31
C LYS A 4 -20.07 2.10 -32.22
N ASP A 5 -18.85 2.44 -31.75
CA ASP A 5 -17.87 3.27 -32.46
C ASP A 5 -18.31 4.76 -32.63
N GLN A 6 -19.31 5.20 -31.83
CA GLN A 6 -19.80 6.59 -31.77
C GLN A 6 -19.08 7.29 -30.62
N GLU A 7 -18.35 6.51 -29.82
CA GLU A 7 -17.59 7.01 -28.69
C GLU A 7 -16.28 6.27 -28.53
N LEU A 8 -15.38 6.83 -27.72
CA LEU A 8 -14.07 6.25 -27.50
C LEU A 8 -13.65 6.49 -26.06
N TYR A 9 -13.32 5.41 -25.33
CA TYR A 9 -12.83 5.50 -23.96
C TYR A 9 -11.33 5.43 -24.04
N PHE A 10 -10.66 6.57 -23.80
CA PHE A 10 -9.21 6.70 -23.97
C PHE A 10 -8.54 7.06 -22.64
N TYR A 11 -7.65 6.17 -22.18
CA TYR A 11 -6.91 6.32 -20.92
C TYR A 11 -5.45 6.57 -21.29
N ASN A 12 -4.91 7.74 -20.91
CA ASN A 12 -3.56 8.10 -21.34
C ASN A 12 -2.79 8.81 -20.23
N TRP A 13 -1.49 9.02 -20.46
CA TRP A 13 -0.66 9.80 -19.53
C TRP A 13 -1.18 11.22 -19.48
N SER A 14 -1.03 11.87 -18.33
CA SER A 14 -1.35 13.29 -18.22
C SER A 14 -0.42 14.04 -19.16
N GLU A 15 -0.79 15.28 -19.53
CA GLU A 15 0.00 16.25 -20.31
C GLU A 15 0.24 15.97 -21.80
N TYR A 16 0.01 14.75 -22.29
CA TYR A 16 0.30 14.39 -23.68
C TYR A 16 -0.62 15.01 -24.72
N ILE A 17 -1.94 15.06 -24.44
CA ILE A 17 -2.87 15.53 -25.47
C ILE A 17 -3.56 16.82 -25.06
N PRO A 18 -3.27 17.92 -25.77
CA PRO A 18 -3.98 19.19 -25.51
C PRO A 18 -5.48 19.00 -25.76
N SER A 19 -6.31 19.66 -24.94
CA SER A 19 -7.78 19.60 -25.03
C SER A 19 -8.31 19.91 -26.44
N GLU A 20 -7.67 20.88 -27.16
CA GLU A 20 -8.07 21.27 -28.51
C GLU A 20 -7.87 20.15 -29.51
N VAL A 21 -6.87 19.28 -29.26
CA VAL A 21 -6.58 18.15 -30.15
C VAL A 21 -7.73 17.12 -30.08
N LEU A 22 -8.25 16.84 -28.87
CA LEU A 22 -9.39 15.93 -28.71
C LEU A 22 -10.66 16.52 -29.36
N GLU A 23 -10.85 17.86 -29.21
CA GLU A 23 -11.95 18.59 -29.84
C GLU A 23 -11.86 18.42 -31.36
N ASP A 24 -10.62 18.54 -31.92
CA ASP A 24 -10.38 18.41 -33.35
C ASP A 24 -10.71 17.00 -33.84
N PHE A 25 -10.35 15.97 -33.05
CA PHE A 25 -10.68 14.58 -33.40
C PHE A 25 -12.20 14.39 -33.49
N THR A 26 -12.94 14.88 -32.47
CA THR A 26 -14.41 14.78 -32.43
C THR A 26 -15.05 15.55 -33.59
N LYS A 27 -14.50 16.73 -33.95
CA LYS A 27 -15.00 17.51 -35.08
C LYS A 27 -14.84 16.74 -36.40
N GLU A 28 -13.68 16.12 -36.59
CA GLU A 28 -13.33 15.38 -37.80
C GLU A 28 -14.09 14.05 -37.97
N THR A 29 -14.30 13.32 -36.87
CA THR A 29 -14.90 11.98 -36.91
C THR A 29 -16.34 11.85 -36.42
N GLY A 30 -16.78 12.79 -35.58
CA GLY A 30 -18.08 12.73 -34.93
C GLY A 30 -18.07 11.83 -33.70
N ILE A 31 -16.88 11.24 -33.37
CA ILE A 31 -16.69 10.33 -32.24
C ILE A 31 -16.41 11.11 -30.95
N LYS A 32 -17.25 10.89 -29.94
CA LYS A 32 -17.13 11.50 -28.61
C LYS A 32 -15.98 10.79 -27.85
N VAL A 33 -15.07 11.57 -27.25
CA VAL A 33 -13.95 10.99 -26.49
C VAL A 33 -14.21 11.10 -24.99
N ILE A 34 -14.21 9.97 -24.30
CA ILE A 34 -14.33 9.94 -22.84
C ILE A 34 -12.88 9.75 -22.41
N TYR A 35 -12.23 10.87 -22.07
CA TYR A 35 -10.80 10.89 -21.77
C TYR A 35 -10.47 10.90 -20.30
N SER A 36 -9.48 10.10 -19.89
CA SER A 36 -9.03 10.13 -18.49
C SER A 36 -7.53 9.92 -18.45
N THR A 37 -6.88 10.34 -17.36
CA THR A 37 -5.41 10.27 -17.32
C THR A 37 -4.84 9.55 -16.12
N TYR A 38 -3.59 9.13 -16.25
CA TYR A 38 -2.81 8.51 -15.18
C TYR A 38 -1.40 9.11 -15.19
N GLU A 39 -0.65 8.91 -14.12
CA GLU A 39 0.69 9.45 -13.91
C GLU A 39 1.77 8.36 -13.95
N SER A 40 1.37 7.09 -14.00
CA SER A 40 2.34 5.99 -14.03
C SER A 40 1.73 4.74 -14.65
N ASN A 41 2.57 3.84 -15.15
CA ASN A 41 2.12 2.53 -15.67
C ASN A 41 1.48 1.75 -14.54
N GLU A 42 2.01 1.86 -13.31
CA GLU A 42 1.51 1.11 -12.14
C GLU A 42 0.09 1.55 -11.77
N SER A 43 -0.20 2.86 -11.85
CA SER A 43 -1.55 3.38 -11.59
C SER A 43 -2.50 2.96 -12.71
N MET A 44 -2.04 3.09 -13.96
CA MET A 44 -2.81 2.68 -15.14
CA MET A 44 -2.81 2.69 -15.14
C MET A 44 -3.21 1.20 -15.03
N TYR A 45 -2.22 0.34 -14.73
CA TYR A 45 -2.39 -1.09 -14.65
C TYR A 45 -3.37 -1.47 -13.55
N ALA A 46 -3.25 -0.85 -12.36
CA ALA A 46 -4.16 -1.13 -11.23
C ALA A 46 -5.60 -0.80 -11.61
N LYS A 47 -5.84 0.33 -12.32
CA LYS A 47 -7.19 0.65 -12.72
C LYS A 47 -7.72 -0.36 -13.73
N LEU A 48 -6.91 -0.69 -14.78
CA LEU A 48 -7.36 -1.68 -15.77
C LEU A 48 -7.71 -3.01 -15.13
N LYS A 49 -6.94 -3.42 -14.09
CA LYS A 49 -7.20 -4.68 -13.37
C LYS A 49 -8.50 -4.66 -12.59
N THR A 50 -8.75 -3.58 -11.84
CA THR A 50 -9.98 -3.45 -11.05
C THR A 50 -11.18 -3.46 -11.99
N GLN A 51 -11.12 -2.64 -13.07
CA GLN A 51 -12.25 -2.46 -14.01
C GLN A 51 -12.47 -3.63 -14.96
N GLY A 52 -11.40 -4.30 -15.36
CA GLY A 52 -11.45 -5.44 -16.28
C GLY A 52 -11.55 -5.02 -17.74
N ALA A 53 -12.54 -4.15 -18.04
CA ALA A 53 -12.80 -3.61 -19.36
C ALA A 53 -13.17 -2.11 -19.21
N GLY A 54 -13.91 -1.56 -20.16
CA GLY A 54 -14.32 -0.16 -20.13
C GLY A 54 -13.39 0.80 -20.87
N TYR A 55 -12.30 0.27 -21.50
CA TYR A 55 -11.35 1.12 -22.23
C TYR A 55 -11.11 0.65 -23.65
N ASP A 56 -10.98 1.61 -24.58
CA ASP A 56 -10.71 1.32 -25.99
C ASP A 56 -9.25 1.54 -26.37
N LEU A 57 -8.57 2.42 -25.63
CA LEU A 57 -7.17 2.73 -25.83
C LEU A 57 -6.51 2.93 -24.50
N VAL A 58 -5.27 2.46 -24.40
CA VAL A 58 -4.42 2.63 -23.22
C VAL A 58 -2.99 2.87 -23.73
N VAL A 59 -2.13 3.51 -22.92
CA VAL A 59 -0.80 3.88 -23.43
C VAL A 59 0.32 3.39 -22.51
N PRO A 60 0.67 2.09 -22.57
CA PRO A 60 1.74 1.60 -21.70
C PRO A 60 3.13 2.02 -22.19
N SER A 61 4.08 2.11 -21.25
CA SER A 61 5.48 2.25 -21.63
C SER A 61 5.87 0.87 -22.18
N THR A 62 6.91 0.81 -23.00
CA THR A 62 7.30 -0.44 -23.65
C THR A 62 7.58 -1.59 -22.66
N TYR A 63 8.07 -1.25 -21.45
CA TYR A 63 8.40 -2.25 -20.44
C TYR A 63 7.15 -2.86 -19.75
N PHE A 64 5.94 -2.44 -20.16
CA PHE A 64 4.68 -3.02 -19.68
C PHE A 64 3.99 -3.82 -20.77
N VAL A 65 4.41 -3.66 -22.04
CA VAL A 65 3.71 -4.28 -23.18
C VAL A 65 3.71 -5.81 -23.13
N SER A 66 4.89 -6.45 -22.98
CA SER A 66 4.96 -7.92 -22.92
C SER A 66 4.12 -8.49 -21.73
N LYS A 67 4.19 -7.85 -20.55
CA LYS A 67 3.45 -8.26 -19.34
C LYS A 67 1.93 -8.23 -19.64
N MET A 68 1.45 -7.10 -20.18
CA MET A 68 0.02 -6.92 -20.49
C MET A 68 -0.47 -7.89 -21.57
N ARG A 69 0.37 -8.16 -22.58
CA ARG A 69 0.05 -9.13 -23.64
C ARG A 69 -0.11 -10.54 -23.04
N LYS A 70 0.89 -11.00 -22.25
CA LYS A 70 0.89 -12.31 -21.60
C LYS A 70 -0.29 -12.51 -20.63
N GLU A 71 -0.76 -11.41 -20.02
CA GLU A 71 -1.89 -11.47 -19.08
C GLU A 71 -3.26 -11.37 -19.78
N GLY A 72 -3.27 -11.35 -21.11
CA GLY A 72 -4.49 -11.29 -21.92
C GLY A 72 -5.20 -9.94 -21.84
N MET A 73 -4.45 -8.86 -21.51
CA MET A 73 -5.03 -7.53 -21.33
C MET A 73 -5.18 -6.74 -22.62
N LEU A 74 -4.50 -7.17 -23.71
CA LEU A 74 -4.48 -6.45 -24.97
C LEU A 74 -4.98 -7.26 -26.14
N GLN A 75 -5.30 -6.55 -27.24
CA GLN A 75 -5.67 -7.24 -28.49
C GLN A 75 -4.77 -6.73 -29.61
N GLU A 76 -4.68 -7.53 -30.67
CA GLU A 76 -3.87 -7.22 -31.85
C GLU A 76 -4.37 -5.99 -32.59
N ILE A 77 -3.43 -5.12 -32.99
CA ILE A 77 -3.72 -3.88 -33.72
C ILE A 77 -3.59 -4.17 -35.22
N ASP A 78 -4.59 -3.71 -36.01
CA ASP A 78 -4.60 -3.90 -37.45
C ASP A 78 -3.88 -2.73 -38.16
N HIS A 79 -2.65 -2.97 -38.66
CA HIS A 79 -1.86 -1.93 -39.35
C HIS A 79 -2.55 -1.40 -40.61
N SER A 80 -3.40 -2.23 -41.27
CA SER A 80 -4.12 -1.83 -42.49
C SER A 80 -5.13 -0.70 -42.21
N LYS A 81 -5.54 -0.51 -40.94
CA LYS A 81 -6.43 0.58 -40.52
C LYS A 81 -5.63 1.84 -40.17
N LEU A 82 -4.28 1.73 -40.19
CA LEU A 82 -3.39 2.85 -39.85
C LEU A 82 -2.63 3.32 -41.08
N SER A 83 -3.25 4.27 -41.83
CA SER A 83 -2.66 4.83 -43.04
C SER A 83 -1.29 5.50 -42.80
N HIS A 84 -1.05 5.98 -41.56
CA HIS A 84 0.20 6.65 -41.20
C HIS A 84 1.22 5.74 -40.51
N PHE A 85 0.99 4.40 -40.53
CA PHE A 85 1.97 3.47 -39.96
C PHE A 85 3.33 3.65 -40.68
N LYS A 86 3.30 3.89 -42.01
CA LYS A 86 4.48 4.11 -42.86
C LYS A 86 5.30 5.35 -42.43
N ASP A 87 4.69 6.28 -41.67
CA ASP A 87 5.35 7.49 -41.18
C ASP A 87 6.21 7.27 -39.93
N LEU A 88 6.09 6.09 -39.30
CA LEU A 88 6.86 5.75 -38.11
C LEU A 88 8.32 5.52 -38.44
N ASP A 89 9.21 5.89 -37.52
CA ASP A 89 10.65 5.72 -37.67
C ASP A 89 10.95 4.24 -37.43
N PRO A 90 11.54 3.54 -38.45
CA PRO A 90 11.86 2.10 -38.27
C PRO A 90 12.74 1.76 -37.07
N ASN A 91 13.53 2.72 -36.58
CA ASN A 91 14.43 2.55 -35.43
C ASN A 91 13.69 2.29 -34.12
N TYR A 92 12.38 2.61 -34.06
CA TYR A 92 11.54 2.44 -32.87
C TYR A 92 10.53 1.28 -33.01
N LEU A 93 10.56 0.58 -34.15
CA LEU A 93 9.65 -0.51 -34.46
C LEU A 93 10.29 -1.89 -34.32
N ASN A 94 9.42 -2.93 -34.22
CA ASN A 94 9.79 -4.34 -34.27
C ASN A 94 10.92 -4.72 -33.29
N LYS A 95 10.67 -4.43 -32.01
CA LYS A 95 11.60 -4.74 -30.93
C LYS A 95 11.16 -6.02 -30.22
N PRO A 96 12.05 -6.71 -29.44
CA PRO A 96 11.62 -7.93 -28.75
C PRO A 96 10.40 -7.81 -27.82
N PHE A 97 10.11 -6.60 -27.25
CA PHE A 97 8.93 -6.44 -26.38
C PHE A 97 7.61 -6.61 -27.15
N ASP A 98 7.65 -6.38 -28.49
CA ASP A 98 6.48 -6.50 -29.36
C ASP A 98 6.89 -6.72 -30.82
N PRO A 99 7.34 -7.95 -31.18
CA PRO A 99 7.74 -8.18 -32.58
C PRO A 99 6.59 -7.93 -33.56
N GLY A 100 6.90 -7.22 -34.64
CA GLY A 100 5.95 -6.83 -35.67
C GLY A 100 4.92 -5.79 -35.25
N ASN A 101 5.09 -5.20 -34.03
CA ASN A 101 4.15 -4.21 -33.48
C ASN A 101 2.70 -4.73 -33.52
N LYS A 102 2.51 -5.99 -33.08
CA LYS A 102 1.18 -6.58 -33.08
C LYS A 102 0.30 -5.98 -31.98
N PHE A 103 0.90 -5.57 -30.86
CA PHE A 103 0.15 -5.09 -29.69
C PHE A 103 0.38 -3.65 -29.28
N SER A 104 1.32 -2.94 -29.92
CA SER A 104 1.63 -1.57 -29.54
C SER A 104 2.15 -0.75 -30.71
N ILE A 105 1.85 0.55 -30.68
CA ILE A 105 2.26 1.49 -31.71
C ILE A 105 3.10 2.59 -31.05
N PRO A 106 4.37 2.81 -31.48
CA PRO A 106 5.17 3.89 -30.87
C PRO A 106 4.44 5.23 -30.97
N TYR A 107 4.50 5.97 -29.88
CA TYR A 107 3.72 7.20 -29.77
C TYR A 107 4.56 8.38 -29.30
N ILE A 108 5.22 8.27 -28.14
CA ILE A 108 6.10 9.34 -27.62
C ILE A 108 7.31 8.68 -27.02
N TRP A 109 8.52 9.21 -27.27
CA TRP A 109 9.70 8.75 -26.55
C TRP A 109 10.28 9.94 -25.81
N GLY A 110 10.97 9.67 -24.71
CA GLY A 110 11.55 10.73 -23.91
C GLY A 110 12.66 10.25 -23.02
N ALA A 111 13.14 11.14 -22.15
CA ALA A 111 14.22 10.82 -21.25
C ALA A 111 14.10 11.56 -19.92
N THR A 112 14.71 10.99 -18.87
CA THR A 112 14.70 11.61 -17.55
C THR A 112 16.12 11.95 -17.19
N GLY A 113 16.32 13.18 -16.78
CA GLY A 113 17.59 13.68 -16.31
C GLY A 113 17.41 14.40 -14.99
N ILE A 114 18.34 15.29 -14.67
CA ILE A 114 18.27 16.10 -13.45
C ILE A 114 17.73 17.47 -13.86
N GLY A 115 16.56 17.82 -13.34
CA GLY A 115 15.95 19.13 -13.57
C GLY A 115 16.61 20.14 -12.65
N ILE A 116 16.91 21.34 -13.18
CA ILE A 116 17.59 22.36 -12.40
C ILE A 116 17.08 23.79 -12.73
N ASN A 117 16.92 24.64 -11.70
CA ASN A 117 16.54 26.03 -11.86
C ASN A 117 17.87 26.80 -11.90
N THR A 118 18.28 27.24 -13.12
CA THR A 118 19.57 27.91 -13.38
C THR A 118 19.71 29.31 -12.73
N ASP A 119 18.62 29.83 -12.12
CA ASP A 119 18.65 31.11 -11.40
C ASP A 119 18.85 30.87 -9.90
N MET A 120 18.60 29.64 -9.45
CA MET A 120 18.70 29.23 -8.05
C MET A 120 19.94 28.45 -7.73
N LEU A 121 20.36 27.56 -8.66
CA LEU A 121 21.48 26.64 -8.45
C LEU A 121 22.44 26.59 -9.62
N ASP A 122 23.62 26.00 -9.34
CA ASP A 122 24.79 25.83 -10.21
C ASP A 122 24.76 24.50 -10.97
N LYS A 123 24.86 24.57 -12.31
CA LYS A 123 24.88 23.40 -13.21
C LYS A 123 26.10 22.47 -13.00
N LYS A 124 27.33 23.04 -12.89
CA LYS A 124 28.60 22.32 -12.72
C LYS A 124 28.67 21.36 -11.50
N SER A 125 27.89 21.66 -10.44
CA SER A 125 27.85 20.92 -9.18
C SER A 125 27.08 19.55 -9.25
N LEU A 126 26.52 19.19 -10.43
CA LEU A 126 25.82 17.90 -10.61
C LEU A 126 26.15 17.29 -11.97
N LYS A 127 26.64 16.04 -11.97
CA LYS A 127 27.04 15.28 -13.17
C LYS A 127 26.45 13.86 -13.20
N ASN A 128 26.09 13.33 -12.02
CA ASN A 128 25.57 11.97 -11.88
C ASN A 128 24.38 11.88 -10.93
N TRP A 129 23.61 10.77 -11.01
CA TRP A 129 22.46 10.53 -10.13
C TRP A 129 22.85 10.54 -8.65
N GLY A 130 24.02 9.97 -8.34
CA GLY A 130 24.57 9.91 -6.99
C GLY A 130 24.74 11.25 -6.31
N ASP A 131 24.92 12.34 -7.12
CA ASP A 131 25.04 13.70 -6.58
C ASP A 131 23.76 14.16 -5.84
N LEU A 132 22.59 13.60 -6.17
CA LEU A 132 21.32 13.92 -5.50
C LEU A 132 21.31 13.47 -4.02
N TRP A 133 22.16 12.52 -3.65
CA TRP A 133 22.29 12.00 -2.29
C TRP A 133 23.07 12.96 -1.36
N ASP A 134 23.76 13.97 -1.92
CA ASP A 134 24.54 14.91 -1.09
C ASP A 134 23.66 15.57 -0.05
N ALA A 135 24.10 15.55 1.22
CA ALA A 135 23.42 16.14 2.37
C ALA A 135 22.94 17.58 2.18
N LYS A 136 23.59 18.40 1.29
CA LYS A 136 23.16 19.79 1.05
C LYS A 136 21.77 19.91 0.39
N TRP A 137 21.23 18.79 -0.14
CA TRP A 137 19.93 18.75 -0.79
C TRP A 137 18.77 18.36 0.16
N ALA A 138 18.99 18.43 1.50
CA ALA A 138 17.99 18.10 2.52
C ALA A 138 16.65 18.82 2.27
N GLY A 139 15.59 18.02 2.15
CA GLY A 139 14.21 18.47 1.90
C GLY A 139 14.02 19.35 0.69
N GLN A 140 14.80 19.13 -0.39
CA GLN A 140 14.74 20.00 -1.56
C GLN A 140 14.36 19.36 -2.90
N LEU A 141 14.38 18.03 -2.99
CA LEU A 141 14.20 17.37 -4.28
C LEU A 141 12.81 16.97 -4.67
N MET A 142 12.58 16.93 -5.98
CA MET A 142 11.39 16.30 -6.52
C MET A 142 11.89 15.00 -7.15
N LEU A 143 11.20 13.89 -6.89
CA LEU A 143 11.51 12.65 -7.60
C LEU A 143 10.30 12.33 -8.45
N MET A 144 10.48 11.53 -9.50
CA MET A 144 9.33 11.10 -10.29
C MET A 144 8.51 10.14 -9.44
N ASP A 145 7.18 10.13 -9.64
CA ASP A 145 6.34 9.20 -8.88
C ASP A 145 6.25 7.93 -9.72
N ASP A 146 7.37 7.23 -9.83
CA ASP A 146 7.50 6.11 -10.74
C ASP A 146 8.51 5.12 -10.16
N ALA A 147 8.04 3.91 -9.77
CA ALA A 147 8.89 2.89 -9.17
C ALA A 147 10.13 2.60 -9.98
N ARG A 148 9.98 2.32 -11.28
CA ARG A 148 11.14 1.93 -12.09
C ARG A 148 12.11 3.05 -12.31
N GLU A 149 11.63 4.31 -12.46
CA GLU A 149 12.57 5.40 -12.65
C GLU A 149 13.35 5.69 -11.37
N VAL A 150 12.68 5.68 -10.22
CA VAL A 150 13.35 5.93 -8.92
C VAL A 150 14.37 4.81 -8.63
N PHE A 151 14.02 3.56 -8.89
CA PHE A 151 14.95 2.44 -8.70
C PHE A 151 16.07 2.51 -9.71
N HIS A 152 15.79 2.96 -10.94
CA HIS A 152 16.81 3.12 -12.01
C HIS A 152 17.98 3.97 -11.51
N ILE A 153 17.70 5.14 -10.89
CA ILE A 153 18.76 6.05 -10.45
C ILE A 153 19.62 5.43 -9.31
N ALA A 154 18.99 4.66 -8.41
CA ALA A 154 19.73 4.01 -7.30
C ALA A 154 20.53 2.82 -7.82
N LEU A 155 19.96 2.02 -8.74
CA LEU A 155 20.66 0.88 -9.32
C LEU A 155 21.87 1.37 -10.13
N SER A 156 21.69 2.48 -10.88
CA SER A 156 22.75 3.12 -11.63
C SER A 156 23.88 3.57 -10.68
N LYS A 157 23.53 4.24 -9.55
CA LYS A 157 24.49 4.71 -8.53
C LYS A 157 25.29 3.52 -7.97
N LEU A 158 24.63 2.38 -7.75
CA LEU A 158 25.26 1.17 -7.19
C LEU A 158 26.06 0.35 -8.21
N GLY A 159 25.96 0.70 -9.49
CA GLY A 159 26.66 -0.01 -10.56
C GLY A 159 25.94 -1.27 -11.03
N TYR A 160 24.65 -1.40 -10.69
CA TYR A 160 23.82 -2.54 -11.10
C TYR A 160 22.98 -2.15 -12.29
N SER A 161 22.46 -3.16 -13.02
CA SER A 161 21.58 -2.85 -14.13
C SER A 161 20.29 -2.19 -13.63
N PRO A 162 19.87 -1.07 -14.26
CA PRO A 162 18.56 -0.47 -13.89
C PRO A 162 17.39 -1.36 -14.31
N ASN A 163 17.67 -2.49 -15.01
CA ASN A 163 16.69 -3.47 -15.45
C ASN A 163 16.95 -4.84 -14.80
N THR A 164 17.61 -4.83 -13.64
CA THR A 164 17.91 -6.08 -12.94
C THR A 164 16.66 -6.84 -12.46
N THR A 165 16.78 -8.19 -12.41
CA THR A 165 15.72 -9.05 -11.85
C THR A 165 16.33 -9.75 -10.63
N ASN A 166 17.54 -9.33 -10.18
CA ASN A 166 18.22 -9.89 -9.02
C ASN A 166 17.61 -9.28 -7.74
N PRO A 167 16.88 -10.09 -6.91
CA PRO A 167 16.25 -9.53 -5.69
C PRO A 167 17.21 -8.89 -4.69
N LYS A 168 18.45 -9.39 -4.59
CA LYS A 168 19.50 -8.82 -3.72
C LYS A 168 19.86 -7.39 -4.19
N GLU A 169 19.95 -7.18 -5.50
CA GLU A 169 20.26 -5.87 -6.09
C GLU A 169 19.10 -4.89 -5.92
N ILE A 170 17.85 -5.36 -6.09
CA ILE A 170 16.65 -4.53 -5.89
C ILE A 170 16.59 -4.08 -4.42
N LYS A 171 16.86 -5.02 -3.49
CA LYS A 171 16.89 -4.71 -2.07
C LYS A 171 18.01 -3.69 -1.75
N ALA A 172 19.20 -3.86 -2.36
CA ALA A 172 20.31 -2.92 -2.15
C ALA A 172 19.93 -1.52 -2.64
N ALA A 173 19.20 -1.42 -3.78
CA ALA A 173 18.74 -0.15 -4.32
C ALA A 173 17.71 0.47 -3.35
N TYR A 174 16.85 -0.37 -2.74
CA TYR A 174 15.87 0.09 -1.75
C TYR A 174 16.60 0.73 -0.55
N ARG A 175 17.62 0.04 -0.02
CA ARG A 175 18.40 0.57 1.11
C ARG A 175 19.12 1.88 0.73
N GLU A 176 19.63 1.96 -0.51
CA GLU A 176 20.26 3.17 -1.02
C GLU A 176 19.24 4.32 -1.11
N LEU A 177 18.02 4.01 -1.57
CA LEU A 177 16.95 5.02 -1.68
C LEU A 177 16.48 5.52 -0.32
N LYS A 178 16.54 4.67 0.72
CA LYS A 178 16.21 5.10 2.09
C LYS A 178 17.14 6.25 2.54
N LYS A 179 18.41 6.24 2.08
CA LYS A 179 19.40 7.29 2.40
C LYS A 179 19.10 8.60 1.65
N LEU A 180 18.38 8.50 0.51
CA LEU A 180 18.01 9.66 -0.29
C LEU A 180 16.75 10.36 0.25
N MET A 181 15.87 9.62 0.95
CA MET A 181 14.58 10.13 1.44
C MET A 181 14.65 11.45 2.24
N PRO A 182 15.68 11.72 3.12
CA PRO A 182 15.74 13.05 3.77
C PRO A 182 15.87 14.23 2.79
N ASN A 183 16.31 13.97 1.54
CA ASN A 183 16.43 15.00 0.50
C ASN A 183 15.16 15.19 -0.32
N VAL A 184 14.18 14.29 -0.19
CA VAL A 184 12.96 14.30 -1.01
C VAL A 184 11.83 15.12 -0.38
N LEU A 185 11.35 16.12 -1.13
CA LEU A 185 10.22 16.94 -0.72
C LEU A 185 8.94 16.29 -1.24
N VAL A 186 8.91 15.97 -2.55
CA VAL A 186 7.74 15.42 -3.23
C VAL A 186 8.07 14.38 -4.28
N PHE A 187 7.08 13.52 -4.58
CA PHE A 187 7.09 12.58 -5.71
C PHE A 187 5.99 13.11 -6.62
N ASN A 188 6.31 13.39 -7.88
CA ASN A 188 5.31 13.92 -8.79
C ASN A 188 5.59 13.49 -10.24
N SER A 189 4.64 12.71 -10.84
CA SER A 189 4.74 12.35 -12.27
C SER A 189 3.49 12.87 -12.98
N ASP A 190 2.59 13.54 -12.25
CA ASP A 190 1.35 14.04 -12.83
C ASP A 190 1.50 15.38 -13.57
N PHE A 191 2.20 16.33 -12.96
CA PHE A 191 2.44 17.66 -13.55
C PHE A 191 3.83 18.10 -12.98
N PRO A 192 4.91 17.33 -13.32
CA PRO A 192 6.22 17.52 -12.68
C PRO A 192 6.93 18.85 -12.94
N ALA A 193 6.60 19.58 -14.01
CA ALA A 193 7.20 20.92 -14.19
C ALA A 193 6.65 21.94 -13.16
N ASN A 194 5.42 21.71 -12.64
CA ASN A 194 4.73 22.66 -11.75
C ASN A 194 5.51 22.96 -10.45
N PRO A 195 6.10 21.97 -9.70
CA PRO A 195 6.88 22.34 -8.52
C PRO A 195 8.12 23.21 -8.85
N TYR A 196 8.72 23.02 -10.06
CA TYR A 196 9.86 23.82 -10.53
C TYR A 196 9.37 25.23 -10.90
N LEU A 197 8.26 25.33 -11.64
CA LEU A 197 7.66 26.62 -12.02
C LEU A 197 7.25 27.46 -10.80
N ALA A 198 6.71 26.81 -9.74
CA ALA A 198 6.26 27.46 -8.52
C ALA A 198 7.40 27.85 -7.57
N GLY A 199 8.60 27.34 -7.83
CA GLY A 199 9.76 27.58 -6.97
C GLY A 199 9.75 26.72 -5.72
N GLU A 200 8.91 25.66 -5.69
CA GLU A 200 8.81 24.72 -4.57
C GLU A 200 10.02 23.82 -4.50
N VAL A 201 10.58 23.48 -5.67
CA VAL A 201 11.83 22.73 -5.82
C VAL A 201 12.69 23.45 -6.85
N SER A 202 13.99 23.33 -6.72
CA SER A 202 14.93 23.93 -7.67
C SER A 202 15.75 22.81 -8.32
N LEU A 203 15.54 21.54 -7.87
CA LEU A 203 16.31 20.40 -8.35
C LEU A 203 15.58 19.09 -8.11
N GLY A 204 15.97 18.08 -8.88
CA GLY A 204 15.43 16.73 -8.75
C GLY A 204 15.42 16.02 -10.08
N MET A 205 14.60 14.95 -10.18
CA MET A 205 14.46 14.24 -11.45
C MET A 205 13.50 15.06 -12.29
N LEU A 206 13.63 15.01 -13.61
CA LEU A 206 12.70 15.70 -14.50
C LEU A 206 12.74 15.12 -15.90
N TRP A 207 11.57 14.95 -16.50
CA TRP A 207 11.42 14.51 -17.88
C TRP A 207 11.82 15.67 -18.81
N ASN A 208 12.45 15.36 -19.95
CA ASN A 208 12.86 16.37 -20.93
C ASN A 208 11.69 17.27 -21.39
N GLY A 209 10.53 16.67 -21.67
CA GLY A 209 9.36 17.42 -22.08
C GLY A 209 8.86 18.40 -21.04
N SER A 210 8.80 17.95 -19.77
CA SER A 210 8.36 18.80 -18.66
C SER A 210 9.28 20.02 -18.52
N ALA A 211 10.61 19.82 -18.60
CA ALA A 211 11.56 20.94 -18.52
C ALA A 211 11.31 21.95 -19.65
N TYR A 212 10.99 21.46 -20.88
CA TYR A 212 10.65 22.31 -22.03
C TYR A 212 9.40 23.12 -21.76
N MET A 213 8.33 22.48 -21.25
CA MET A 213 7.06 23.10 -20.87
C MET A 213 7.32 24.28 -19.92
N ALA A 214 8.24 24.08 -18.96
CA ALA A 214 8.60 25.10 -17.97
C ALA A 214 9.26 26.32 -18.62
N ARG A 215 10.21 26.10 -19.55
CA ARG A 215 10.89 27.17 -20.30
C ARG A 215 9.91 27.98 -21.16
N GLN A 216 8.90 27.31 -21.74
CA GLN A 216 7.86 27.93 -22.57
C GLN A 216 6.99 28.90 -21.75
N GLU A 217 6.87 28.63 -20.43
CA GLU A 217 6.14 29.47 -19.49
C GLU A 217 7.01 30.60 -18.87
N GLY A 218 8.32 30.53 -19.05
CA GLY A 218 9.21 31.56 -18.55
C GLY A 218 10.25 31.17 -17.52
N ALA A 219 10.07 29.99 -16.89
CA ALA A 219 11.00 29.53 -15.86
C ALA A 219 12.29 28.99 -16.44
N PRO A 220 13.46 29.30 -15.85
CA PRO A 220 14.72 28.79 -16.42
C PRO A 220 15.01 27.38 -15.91
N ILE A 221 14.26 26.40 -16.46
CA ILE A 221 14.39 25.01 -16.05
C ILE A 221 15.09 24.20 -17.13
N GLN A 222 16.34 23.85 -16.85
CA GLN A 222 17.13 23.07 -17.78
C GLN A 222 17.24 21.62 -17.30
N ILE A 223 17.78 20.78 -18.17
CA ILE A 223 18.05 19.38 -17.87
C ILE A 223 19.57 19.18 -17.87
N ILE A 224 20.07 18.53 -16.81
CA ILE A 224 21.45 18.07 -16.72
C ILE A 224 21.34 16.59 -17.08
N TRP A 225 22.07 16.13 -18.09
CA TRP A 225 22.02 14.72 -18.44
C TRP A 225 23.06 13.97 -17.63
N PRO A 226 22.67 13.08 -16.67
CA PRO A 226 23.67 12.32 -15.92
C PRO A 226 24.65 11.63 -16.89
N GLU A 227 25.96 11.71 -16.56
CA GLU A 227 27.04 11.17 -17.39
C GLU A 227 26.80 9.73 -17.78
N LYS A 228 26.28 8.94 -16.83
CA LYS A 228 25.90 7.57 -17.02
C LYS A 228 24.52 7.33 -16.42
N GLY A 229 23.79 6.38 -16.97
CA GLY A 229 22.49 6.01 -16.44
C GLY A 229 21.33 6.93 -16.73
N THR A 230 21.43 7.83 -17.76
CA THR A 230 20.27 8.63 -18.13
C THR A 230 19.14 7.66 -18.51
N ILE A 231 17.91 7.97 -18.07
CA ILE A 231 16.76 7.11 -18.32
C ILE A 231 16.17 7.43 -19.69
N PHE A 232 15.99 6.40 -20.53
CA PHE A 232 15.32 6.52 -21.83
C PHE A 232 14.06 5.65 -21.76
N TRP A 233 12.94 6.14 -22.30
CA TRP A 233 11.69 5.39 -22.28
C TRP A 233 10.84 5.72 -23.49
N MET A 234 9.90 4.82 -23.81
CA MET A 234 8.97 5.04 -24.90
C MET A 234 7.59 4.59 -24.48
N ASP A 235 6.59 5.42 -24.78
CA ASP A 235 5.17 5.13 -24.55
C ASP A 235 4.55 4.77 -25.88
N SER A 236 3.76 3.69 -25.89
CA SER A 236 3.13 3.21 -27.10
C SER A 236 1.65 3.08 -26.87
N ILE A 237 0.86 3.16 -27.94
CA ILE A 237 -0.60 3.02 -27.83
C ILE A 237 -0.97 1.56 -28.05
N SER A 238 -1.88 1.05 -27.21
CA SER A 238 -2.37 -0.33 -27.27
C SER A 238 -3.91 -0.32 -27.16
N ILE A 239 -4.52 -1.41 -27.62
CA ILE A 239 -5.97 -1.57 -27.56
C ILE A 239 -6.30 -2.66 -26.52
N PRO A 240 -6.99 -2.32 -25.41
CA PRO A 240 -7.34 -3.35 -24.42
C PRO A 240 -8.22 -4.46 -24.98
N ALA A 241 -8.08 -5.68 -24.42
CA ALA A 241 -8.84 -6.86 -24.85
C ALA A 241 -10.36 -6.68 -24.91
N GLY A 242 -10.94 -6.02 -23.90
CA GLY A 242 -12.39 -5.82 -23.84
C GLY A 242 -12.92 -4.61 -24.57
N ALA A 243 -12.08 -3.93 -25.38
CA ALA A 243 -12.49 -2.72 -26.12
C ALA A 243 -13.74 -2.95 -26.96
N LYS A 244 -14.73 -2.05 -26.82
CA LYS A 244 -16.01 -2.12 -27.55
C LYS A 244 -15.99 -1.31 -28.85
N ASN A 245 -15.11 -0.31 -28.91
CA ASN A 245 -15.03 0.64 -30.03
C ASN A 245 -13.69 0.54 -30.74
N ILE A 246 -13.48 -0.60 -31.41
CA ILE A 246 -12.23 -0.96 -32.10
C ILE A 246 -11.95 -0.06 -33.30
N GLU A 247 -12.99 0.31 -34.08
CA GLU A 247 -12.82 1.21 -35.23
C GLU A 247 -12.42 2.61 -34.77
N ALA A 248 -13.09 3.12 -33.72
CA ALA A 248 -12.77 4.42 -33.13
C ALA A 248 -11.33 4.40 -32.60
N ALA A 249 -10.90 3.28 -31.97
CA ALA A 249 -9.55 3.12 -31.44
C ALA A 249 -8.49 3.29 -32.56
N HIS A 250 -8.66 2.59 -33.68
CA HIS A 250 -7.72 2.70 -34.81
C HIS A 250 -7.72 4.11 -35.41
N LYS A 251 -8.93 4.74 -35.47
CA LYS A 251 -9.07 6.09 -36.01
C LYS A 251 -8.28 7.08 -35.14
N MET A 252 -8.31 6.92 -33.81
CA MET A 252 -7.54 7.79 -32.93
C MET A 252 -6.03 7.58 -33.08
N ILE A 253 -5.57 6.31 -33.14
CA ILE A 253 -4.14 6.02 -33.32
C ILE A 253 -3.67 6.71 -34.62
N ASP A 254 -4.40 6.51 -35.74
CA ASP A 254 -4.05 7.10 -37.03
C ASP A 254 -4.06 8.64 -36.99
N PHE A 255 -4.99 9.22 -36.25
CA PHE A 255 -5.11 10.66 -36.08
C PHE A 255 -3.83 11.19 -35.39
N LEU A 256 -3.38 10.50 -34.32
CA LEU A 256 -2.18 10.90 -33.57
C LEU A 256 -0.89 10.65 -34.38
N LEU A 257 -0.89 9.64 -35.28
CA LEU A 257 0.26 9.34 -36.14
C LEU A 257 0.39 10.34 -37.30
N ARG A 258 -0.71 11.04 -37.65
CA ARG A 258 -0.71 12.02 -38.73
C ARG A 258 0.46 13.00 -38.48
N PRO A 259 1.45 13.07 -39.40
CA PRO A 259 2.64 13.89 -39.16
C PRO A 259 2.37 15.34 -38.72
N GLU A 260 1.36 16.03 -39.32
CA GLU A 260 1.05 17.41 -38.91
C GLU A 260 0.61 17.49 -37.44
N ASN A 261 -0.16 16.48 -36.96
CA ASN A 261 -0.63 16.37 -35.58
C ASN A 261 0.52 16.02 -34.64
N ALA A 262 1.28 14.95 -34.95
CA ALA A 262 2.41 14.56 -34.10
C ALA A 262 3.44 15.71 -33.94
N ALA A 263 3.72 16.47 -35.04
CA ALA A 263 4.66 17.59 -34.98
C ALA A 263 4.14 18.78 -34.15
N LYS A 264 2.89 19.21 -34.40
CA LYS A 264 2.23 20.32 -33.69
C LYS A 264 2.17 20.01 -32.20
N ILE A 265 1.78 18.75 -31.85
CA ILE A 265 1.70 18.35 -30.46
C ILE A 265 3.08 18.37 -29.80
N ALA A 266 4.12 17.84 -30.46
CA ALA A 266 5.51 17.78 -29.96
C ALA A 266 6.02 19.17 -29.55
N LEU A 267 5.67 20.20 -30.35
CA LEU A 267 6.07 21.58 -30.06
C LEU A 267 5.35 22.13 -28.86
N GLU A 268 4.13 21.62 -28.58
CA GLU A 268 3.33 22.07 -27.44
C GLU A 268 3.77 21.35 -26.16
N ILE A 269 4.14 20.06 -26.24
CA ILE A 269 4.45 19.25 -25.06
C ILE A 269 5.95 19.04 -24.73
N GLY A 270 6.84 19.36 -25.68
CA GLY A 270 8.28 19.27 -25.50
C GLY A 270 8.94 17.91 -25.61
N TYR A 271 8.21 16.92 -26.15
CA TYR A 271 8.78 15.59 -26.28
C TYR A 271 9.18 15.23 -27.69
N PRO A 272 10.24 14.40 -27.83
CA PRO A 272 10.57 13.86 -29.15
C PRO A 272 9.43 12.95 -29.67
N THR A 273 9.39 12.73 -30.99
CA THR A 273 8.38 11.86 -31.61
C THR A 273 9.01 10.71 -32.39
N PRO A 274 8.47 9.48 -32.26
CA PRO A 274 8.98 8.37 -33.09
C PRO A 274 8.35 8.36 -34.47
N VAL A 275 7.52 9.37 -34.81
CA VAL A 275 6.92 9.49 -36.14
C VAL A 275 7.95 10.26 -36.99
N LYS A 276 8.72 9.53 -37.81
CA LYS A 276 9.78 10.09 -38.63
C LYS A 276 9.36 11.31 -39.46
N THR A 277 8.20 11.20 -40.16
CA THR A 277 7.67 12.27 -41.00
C THR A 277 7.36 13.54 -40.20
N ALA A 278 6.90 13.39 -38.94
CA ALA A 278 6.63 14.49 -38.03
C ALA A 278 7.95 15.08 -37.53
N HIS A 279 8.93 14.22 -37.16
CA HIS A 279 10.26 14.63 -36.68
C HIS A 279 10.92 15.56 -37.72
N ASP A 280 10.80 15.21 -39.02
CA ASP A 280 11.34 16.00 -40.12
C ASP A 280 10.64 17.38 -40.30
N LEU A 281 9.41 17.55 -39.78
CA LEU A 281 8.66 18.81 -39.84
C LEU A 281 9.05 19.75 -38.67
N LEU A 282 9.77 19.23 -37.65
CA LEU A 282 10.17 20.02 -36.48
C LEU A 282 11.28 21.04 -36.81
N PRO A 283 11.23 22.27 -36.25
CA PRO A 283 12.31 23.24 -36.52
C PRO A 283 13.63 22.84 -35.89
N LYS A 284 14.75 23.33 -36.47
CA LYS A 284 16.11 23.06 -36.01
C LYS A 284 16.33 23.45 -34.53
N GLU A 285 15.68 24.53 -34.06
CA GLU A 285 15.70 25.05 -32.68
C GLU A 285 15.21 23.98 -31.70
N PHE A 286 14.15 23.25 -32.08
CA PHE A 286 13.57 22.19 -31.29
C PHE A 286 14.41 20.92 -31.40
N ALA A 287 14.72 20.47 -32.65
CA ALA A 287 15.49 19.26 -32.96
C ALA A 287 16.92 19.25 -32.39
N ASN A 288 17.54 20.44 -32.26
CA ASN A 288 18.91 20.56 -31.74
C ASN A 288 18.99 21.09 -30.29
N ASP A 289 17.82 21.22 -29.60
CA ASP A 289 17.74 21.68 -28.21
C ASP A 289 18.41 20.65 -27.30
N PRO A 290 19.51 21.04 -26.63
CA PRO A 290 20.24 20.07 -25.80
C PRO A 290 19.49 19.57 -24.58
N SER A 291 18.50 20.33 -24.07
CA SER A 291 17.70 19.89 -22.93
C SER A 291 16.58 18.91 -23.36
N ILE A 292 16.33 18.76 -24.70
CA ILE A 292 15.34 17.80 -25.22
C ILE A 292 16.04 16.53 -25.70
N TYR A 293 16.96 16.69 -26.65
CA TYR A 293 17.68 15.59 -27.30
C TYR A 293 19.05 15.43 -26.66
N PRO A 294 19.26 14.32 -25.95
CA PRO A 294 20.56 14.13 -25.28
C PRO A 294 21.73 13.92 -26.25
N PRO A 295 22.94 14.36 -25.86
CA PRO A 295 24.13 14.13 -26.72
C PRO A 295 24.46 12.65 -26.87
N GLN A 296 25.26 12.30 -27.91
CA GLN A 296 25.65 10.92 -28.18
C GLN A 296 26.26 10.19 -26.95
N SER A 297 27.14 10.87 -26.19
CA SER A 297 27.76 10.26 -25.00
C SER A 297 26.72 9.84 -23.97
N VAL A 298 25.68 10.65 -23.79
CA VAL A 298 24.60 10.40 -22.85
C VAL A 298 23.78 9.19 -23.32
N ILE A 299 23.52 9.09 -24.65
CA ILE A 299 22.82 7.96 -25.26
C ILE A 299 23.60 6.67 -25.01
N ASP A 300 24.90 6.67 -25.39
CA ASP A 300 25.78 5.51 -25.24
C ASP A 300 25.88 4.99 -23.80
N ASN A 301 25.89 5.89 -22.81
CA ASN A 301 26.07 5.55 -21.40
C ASN A 301 24.78 5.44 -20.59
N GLY A 302 23.65 5.68 -21.25
CA GLY A 302 22.33 5.62 -20.64
C GLY A 302 21.68 4.27 -20.85
N GLU A 303 20.42 4.10 -20.38
CA GLU A 303 19.69 2.83 -20.54
C GLU A 303 18.23 3.03 -20.82
N TRP A 304 17.71 2.27 -21.80
CA TRP A 304 16.28 2.20 -22.05
C TRP A 304 15.67 1.36 -20.93
N GLN A 305 14.52 1.80 -20.43
CA GLN A 305 13.79 1.07 -19.40
C GLN A 305 13.23 -0.19 -20.06
N ASP A 306 13.57 -1.35 -19.48
CA ASP A 306 13.17 -2.65 -20.02
C ASP A 306 12.33 -3.41 -19.00
N GLU A 307 11.61 -4.45 -19.48
CA GLU A 307 10.78 -5.30 -18.65
C GLU A 307 11.64 -6.04 -17.62
N VAL A 308 11.04 -6.32 -16.46
CA VAL A 308 11.70 -7.06 -15.36
C VAL A 308 10.88 -8.28 -14.95
N GLY A 309 9.94 -8.67 -15.83
CA GLY A 309 9.06 -9.82 -15.62
C GLY A 309 8.40 -9.77 -14.26
N GLU A 310 8.44 -10.89 -13.53
CA GLU A 310 7.79 -11.01 -12.20
C GLU A 310 8.46 -10.21 -11.10
N ALA A 311 9.68 -9.67 -11.34
CA ALA A 311 10.37 -8.84 -10.33
C ALA A 311 9.67 -7.47 -10.18
N SER A 312 8.74 -7.14 -11.08
CA SER A 312 8.00 -5.87 -11.02
C SER A 312 7.31 -5.70 -9.68
N VAL A 313 6.86 -6.82 -9.06
CA VAL A 313 6.18 -6.78 -7.76
C VAL A 313 7.11 -6.31 -6.66
N LEU A 314 8.41 -6.70 -6.72
CA LEU A 314 9.41 -6.30 -5.73
C LEU A 314 9.64 -4.81 -5.82
N TYR A 315 9.88 -4.30 -7.06
CA TYR A 315 10.08 -2.88 -7.32
C TYR A 315 8.90 -2.09 -6.73
N ASP A 316 7.64 -2.50 -7.03
CA ASP A 316 6.45 -1.84 -6.49
C ASP A 316 6.38 -1.90 -4.98
N GLU A 317 6.64 -3.09 -4.38
CA GLU A 317 6.55 -3.28 -2.93
C GLU A 317 7.49 -2.31 -2.21
N TYR A 318 8.77 -2.26 -2.64
CA TYR A 318 9.77 -1.38 -2.03
C TYR A 318 9.48 0.08 -2.30
N PHE A 319 9.03 0.42 -3.51
CA PHE A 319 8.73 1.82 -3.83
C PHE A 319 7.55 2.32 -2.97
N GLN A 320 6.54 1.48 -2.76
CA GLN A 320 5.40 1.85 -1.91
C GLN A 320 5.86 2.09 -0.48
N LYS A 321 6.79 1.25 0.02
CA LYS A 321 7.42 1.40 1.34
C LYS A 321 8.16 2.75 1.45
N LEU A 322 8.98 3.12 0.42
CA LEU A 322 9.72 4.40 0.40
C LEU A 322 8.77 5.58 0.54
N LYS A 323 7.63 5.56 -0.17
CA LYS A 323 6.66 6.65 -0.17
C LYS A 323 5.90 6.80 1.13
N VAL A 324 5.62 5.67 1.81
CA VAL A 324 4.87 5.66 3.07
C VAL A 324 5.74 5.92 4.29
N ASN A 325 7.00 5.43 4.30
CA ASN A 325 7.89 5.56 5.46
C ASN A 325 8.44 6.97 5.63
N ASP B 5 15.24 -29.49 20.55
CA ASP B 5 15.53 -28.09 20.21
C ASP B 5 15.53 -27.80 18.70
N GLN B 6 16.29 -28.58 17.90
CA GLN B 6 16.45 -28.39 16.45
C GLN B 6 15.19 -28.81 15.65
N GLU B 7 14.70 -27.91 14.78
CA GLU B 7 13.54 -28.17 13.92
C GLU B 7 13.85 -27.87 12.45
N LEU B 8 13.01 -28.40 11.55
CA LEU B 8 13.08 -28.19 10.11
C LEU B 8 11.65 -28.21 9.57
N TYR B 9 11.23 -27.10 8.93
CA TYR B 9 9.90 -26.98 8.33
C TYR B 9 10.10 -27.23 6.86
N PHE B 10 9.56 -28.35 6.37
CA PHE B 10 9.78 -28.79 5.00
C PHE B 10 8.46 -28.97 4.24
N TYR B 11 8.29 -28.24 3.12
CA TYR B 11 7.14 -28.34 2.21
C TYR B 11 7.60 -29.18 1.04
N ASN B 12 6.85 -30.24 0.67
CA ASN B 12 7.25 -31.05 -0.49
C ASN B 12 6.01 -31.63 -1.21
N TRP B 13 6.20 -32.25 -2.37
CA TRP B 13 5.15 -32.95 -3.09
C TRP B 13 4.74 -34.17 -2.27
N SER B 14 3.46 -34.60 -2.40
CA SER B 14 3.00 -35.83 -1.75
C SER B 14 3.81 -36.97 -2.40
N GLU B 15 3.86 -38.14 -1.74
CA GLU B 15 4.46 -39.41 -2.24
C GLU B 15 5.97 -39.49 -2.39
N TYR B 16 6.70 -38.36 -2.41
CA TYR B 16 8.16 -38.40 -2.63
C TYR B 16 8.98 -38.97 -1.49
N ILE B 17 8.62 -38.63 -0.24
CA ILE B 17 9.41 -39.10 0.91
C ILE B 17 8.60 -40.02 1.82
N PRO B 18 8.96 -41.31 1.84
CA PRO B 18 8.28 -42.24 2.77
C PRO B 18 8.47 -41.76 4.23
N SER B 19 7.44 -41.89 5.08
CA SER B 19 7.49 -41.46 6.49
C SER B 19 8.69 -42.05 7.25
N GLU B 20 9.04 -43.31 6.95
CA GLU B 20 10.18 -44.01 7.55
C GLU B 20 11.53 -43.31 7.25
N VAL B 21 11.65 -42.67 6.05
CA VAL B 21 12.86 -41.91 5.62
C VAL B 21 13.03 -40.63 6.47
N LEU B 22 11.93 -39.92 6.79
CA LEU B 22 11.99 -38.73 7.65
C LEU B 22 12.36 -39.13 9.07
N GLU B 23 11.85 -40.31 9.53
CA GLU B 23 12.19 -40.86 10.85
C GLU B 23 13.71 -41.10 10.89
N ASP B 24 14.27 -41.68 9.81
CA ASP B 24 15.70 -41.98 9.70
C ASP B 24 16.54 -40.71 9.73
N PHE B 25 16.08 -39.62 9.05
CA PHE B 25 16.77 -38.34 9.08
C PHE B 25 16.83 -37.77 10.50
N THR B 26 15.66 -37.71 11.19
CA THR B 26 15.52 -37.21 12.56
C THR B 26 16.40 -38.02 13.51
N LYS B 27 16.50 -39.36 13.30
CA LYS B 27 17.36 -40.25 14.12
C LYS B 27 18.85 -39.92 13.93
N GLU B 28 19.27 -39.71 12.67
CA GLU B 28 20.65 -39.40 12.28
C GLU B 28 21.13 -38.02 12.75
N THR B 29 20.28 -36.99 12.67
CA THR B 29 20.65 -35.60 12.95
C THR B 29 20.14 -35.00 14.28
N GLY B 30 19.08 -35.56 14.83
CA GLY B 30 18.44 -35.02 16.04
C GLY B 30 17.47 -33.90 15.68
N ILE B 31 17.32 -33.60 14.38
CA ILE B 31 16.45 -32.53 13.87
C ILE B 31 15.02 -33.07 13.64
N LYS B 32 14.03 -32.47 14.32
CA LYS B 32 12.61 -32.83 14.13
C LYS B 32 12.14 -32.23 12.82
N VAL B 33 11.42 -33.02 11.96
CA VAL B 33 10.92 -32.51 10.68
C VAL B 33 9.43 -32.26 10.78
N ILE B 34 9.01 -31.00 10.54
CA ILE B 34 7.61 -30.63 10.48
C ILE B 34 7.33 -30.63 8.98
N TYR B 35 6.73 -31.71 8.51
CA TYR B 35 6.55 -31.99 7.09
C TYR B 35 5.16 -31.75 6.62
N SER B 36 5.03 -30.91 5.56
CA SER B 36 3.74 -30.60 4.95
C SER B 36 3.78 -30.87 3.45
N THR B 37 2.68 -31.43 2.88
CA THR B 37 2.72 -31.76 1.44
C THR B 37 1.73 -30.96 0.62
N TYR B 38 1.99 -30.93 -0.69
CA TYR B 38 1.13 -30.29 -1.65
C TYR B 38 1.07 -31.17 -2.90
N GLU B 39 0.08 -30.91 -3.76
CA GLU B 39 -0.16 -31.71 -4.97
C GLU B 39 0.13 -30.94 -6.26
N SER B 40 0.50 -29.66 -6.14
CA SER B 40 0.80 -28.83 -7.31
C SER B 40 1.69 -27.68 -6.96
N ASN B 41 2.41 -27.13 -7.95
CA ASN B 41 3.22 -25.92 -7.75
C ASN B 41 2.31 -24.74 -7.35
N GLU B 42 1.09 -24.70 -7.90
CA GLU B 42 0.15 -23.59 -7.62
C GLU B 42 -0.29 -23.59 -6.13
N SER B 43 -0.51 -24.79 -5.57
CA SER B 43 -0.85 -24.94 -4.14
C SER B 43 0.39 -24.64 -3.27
N MET B 44 1.57 -25.12 -3.68
CA MET B 44 2.84 -24.85 -2.99
C MET B 44 3.09 -23.33 -2.89
N TYR B 45 2.91 -22.64 -4.03
CA TYR B 45 3.14 -21.22 -4.12
C TYR B 45 2.18 -20.44 -3.20
N ALA B 46 0.89 -20.82 -3.20
CA ALA B 46 -0.10 -20.20 -2.30
C ALA B 46 0.26 -20.50 -0.81
N LYS B 47 0.83 -21.71 -0.48
CA LYS B 47 1.30 -22.05 0.89
C LYS B 47 2.44 -21.13 1.34
N LEU B 48 3.39 -20.85 0.44
CA LEU B 48 4.51 -19.96 0.75
C LEU B 48 4.07 -18.49 0.85
N LYS B 49 3.07 -18.08 0.04
CA LYS B 49 2.56 -16.70 0.07
C LYS B 49 1.71 -16.47 1.34
N THR B 50 1.06 -17.55 1.87
CA THR B 50 0.22 -17.49 3.09
C THR B 50 0.87 -18.19 4.28
N GLY B 54 7.28 -19.25 8.70
CA GLY B 54 8.08 -19.57 7.52
C GLY B 54 8.59 -21.00 7.44
N TYR B 55 8.85 -21.47 6.21
CA TYR B 55 9.40 -22.80 6.00
C TYR B 55 10.87 -22.74 5.57
N ASP B 56 11.59 -23.82 5.79
CA ASP B 56 13.03 -23.92 5.52
C ASP B 56 13.36 -24.57 4.19
N LEU B 57 12.44 -25.40 3.66
CA LEU B 57 12.60 -26.09 2.38
C LEU B 57 11.30 -26.15 1.64
N VAL B 58 11.39 -26.00 0.32
CA VAL B 58 10.23 -26.10 -0.60
C VAL B 58 10.74 -26.78 -1.87
N VAL B 59 9.84 -27.41 -2.64
CA VAL B 59 10.31 -28.18 -3.81
C VAL B 59 9.58 -27.78 -5.11
N PRO B 60 9.98 -26.67 -5.73
CA PRO B 60 9.30 -26.26 -6.97
C PRO B 60 9.72 -27.06 -8.18
N SER B 61 8.82 -27.17 -9.17
CA SER B 61 9.22 -27.69 -10.48
C SER B 61 10.09 -26.58 -11.08
N THR B 62 10.97 -26.93 -12.02
CA THR B 62 11.89 -25.97 -12.62
C THR B 62 11.19 -24.74 -13.24
N TYR B 63 9.94 -24.90 -13.74
CA TYR B 63 9.18 -23.82 -14.35
C TYR B 63 8.61 -22.81 -13.34
N PHE B 64 8.85 -23.03 -12.03
CA PHE B 64 8.48 -22.06 -11.00
C PHE B 64 9.72 -21.39 -10.39
N VAL B 65 10.93 -21.92 -10.66
CA VAL B 65 12.15 -21.42 -9.98
C VAL B 65 12.47 -19.95 -10.32
N SER B 66 12.49 -19.58 -11.61
CA SER B 66 12.79 -18.20 -12.03
C SER B 66 11.76 -17.21 -11.46
N LYS B 67 10.45 -17.57 -11.51
CA LYS B 67 9.34 -16.75 -10.97
C LYS B 67 9.59 -16.47 -9.48
N MET B 68 9.87 -17.51 -8.70
CA MET B 68 10.09 -17.37 -7.24
C MET B 68 11.33 -16.58 -6.91
N ARG B 69 12.40 -16.81 -7.65
CA ARG B 69 13.63 -16.05 -7.47
C ARG B 69 13.35 -14.54 -7.70
N LYS B 70 12.71 -14.20 -8.84
CA LYS B 70 12.40 -12.81 -9.19
C LYS B 70 11.46 -12.12 -8.19
N GLU B 71 10.59 -12.90 -7.51
CA GLU B 71 9.67 -12.36 -6.52
C GLU B 71 10.31 -12.23 -5.12
N GLY B 72 11.60 -12.56 -4.99
CA GLY B 72 12.36 -12.48 -3.74
C GLY B 72 11.92 -13.54 -2.73
N MET B 73 11.33 -14.65 -3.24
CA MET B 73 10.78 -15.72 -2.40
C MET B 73 11.78 -16.77 -1.96
N LEU B 74 12.96 -16.79 -2.60
CA LEU B 74 13.98 -17.81 -2.31
C LEU B 74 15.28 -17.20 -1.83
N GLN B 75 16.14 -18.02 -1.23
CA GLN B 75 17.46 -17.59 -0.85
C GLN B 75 18.52 -18.54 -1.41
N GLU B 76 19.72 -18.01 -1.63
CA GLU B 76 20.83 -18.76 -2.20
C GLU B 76 21.24 -19.99 -1.35
N ILE B 77 21.52 -21.09 -2.04
CA ILE B 77 21.94 -22.37 -1.43
C ILE B 77 23.48 -22.43 -1.45
N ASP B 78 24.08 -22.80 -0.30
CA ASP B 78 25.54 -22.91 -0.15
C ASP B 78 26.00 -24.33 -0.55
N HIS B 79 26.62 -24.48 -1.74
CA HIS B 79 27.11 -25.77 -2.25
C HIS B 79 28.16 -26.42 -1.34
N SER B 80 28.92 -25.60 -0.57
CA SER B 80 29.97 -26.10 0.33
C SER B 80 29.38 -26.92 1.49
N LYS B 81 28.08 -26.72 1.77
CA LYS B 81 27.36 -27.46 2.81
C LYS B 81 26.76 -28.76 2.23
N LEU B 82 26.97 -28.99 0.91
CA LEU B 82 26.43 -30.14 0.20
C LEU B 82 27.54 -31.03 -0.32
N SER B 83 27.98 -31.98 0.51
CA SER B 83 29.05 -32.91 0.17
C SER B 83 28.71 -33.83 -1.00
N HIS B 84 27.41 -34.10 -1.21
CA HIS B 84 26.95 -34.95 -2.31
C HIS B 84 26.54 -34.16 -3.57
N PHE B 85 26.91 -32.85 -3.66
CA PHE B 85 26.61 -32.01 -4.84
C PHE B 85 27.28 -32.61 -6.09
N LYS B 86 28.47 -33.20 -5.88
CA LYS B 86 29.31 -33.85 -6.90
C LYS B 86 28.66 -35.11 -7.50
N ASP B 87 27.68 -35.71 -6.78
CA ASP B 87 26.98 -36.92 -7.22
C ASP B 87 25.87 -36.63 -8.22
N LEU B 88 25.48 -35.35 -8.36
CA LEU B 88 24.46 -34.90 -9.31
C LEU B 88 24.94 -35.05 -10.75
N ASP B 89 24.03 -35.49 -11.64
CA ASP B 89 24.30 -35.65 -13.07
C ASP B 89 24.48 -34.23 -13.68
N PRO B 90 25.61 -33.97 -14.38
CA PRO B 90 25.82 -32.63 -14.96
C PRO B 90 24.77 -32.18 -16.00
N ASN B 91 24.06 -33.15 -16.63
CA ASN B 91 22.99 -32.87 -17.62
C ASN B 91 21.77 -32.18 -17.03
N TYR B 92 21.54 -32.29 -15.71
CA TYR B 92 20.40 -31.66 -15.03
C TYR B 92 20.81 -30.36 -14.30
N LEU B 93 22.09 -29.93 -14.44
CA LEU B 93 22.66 -28.77 -13.76
C LEU B 93 22.90 -27.54 -14.62
N ASN B 94 22.96 -26.35 -13.96
CA ASN B 94 23.32 -25.05 -14.56
C ASN B 94 22.55 -24.73 -15.87
N LYS B 95 21.22 -24.66 -15.77
CA LYS B 95 20.30 -24.34 -16.87
C LYS B 95 19.84 -22.86 -16.75
N PRO B 96 19.28 -22.25 -17.83
CA PRO B 96 18.84 -20.83 -17.73
C PRO B 96 17.86 -20.50 -16.61
N PHE B 97 17.00 -21.46 -16.16
CA PHE B 97 16.05 -21.20 -15.07
C PHE B 97 16.76 -20.91 -13.75
N ASP B 98 18.00 -21.41 -13.59
CA ASP B 98 18.81 -21.22 -12.38
C ASP B 98 20.30 -21.44 -12.67
N PRO B 99 20.97 -20.44 -13.29
CA PRO B 99 22.41 -20.62 -13.60
C PRO B 99 23.24 -20.81 -12.34
N GLY B 100 24.16 -21.79 -12.38
CA GLY B 100 25.04 -22.12 -11.27
C GLY B 100 24.35 -22.77 -10.08
N ASN B 101 23.05 -23.15 -10.24
CA ASN B 101 22.25 -23.76 -9.17
C ASN B 101 22.32 -22.93 -7.88
N LYS B 102 22.18 -21.60 -8.00
CA LYS B 102 22.22 -20.71 -6.84
C LYS B 102 20.98 -20.87 -5.99
N PHE B 103 19.82 -21.15 -6.62
CA PHE B 103 18.53 -21.19 -5.91
C PHE B 103 17.82 -22.53 -5.87
N SER B 104 18.32 -23.54 -6.58
CA SER B 104 17.65 -24.85 -6.66
C SER B 104 18.62 -26.01 -6.87
N ILE B 105 18.28 -27.17 -6.31
CA ILE B 105 19.09 -28.39 -6.43
C ILE B 105 18.23 -29.48 -7.10
N PRO B 106 18.65 -30.07 -8.24
CA PRO B 106 17.86 -31.16 -8.86
C PRO B 106 17.59 -32.28 -7.87
N TYR B 107 16.37 -32.78 -7.89
CA TYR B 107 15.93 -33.73 -6.89
C TYR B 107 15.22 -34.95 -7.50
N ILE B 108 14.16 -34.73 -8.28
CA ILE B 108 13.42 -35.84 -8.94
C ILE B 108 13.04 -35.36 -10.32
N TRP B 109 13.20 -36.21 -11.35
CA TRP B 109 12.66 -35.86 -12.66
C TRP B 109 11.67 -36.95 -13.03
N GLY B 110 10.69 -36.63 -13.85
CA GLY B 110 9.70 -37.60 -14.26
C GLY B 110 9.02 -37.22 -15.55
N ALA B 111 7.97 -37.97 -15.90
CA ALA B 111 7.23 -37.71 -17.13
C ALA B 111 5.78 -38.11 -17.00
N THR B 112 4.92 -37.48 -17.81
CA THR B 112 3.49 -37.80 -17.85
C THR B 112 3.16 -38.36 -19.22
N GLY B 113 2.51 -39.51 -19.21
CA GLY B 113 2.03 -40.17 -20.43
C GLY B 113 0.58 -40.56 -20.25
N ILE B 114 0.13 -41.56 -21.03
CA ILE B 114 -1.23 -42.08 -20.94
C ILE B 114 -1.20 -43.34 -20.07
N GLY B 115 -1.84 -43.29 -18.90
CA GLY B 115 -1.95 -44.45 -18.00
C GLY B 115 -3.02 -45.39 -18.53
N ILE B 116 -2.75 -46.70 -18.51
CA ILE B 116 -3.72 -47.66 -19.03
C ILE B 116 -3.72 -48.95 -18.22
N ASN B 117 -4.94 -49.48 -17.96
CA ASN B 117 -5.11 -50.77 -17.33
C ASN B 117 -5.16 -51.76 -18.51
N THR B 118 -4.09 -52.54 -18.69
CA THR B 118 -3.95 -53.48 -19.82
C THR B 118 -4.90 -54.68 -19.77
N ASP B 119 -5.48 -55.00 -18.60
CA ASP B 119 -6.47 -56.08 -18.46
C ASP B 119 -7.83 -55.60 -18.94
N MET B 120 -8.04 -54.27 -18.96
CA MET B 120 -9.30 -53.64 -19.35
C MET B 120 -9.30 -53.11 -20.76
N LEU B 121 -8.16 -52.57 -21.22
CA LEU B 121 -8.04 -51.94 -22.53
C LEU B 121 -6.79 -52.38 -23.29
N ASP B 122 -6.83 -52.19 -24.64
CA ASP B 122 -5.72 -52.49 -25.54
C ASP B 122 -4.89 -51.22 -25.80
N LYS B 123 -3.55 -51.33 -25.68
CA LYS B 123 -2.55 -50.27 -25.88
C LYS B 123 -2.57 -49.67 -27.29
N LYS B 124 -2.73 -50.53 -28.33
CA LYS B 124 -2.70 -50.15 -29.75
C LYS B 124 -3.72 -49.06 -30.17
N SER B 125 -4.85 -48.94 -29.44
CA SER B 125 -5.89 -47.97 -29.74
C SER B 125 -5.51 -46.50 -29.45
N LEU B 126 -4.51 -46.28 -28.58
CA LEU B 126 -4.11 -44.93 -28.19
C LEU B 126 -2.66 -44.62 -28.53
N LYS B 127 -2.43 -43.52 -29.28
CA LYS B 127 -1.09 -43.11 -29.72
C LYS B 127 -0.75 -41.64 -29.48
N ASN B 128 -1.77 -40.76 -29.38
CA ASN B 128 -1.59 -39.33 -29.16
C ASN B 128 -2.53 -38.78 -28.11
N TRP B 129 -2.16 -37.65 -27.50
CA TRP B 129 -3.01 -36.99 -26.50
C TRP B 129 -4.42 -36.78 -27.06
N GLY B 130 -4.51 -36.42 -28.35
CA GLY B 130 -5.77 -36.20 -29.05
C GLY B 130 -6.74 -37.37 -29.01
N ASP B 131 -6.21 -38.63 -28.91
CA ASP B 131 -7.05 -39.83 -28.81
C ASP B 131 -7.92 -39.88 -27.55
N LEU B 132 -7.54 -39.13 -26.50
CA LEU B 132 -8.31 -39.04 -25.26
C LEU B 132 -9.64 -38.32 -25.48
N TRP B 133 -9.74 -37.51 -26.55
CA TRP B 133 -10.94 -36.77 -26.91
C TRP B 133 -12.02 -37.63 -27.59
N ASP B 134 -11.67 -38.86 -28.01
CA ASP B 134 -12.63 -39.76 -28.69
C ASP B 134 -13.88 -39.98 -27.85
N ALA B 135 -15.05 -40.00 -28.52
CA ALA B 135 -16.38 -40.17 -27.91
C ALA B 135 -16.48 -41.41 -27.04
N LYS B 136 -15.74 -42.50 -27.37
CA LYS B 136 -15.76 -43.77 -26.64
C LYS B 136 -15.27 -43.68 -25.19
N TRP B 137 -14.57 -42.60 -24.83
CA TRP B 137 -14.03 -42.40 -23.47
C TRP B 137 -14.95 -41.58 -22.54
N ALA B 138 -16.26 -41.46 -22.89
CA ALA B 138 -17.24 -40.71 -22.07
C ALA B 138 -17.23 -41.18 -20.62
N GLY B 139 -16.99 -40.23 -19.70
CA GLY B 139 -16.93 -40.42 -18.25
C GLY B 139 -15.95 -41.47 -17.77
N GLN B 140 -14.82 -41.63 -18.47
CA GLN B 140 -13.87 -42.70 -18.13
C GLN B 140 -12.46 -42.28 -17.75
N LEU B 141 -12.06 -41.02 -17.99
CA LEU B 141 -10.67 -40.60 -17.78
C LEU B 141 -10.34 -39.98 -16.45
N MET B 142 -9.07 -40.13 -16.07
CA MET B 142 -8.48 -39.38 -14.98
C MET B 142 -7.53 -38.39 -15.64
N LEU B 143 -7.55 -37.14 -15.20
CA LEU B 143 -6.58 -36.16 -15.67
C LEU B 143 -5.76 -35.76 -14.45
N MET B 144 -4.56 -35.20 -14.66
CA MET B 144 -3.75 -34.69 -13.53
C MET B 144 -4.44 -33.44 -13.01
N ASP B 145 -4.34 -33.17 -11.71
CA ASP B 145 -4.92 -31.96 -11.17
C ASP B 145 -3.82 -30.87 -11.22
N ASP B 146 -3.45 -30.50 -12.47
CA ASP B 146 -2.33 -29.61 -12.69
C ASP B 146 -2.61 -28.77 -13.93
N ALA B 147 -2.73 -27.43 -13.74
CA ALA B 147 -3.06 -26.51 -14.83
C ALA B 147 -2.14 -26.65 -16.02
N ARG B 148 -0.81 -26.60 -15.80
CA ARG B 148 0.16 -26.65 -16.90
C ARG B 148 0.18 -27.99 -17.62
N GLU B 149 0.03 -29.10 -16.89
CA GLU B 149 0.02 -30.42 -17.58
C GLU B 149 -1.23 -30.61 -18.42
N VAL B 150 -2.41 -30.22 -17.88
CA VAL B 150 -3.68 -30.36 -18.61
C VAL B 150 -3.67 -29.46 -19.86
N PHE B 151 -3.17 -28.22 -19.72
CA PHE B 151 -3.06 -27.34 -20.88
C PHE B 151 -2.03 -27.83 -21.87
N HIS B 152 -0.94 -28.47 -21.38
CA HIS B 152 0.13 -29.04 -22.23
C HIS B 152 -0.49 -30.01 -23.24
N ILE B 153 -1.36 -30.93 -22.79
CA ILE B 153 -1.92 -31.96 -23.70
C ILE B 153 -2.84 -31.33 -24.78
N ALA B 154 -3.59 -30.27 -24.43
CA ALA B 154 -4.47 -29.60 -25.39
C ALA B 154 -3.66 -28.73 -26.36
N LEU B 155 -2.62 -28.01 -25.86
CA LEU B 155 -1.76 -27.19 -26.72
C LEU B 155 -1.02 -28.09 -27.71
N SER B 156 -0.55 -29.26 -27.23
CA SER B 156 0.12 -30.26 -28.06
C SER B 156 -0.83 -30.73 -29.17
N LYS B 157 -2.10 -31.07 -28.80
CA LYS B 157 -3.14 -31.51 -29.75
C LYS B 157 -3.39 -30.44 -30.84
N LEU B 158 -3.39 -29.15 -30.44
CA LEU B 158 -3.64 -28.03 -31.35
C LEU B 158 -2.42 -27.63 -32.21
N GLY B 159 -1.26 -28.21 -31.92
CA GLY B 159 -0.02 -27.91 -32.60
C GLY B 159 0.68 -26.64 -32.13
N TYR B 160 0.33 -26.18 -30.92
CA TYR B 160 0.93 -24.99 -30.31
C TYR B 160 1.96 -25.43 -29.30
N SER B 161 2.86 -24.51 -28.90
CA SER B 161 3.82 -24.84 -27.86
C SER B 161 3.11 -25.08 -26.53
N PRO B 162 3.44 -26.18 -25.82
CA PRO B 162 2.85 -26.39 -24.48
C PRO B 162 3.40 -25.38 -23.45
N ASN B 163 4.36 -24.53 -23.89
CA ASN B 163 4.95 -23.46 -23.08
C ASN B 163 4.62 -22.07 -23.69
N THR B 164 3.51 -21.99 -24.44
CA THR B 164 3.12 -20.73 -25.06
C THR B 164 2.76 -19.64 -24.06
N THR B 165 3.00 -18.38 -24.43
CA THR B 165 2.60 -17.22 -23.64
C THR B 165 1.58 -16.42 -24.47
N ASN B 166 1.11 -17.00 -25.59
CA ASN B 166 0.14 -16.35 -26.46
C ASN B 166 -1.29 -16.55 -25.89
N PRO B 167 -1.96 -15.47 -25.40
CA PRO B 167 -3.30 -15.64 -24.79
C PRO B 167 -4.37 -16.25 -25.71
N LYS B 168 -4.29 -15.99 -27.03
CA LYS B 168 -5.20 -16.58 -28.01
C LYS B 168 -5.03 -18.12 -28.08
N GLU B 169 -3.78 -18.59 -27.99
CA GLU B 169 -3.48 -20.03 -28.00
C GLU B 169 -3.93 -20.69 -26.69
N ILE B 170 -3.74 -20.01 -25.53
CA ILE B 170 -4.17 -20.52 -24.23
C ILE B 170 -5.72 -20.66 -24.23
N LYS B 171 -6.41 -19.64 -24.77
CA LYS B 171 -7.87 -19.65 -24.92
C LYS B 171 -8.30 -20.80 -25.84
N ALA B 172 -7.59 -21.02 -26.97
CA ALA B 172 -7.91 -22.12 -27.89
C ALA B 172 -7.78 -23.47 -27.17
N ALA B 173 -6.73 -23.63 -26.34
CA ALA B 173 -6.52 -24.85 -25.56
C ALA B 173 -7.66 -25.02 -24.54
N TYR B 174 -8.14 -23.93 -23.95
CA TYR B 174 -9.25 -23.95 -23.00
C TYR B 174 -10.52 -24.47 -23.71
N ARG B 175 -10.83 -23.93 -24.90
CA ARG B 175 -12.00 -24.37 -25.67
C ARG B 175 -11.87 -25.86 -26.05
N GLU B 176 -10.64 -26.30 -26.39
CA GLU B 176 -10.37 -27.68 -26.73
C GLU B 176 -10.60 -28.57 -25.50
N LEU B 177 -10.15 -28.11 -24.32
CA LEU B 177 -10.34 -28.86 -23.08
C LEU B 177 -11.81 -28.96 -22.67
N LYS B 178 -12.65 -27.96 -23.01
CA LYS B 178 -14.09 -28.02 -22.74
C LYS B 178 -14.71 -29.21 -23.48
N LYS B 179 -14.20 -29.56 -24.67
CA LYS B 179 -14.67 -30.72 -25.45
C LYS B 179 -14.23 -32.05 -24.82
N LEU B 180 -13.15 -32.04 -24.03
CA LEU B 180 -12.64 -33.23 -23.35
C LEU B 180 -13.40 -33.51 -22.04
N MET B 181 -13.96 -32.48 -21.40
CA MET B 181 -14.64 -32.59 -20.11
C MET B 181 -15.71 -33.71 -20.02
N PRO B 182 -16.56 -34.00 -21.05
CA PRO B 182 -17.48 -35.16 -20.93
C PRO B 182 -16.78 -36.51 -20.73
N ASN B 183 -15.48 -36.61 -21.07
CA ASN B 183 -14.68 -37.83 -20.90
C ASN B 183 -13.99 -37.91 -19.55
N VAL B 184 -13.99 -36.82 -18.77
CA VAL B 184 -13.27 -36.74 -17.50
C VAL B 184 -14.14 -37.15 -16.31
N LEU B 185 -13.69 -38.16 -15.57
CA LEU B 185 -14.35 -38.64 -14.37
C LEU B 185 -13.78 -37.89 -13.16
N VAL B 186 -12.44 -37.76 -13.09
CA VAL B 186 -11.76 -37.15 -11.94
C VAL B 186 -10.43 -36.48 -12.32
N PHE B 187 -10.02 -35.48 -11.52
CA PHE B 187 -8.71 -34.82 -11.56
C PHE B 187 -7.99 -35.28 -10.29
N ASN B 188 -6.75 -35.79 -10.42
CA ASN B 188 -6.01 -36.24 -9.25
C ASN B 188 -4.50 -35.98 -9.44
N SER B 189 -3.88 -35.29 -8.46
CA SER B 189 -2.42 -35.08 -8.41
C SER B 189 -1.84 -35.47 -7.03
N ASP B 190 -2.69 -35.83 -6.07
CA ASP B 190 -2.30 -36.21 -4.72
C ASP B 190 -1.76 -37.63 -4.71
N PHE B 191 -2.63 -38.63 -5.06
CA PHE B 191 -2.30 -40.05 -5.17
C PHE B 191 -2.91 -40.51 -6.50
N PRO B 192 -2.29 -40.10 -7.63
CA PRO B 192 -2.89 -40.38 -8.97
C PRO B 192 -3.05 -41.85 -9.33
N ALA B 193 -2.27 -42.75 -8.70
CA ALA B 193 -2.42 -44.18 -8.98
C ALA B 193 -3.70 -44.77 -8.35
N ASN B 194 -4.22 -44.13 -7.27
CA ASN B 194 -5.39 -44.64 -6.53
C ASN B 194 -6.64 -44.87 -7.40
N PRO B 195 -7.11 -43.96 -8.29
CA PRO B 195 -8.28 -44.29 -9.14
C PRO B 195 -8.04 -45.49 -10.08
N TYR B 196 -6.78 -45.71 -10.52
CA TYR B 196 -6.42 -46.85 -11.36
C TYR B 196 -6.43 -48.13 -10.51
N LEU B 197 -5.83 -48.07 -9.31
CA LEU B 197 -5.79 -49.20 -8.35
C LEU B 197 -7.20 -49.64 -7.91
N ALA B 198 -8.10 -48.66 -7.68
CA ALA B 198 -9.48 -48.90 -7.25
C ALA B 198 -10.40 -49.41 -8.38
N GLY B 199 -9.93 -49.32 -9.63
CA GLY B 199 -10.70 -49.73 -10.79
C GLY B 199 -11.72 -48.68 -11.21
N GLU B 200 -11.57 -47.44 -10.70
CA GLU B 200 -12.46 -46.32 -11.00
C GLU B 200 -12.23 -45.81 -12.42
N VAL B 201 -10.96 -45.86 -12.86
CA VAL B 201 -10.56 -45.49 -14.21
C VAL B 201 -9.64 -46.59 -14.74
N SER B 202 -9.62 -46.75 -16.05
CA SER B 202 -8.77 -47.69 -16.75
C SER B 202 -7.83 -46.93 -17.68
N LEU B 203 -8.01 -45.59 -17.79
CA LEU B 203 -7.24 -44.76 -18.71
C LEU B 203 -7.24 -43.31 -18.30
N GLY B 204 -6.26 -42.56 -18.78
CA GLY B 204 -6.13 -41.12 -18.54
C GLY B 204 -4.68 -40.69 -18.55
N MET B 205 -4.40 -39.52 -17.95
CA MET B 205 -3.02 -39.06 -17.81
C MET B 205 -2.45 -39.79 -16.61
N LEU B 206 -1.14 -40.03 -16.60
CA LEU B 206 -0.50 -40.64 -15.43
C LEU B 206 0.99 -40.37 -15.41
N TRP B 207 1.53 -40.05 -14.21
CA TRP B 207 2.97 -39.88 -14.01
C TRP B 207 3.61 -41.27 -14.05
N ASN B 208 4.83 -41.37 -14.59
CA ASN B 208 5.56 -42.64 -14.67
C ASN B 208 5.73 -43.32 -13.28
N GLY B 209 6.08 -42.53 -12.26
CA GLY B 209 6.23 -43.04 -10.90
C GLY B 209 4.97 -43.61 -10.31
N SER B 210 3.84 -42.91 -10.51
CA SER B 210 2.53 -43.38 -10.02
C SER B 210 2.16 -44.74 -10.65
N ALA B 211 2.41 -44.91 -11.97
CA ALA B 211 2.11 -46.18 -12.65
C ALA B 211 2.97 -47.31 -12.07
N TYR B 212 4.24 -47.04 -11.79
CA TYR B 212 5.16 -48.02 -11.19
C TYR B 212 4.62 -48.46 -9.83
N MET B 213 4.22 -47.49 -8.97
CA MET B 213 3.65 -47.77 -7.65
C MET B 213 2.42 -48.69 -7.74
N ALA B 214 1.57 -48.47 -8.77
CA ALA B 214 0.39 -49.29 -9.02
C ALA B 214 0.80 -50.73 -9.38
N ARG B 215 1.85 -50.88 -10.24
CA ARG B 215 2.38 -52.20 -10.63
C ARG B 215 2.96 -52.95 -9.43
N GLN B 216 3.60 -52.22 -8.49
CA GLN B 216 4.18 -52.79 -7.27
C GLN B 216 3.11 -53.39 -6.35
N GLU B 217 1.87 -52.87 -6.46
CA GLU B 217 0.70 -53.36 -5.71
C GLU B 217 0.00 -54.51 -6.45
N GLY B 218 0.52 -54.88 -7.62
CA GLY B 218 0.02 -55.97 -8.45
C GLY B 218 -0.96 -55.58 -9.55
N ALA B 219 -1.21 -54.28 -9.75
CA ALA B 219 -2.13 -53.81 -10.79
C ALA B 219 -1.46 -53.70 -12.18
N PRO B 220 -2.14 -54.09 -13.28
CA PRO B 220 -1.51 -54.00 -14.62
C PRO B 220 -1.60 -52.59 -15.22
N ILE B 221 -1.00 -51.61 -14.54
CA ILE B 221 -1.04 -50.22 -14.99
C ILE B 221 0.23 -49.86 -15.72
N GLN B 222 0.12 -49.64 -17.04
CA GLN B 222 1.27 -49.28 -17.86
C GLN B 222 1.16 -47.83 -18.32
N ILE B 223 2.23 -47.31 -18.92
CA ILE B 223 2.24 -45.97 -19.53
C ILE B 223 2.37 -46.12 -21.05
N ILE B 224 1.53 -45.41 -21.81
CA ILE B 224 1.65 -45.27 -23.26
C ILE B 224 2.31 -43.90 -23.42
N TRP B 225 3.45 -43.85 -24.11
CA TRP B 225 4.10 -42.58 -24.35
C TRP B 225 3.54 -41.95 -25.62
N PRO B 226 2.80 -40.82 -25.52
CA PRO B 226 2.28 -40.18 -26.75
C PRO B 226 3.41 -39.93 -27.76
N GLU B 227 3.16 -40.20 -29.05
CA GLU B 227 4.14 -40.05 -30.13
C GLU B 227 4.83 -38.71 -30.14
N LYS B 228 4.06 -37.66 -29.82
CA LYS B 228 4.56 -36.31 -29.67
C LYS B 228 3.96 -35.69 -28.42
N GLY B 229 4.67 -34.75 -27.84
CA GLY B 229 4.14 -34.01 -26.71
C GLY B 229 4.14 -34.68 -25.34
N THR B 230 4.97 -35.73 -25.14
CA THR B 230 5.08 -36.33 -23.80
C THR B 230 5.57 -35.25 -22.84
N ILE B 231 4.97 -35.16 -21.66
CA ILE B 231 5.37 -34.14 -20.70
C ILE B 231 6.60 -34.61 -19.90
N PHE B 232 7.66 -33.80 -19.88
CA PHE B 232 8.86 -34.03 -19.06
C PHE B 232 8.93 -32.91 -18.03
N TRP B 233 9.28 -33.22 -16.79
CA TRP B 233 9.39 -32.21 -15.74
C TRP B 233 10.46 -32.59 -14.73
N MET B 234 10.94 -31.60 -13.97
CA MET B 234 11.92 -31.83 -12.91
C MET B 234 11.57 -30.99 -11.73
N ASP B 235 11.63 -31.61 -10.55
CA ASP B 235 11.40 -30.97 -9.26
C ASP B 235 12.77 -30.77 -8.61
N SER B 236 12.98 -29.58 -8.06
CA SER B 236 14.25 -29.22 -7.41
C SER B 236 13.98 -28.73 -6.03
N ILE B 237 14.96 -28.85 -5.12
CA ILE B 237 14.80 -28.35 -3.74
C ILE B 237 15.34 -26.92 -3.65
N SER B 238 14.58 -26.05 -2.97
CA SER B 238 14.93 -24.64 -2.77
C SER B 238 14.74 -24.24 -1.29
N ILE B 239 15.36 -23.12 -0.88
CA ILE B 239 15.25 -22.61 0.47
C ILE B 239 14.44 -21.29 0.46
N PRO B 240 13.24 -21.24 1.05
CA PRO B 240 12.48 -19.97 1.07
C PRO B 240 13.20 -18.83 1.79
N ALA B 241 12.98 -17.60 1.31
CA ALA B 241 13.55 -16.39 1.89
C ALA B 241 13.05 -16.26 3.33
N GLY B 242 13.97 -16.02 4.23
CA GLY B 242 13.62 -15.91 5.64
C GLY B 242 13.59 -17.20 6.45
N ALA B 243 14.08 -18.32 5.88
CA ALA B 243 14.19 -19.62 6.57
C ALA B 243 14.95 -19.43 7.88
N LYS B 244 14.45 -20.04 8.97
CA LYS B 244 15.08 -19.90 10.29
C LYS B 244 16.07 -21.02 10.56
N ASN B 245 15.93 -22.14 9.84
CA ASN B 245 16.76 -23.33 10.04
C ASN B 245 17.54 -23.69 8.77
N ILE B 246 18.39 -22.75 8.31
CA ILE B 246 19.26 -22.85 7.11
C ILE B 246 20.19 -24.07 7.21
N GLU B 247 20.81 -24.28 8.41
CA GLU B 247 21.73 -25.39 8.66
C GLU B 247 21.06 -26.75 8.47
N ALA B 248 19.86 -26.89 9.03
CA ALA B 248 19.03 -28.09 8.95
C ALA B 248 18.57 -28.29 7.49
N ALA B 249 18.21 -27.19 6.79
CA ALA B 249 17.78 -27.21 5.38
C ALA B 249 18.85 -27.84 4.46
N HIS B 250 20.12 -27.43 4.63
CA HIS B 250 21.24 -27.99 3.85
C HIS B 250 21.51 -29.45 4.23
N LYS B 251 21.37 -29.80 5.52
CA LYS B 251 21.56 -31.17 6.00
C LYS B 251 20.53 -32.10 5.34
N MET B 252 19.27 -31.64 5.21
CA MET B 252 18.23 -32.44 4.54
C MET B 252 18.52 -32.60 3.03
N ILE B 253 18.91 -31.51 2.34
CA ILE B 253 19.24 -31.59 0.91
C ILE B 253 20.36 -32.64 0.73
N ASP B 254 21.44 -32.53 1.52
CA ASP B 254 22.57 -33.46 1.42
C ASP B 254 22.19 -34.91 1.75
N PHE B 255 21.27 -35.09 2.74
CA PHE B 255 20.73 -36.40 3.13
C PHE B 255 20.00 -37.05 1.93
N LEU B 256 19.18 -36.26 1.19
CA LEU B 256 18.43 -36.73 0.02
C LEU B 256 19.33 -36.98 -1.19
N LEU B 257 20.45 -36.21 -1.31
CA LEU B 257 21.43 -36.37 -2.41
C LEU B 257 22.30 -37.61 -2.21
N ARG B 258 22.43 -38.10 -0.96
CA ARG B 258 23.22 -39.29 -0.63
C ARG B 258 22.79 -40.41 -1.59
N PRO B 259 23.73 -40.90 -2.44
CA PRO B 259 23.35 -41.91 -3.46
C PRO B 259 22.56 -43.13 -2.93
N GLU B 260 22.94 -43.68 -1.76
CA GLU B 260 22.19 -44.82 -1.19
C GLU B 260 20.73 -44.45 -0.86
N ASN B 261 20.51 -43.19 -0.41
CA ASN B 261 19.18 -42.67 -0.10
C ASN B 261 18.36 -42.42 -1.37
N ALA B 262 18.95 -41.68 -2.34
CA ALA B 262 18.26 -41.37 -3.59
C ALA B 262 17.88 -42.66 -4.35
N ALA B 263 18.77 -43.67 -4.37
CA ALA B 263 18.48 -44.95 -5.04
C ALA B 263 17.37 -45.76 -4.36
N LYS B 264 17.43 -45.96 -3.02
CA LYS B 264 16.38 -46.72 -2.33
C LYS B 264 15.01 -46.02 -2.41
N ILE B 265 14.99 -44.67 -2.34
CA ILE B 265 13.74 -43.94 -2.47
C ILE B 265 13.20 -44.12 -3.90
N ALA B 266 14.09 -44.01 -4.94
CA ALA B 266 13.70 -44.18 -6.34
C ALA B 266 12.96 -45.52 -6.53
N LEU B 267 13.49 -46.61 -5.93
CA LEU B 267 12.91 -47.96 -6.01
C LEU B 267 11.55 -48.06 -5.30
N GLU B 268 11.29 -47.18 -4.31
CA GLU B 268 10.04 -47.15 -3.58
C GLU B 268 8.99 -46.31 -4.30
N ILE B 269 9.37 -45.18 -4.91
CA ILE B 269 8.43 -44.21 -5.49
C ILE B 269 8.28 -44.31 -7.02
N GLY B 270 9.19 -44.99 -7.69
CA GLY B 270 9.13 -45.23 -9.13
C GLY B 270 9.57 -44.13 -10.06
N TYR B 271 10.27 -43.12 -9.53
CA TYR B 271 10.72 -42.02 -10.35
C TYR B 271 12.20 -42.07 -10.65
N PRO B 272 12.61 -41.60 -11.85
CA PRO B 272 14.05 -41.48 -12.14
C PRO B 272 14.72 -40.46 -11.18
N THR B 273 16.06 -40.51 -11.12
CA THR B 273 16.82 -39.61 -10.25
C THR B 273 17.87 -38.84 -11.02
N PRO B 274 18.01 -37.51 -10.78
CA PRO B 274 19.10 -36.75 -11.41
C PRO B 274 20.43 -36.93 -10.66
N VAL B 275 20.46 -37.76 -9.58
CA VAL B 275 21.68 -38.07 -8.84
C VAL B 275 22.35 -39.21 -9.63
N LYS B 276 23.40 -38.88 -10.41
CA LYS B 276 24.12 -39.84 -11.26
C LYS B 276 24.59 -41.08 -10.50
N THR B 277 25.26 -40.89 -9.34
CA THR B 277 25.79 -41.98 -8.53
C THR B 277 24.67 -42.96 -8.10
N ALA B 278 23.48 -42.40 -7.77
CA ALA B 278 22.27 -43.16 -7.39
C ALA B 278 21.68 -43.88 -8.61
N HIS B 279 21.63 -43.20 -9.79
CA HIS B 279 21.15 -43.79 -11.05
C HIS B 279 21.97 -45.06 -11.37
N ASP B 280 23.29 -45.01 -11.18
CA ASP B 280 24.22 -46.13 -11.41
C ASP B 280 24.00 -47.31 -10.46
N LEU B 281 23.48 -47.04 -9.26
CA LEU B 281 23.17 -48.04 -8.23
C LEU B 281 21.86 -48.80 -8.55
N LEU B 282 20.99 -48.20 -9.39
CA LEU B 282 19.68 -48.76 -9.76
C LEU B 282 19.72 -50.12 -10.51
N PRO B 283 18.85 -51.11 -10.13
CA PRO B 283 18.83 -52.40 -10.86
C PRO B 283 18.36 -52.26 -12.30
N LYS B 284 18.87 -53.15 -13.17
CA LYS B 284 18.54 -53.17 -14.59
C LYS B 284 17.04 -53.24 -14.88
N GLU B 285 16.27 -53.97 -14.05
CA GLU B 285 14.82 -54.15 -14.12
C GLU B 285 14.08 -52.79 -13.98
N PHE B 286 14.63 -51.90 -13.16
CA PHE B 286 14.08 -50.57 -12.94
C PHE B 286 14.57 -49.63 -14.05
N ALA B 287 15.89 -49.56 -14.25
CA ALA B 287 16.54 -48.70 -15.25
C ALA B 287 16.06 -48.94 -16.68
N ASN B 288 15.67 -50.18 -17.01
CA ASN B 288 15.21 -50.54 -18.36
C ASN B 288 13.70 -50.73 -18.47
N ASP B 289 12.92 -50.33 -17.43
CA ASP B 289 11.47 -50.45 -17.44
C ASP B 289 10.92 -49.39 -18.42
N PRO B 290 10.28 -49.82 -19.56
CA PRO B 290 9.80 -48.85 -20.56
C PRO B 290 8.69 -47.92 -20.11
N SER B 291 7.97 -48.29 -19.04
CA SER B 291 6.92 -47.45 -18.46
C SER B 291 7.50 -46.38 -17.53
N ILE B 292 8.80 -46.50 -17.15
CA ILE B 292 9.48 -45.49 -16.32
C ILE B 292 10.28 -44.57 -17.25
N TYR B 293 11.15 -45.16 -18.07
CA TYR B 293 12.01 -44.44 -19.00
C TYR B 293 11.48 -44.51 -20.42
N PRO B 294 11.07 -43.35 -20.97
CA PRO B 294 10.55 -43.34 -22.34
C PRO B 294 11.63 -43.61 -23.40
N PRO B 295 11.26 -44.13 -24.60
CA PRO B 295 12.24 -44.32 -25.69
C PRO B 295 12.80 -43.00 -26.23
N GLN B 296 13.97 -43.05 -26.91
CA GLN B 296 14.62 -41.86 -27.49
C GLN B 296 13.69 -41.02 -28.38
N SER B 297 12.88 -41.69 -29.26
CA SER B 297 11.94 -40.97 -30.13
C SER B 297 10.93 -40.12 -29.33
N VAL B 298 10.44 -40.67 -28.20
CA VAL B 298 9.50 -40.01 -27.30
C VAL B 298 10.17 -38.79 -26.64
N ILE B 299 11.47 -38.92 -26.26
CA ILE B 299 12.26 -37.82 -25.69
C ILE B 299 12.36 -36.67 -26.72
N ASP B 300 12.84 -36.96 -27.95
CA ASP B 300 13.01 -35.99 -29.04
C ASP B 300 11.73 -35.25 -29.42
N ASN B 301 10.58 -35.95 -29.37
CA ASN B 301 9.29 -35.36 -29.76
C ASN B 301 8.44 -34.85 -28.60
N GLY B 302 8.95 -35.00 -27.37
CA GLY B 302 8.29 -34.54 -26.16
C GLY B 302 8.77 -33.16 -25.78
N GLU B 303 8.32 -32.65 -24.64
CA GLU B 303 8.70 -31.30 -24.22
C GLU B 303 8.81 -31.13 -22.73
N TRP B 304 9.92 -30.51 -22.28
CA TRP B 304 10.10 -30.19 -20.86
C TRP B 304 9.18 -29.00 -20.54
N GLN B 305 8.54 -29.06 -19.37
CA GLN B 305 7.66 -27.98 -18.94
C GLN B 305 8.56 -26.78 -18.62
N ASP B 306 8.27 -25.64 -19.28
CA ASP B 306 9.04 -24.42 -19.09
C ASP B 306 8.19 -23.28 -18.55
N GLU B 307 8.86 -22.25 -18.03
CA GLU B 307 8.20 -21.07 -17.47
C GLU B 307 7.39 -20.34 -18.56
N VAL B 308 6.29 -19.70 -18.15
CA VAL B 308 5.41 -18.92 -19.06
C VAL B 308 5.24 -17.49 -18.54
N GLY B 309 6.14 -17.08 -17.62
CA GLY B 309 6.12 -15.75 -17.02
C GLY B 309 4.76 -15.39 -16.47
N GLU B 310 4.28 -14.17 -16.77
CA GLU B 310 2.99 -13.66 -16.30
C GLU B 310 1.76 -14.36 -16.89
N ALA B 311 1.94 -15.15 -17.96
CA ALA B 311 0.83 -15.90 -18.55
C ALA B 311 0.35 -17.03 -17.61
N SER B 312 1.11 -17.35 -16.55
CA SER B 312 0.73 -18.37 -15.56
C SER B 312 -0.69 -18.12 -15.00
N VAL B 313 -1.05 -16.82 -14.86
CA VAL B 313 -2.37 -16.42 -14.34
C VAL B 313 -3.51 -16.87 -15.27
N LEU B 314 -3.30 -16.82 -16.60
CA LEU B 314 -4.30 -17.26 -17.58
C LEU B 314 -4.51 -18.75 -17.52
N TYR B 315 -3.40 -19.52 -17.47
CA TYR B 315 -3.45 -20.97 -17.35
C TYR B 315 -4.28 -21.33 -16.10
N ASP B 316 -4.02 -20.66 -14.96
CA ASP B 316 -4.78 -20.93 -13.73
C ASP B 316 -6.25 -20.60 -13.83
N GLU B 317 -6.57 -19.41 -14.36
CA GLU B 317 -7.93 -18.94 -14.49
C GLU B 317 -8.77 -19.90 -15.33
N TYR B 318 -8.24 -20.28 -16.51
CA TYR B 318 -8.95 -21.18 -17.40
C TYR B 318 -9.05 -22.61 -16.85
N PHE B 319 -8.01 -23.08 -16.15
CA PHE B 319 -8.03 -24.43 -15.56
C PHE B 319 -9.10 -24.51 -14.45
N GLN B 320 -9.22 -23.44 -13.64
CA GLN B 320 -10.23 -23.39 -12.59
C GLN B 320 -11.64 -23.41 -13.18
N LYS B 321 -11.83 -22.70 -14.30
CA LYS B 321 -13.10 -22.64 -15.02
C LYS B 321 -13.47 -24.05 -15.53
N LEU B 322 -12.50 -24.80 -16.08
CA LEU B 322 -12.72 -26.16 -16.58
C LEU B 322 -13.22 -27.09 -15.50
N LYS B 323 -12.61 -27.02 -14.30
CA LYS B 323 -12.95 -27.85 -13.16
C LYS B 323 -14.34 -27.54 -12.59
N VAL B 324 -14.83 -26.29 -12.77
CA VAL B 324 -16.15 -25.87 -12.31
C VAL B 324 -17.25 -26.26 -13.33
N ASP C 5 6.56 -13.76 33.66
CA ASP C 5 6.26 -12.94 34.83
C ASP C 5 7.33 -13.00 35.95
N GLN C 6 8.54 -13.50 35.62
CA GLN C 6 9.72 -13.55 36.51
C GLN C 6 10.56 -12.28 36.23
N GLU C 7 10.20 -11.56 35.17
CA GLU C 7 10.86 -10.31 34.78
C GLU C 7 9.86 -9.28 34.29
N LEU C 8 10.32 -8.03 34.17
CA LEU C 8 9.46 -6.92 33.74
C LEU C 8 10.29 -5.93 32.93
N TYR C 9 9.85 -5.63 31.70
CA TYR C 9 10.51 -4.64 30.84
C TYR C 9 9.76 -3.33 31.00
N PHE C 10 10.38 -2.37 31.67
CA PHE C 10 9.72 -1.11 32.04
C PHE C 10 10.45 0.08 31.43
N TYR C 11 9.73 0.82 30.59
CA TYR C 11 10.23 2.01 29.90
C TYR C 11 9.54 3.24 30.51
N ASN C 12 10.33 4.15 31.10
CA ASN C 12 9.76 5.29 31.81
C ASN C 12 10.55 6.57 31.59
N TRP C 13 10.01 7.70 32.06
CA TRP C 13 10.70 8.97 32.00
C TRP C 13 11.93 8.88 32.90
N SER C 14 12.97 9.65 32.56
CA SER C 14 14.17 9.74 33.39
C SER C 14 13.71 10.37 34.73
N GLU C 15 14.51 10.19 35.80
CA GLU C 15 14.36 10.79 37.14
C GLU C 15 13.22 10.31 38.03
N TYR C 16 12.19 9.66 37.49
CA TYR C 16 11.02 9.26 38.27
C TYR C 16 11.23 8.17 39.33
N ILE C 17 12.01 7.13 39.01
CA ILE C 17 12.16 6.02 39.95
C ILE C 17 13.60 5.87 40.42
N PRO C 18 13.85 6.13 41.72
CA PRO C 18 15.20 5.89 42.27
C PRO C 18 15.55 4.40 42.16
N SER C 19 16.84 4.10 41.88
CA SER C 19 17.34 2.73 41.75
C SER C 19 16.98 1.84 42.96
N GLU C 20 17.00 2.40 44.20
CA GLU C 20 16.66 1.65 45.42
C GLU C 20 15.19 1.19 45.43
N VAL C 21 14.31 1.96 44.78
CA VAL C 21 12.89 1.61 44.69
C VAL C 21 12.68 0.36 43.82
N LEU C 22 13.41 0.26 42.70
CA LEU C 22 13.36 -0.93 41.84
C LEU C 22 13.93 -2.14 42.57
N GLU C 23 15.00 -1.93 43.38
CA GLU C 23 15.62 -2.98 44.19
C GLU C 23 14.59 -3.49 45.21
N ASP C 24 13.83 -2.55 45.82
CA ASP C 24 12.77 -2.88 46.80
C ASP C 24 11.66 -3.70 46.16
N PHE C 25 11.24 -3.33 44.92
CA PHE C 25 10.21 -4.08 44.18
C PHE C 25 10.70 -5.53 43.93
N THR C 26 11.96 -5.71 43.46
CA THR C 26 12.55 -7.02 43.18
C THR C 26 12.66 -7.84 44.47
N LYS C 27 13.03 -7.21 45.60
CA LYS C 27 13.12 -7.90 46.89
C LYS C 27 11.75 -8.45 47.32
N GLU C 28 10.71 -7.61 47.18
CA GLU C 28 9.33 -7.93 47.57
C GLU C 28 8.66 -9.01 46.70
N THR C 29 8.88 -8.95 45.37
CA THR C 29 8.21 -9.82 44.41
C THR C 29 9.02 -10.96 43.80
N GLY C 30 10.35 -10.81 43.78
CA GLY C 30 11.24 -11.75 43.12
C GLY C 30 11.34 -11.48 41.62
N ILE C 31 10.64 -10.42 41.13
CA ILE C 31 10.61 -10.04 39.71
C ILE C 31 11.78 -9.11 39.37
N LYS C 32 12.60 -9.50 38.39
CA LYS C 32 13.71 -8.71 37.88
C LYS C 32 13.16 -7.60 36.98
N VAL C 33 13.62 -6.34 37.17
CA VAL C 33 13.17 -5.24 36.32
C VAL C 33 14.25 -4.85 35.33
N ILE C 34 13.92 -4.89 34.03
CA ILE C 34 14.83 -4.45 32.97
C ILE C 34 14.32 -3.04 32.68
N TYR C 35 14.99 -2.05 33.26
CA TYR C 35 14.54 -0.67 33.24
C TYR C 35 15.31 0.21 32.28
N SER C 36 14.58 1.03 31.51
CA SER C 36 15.20 1.99 30.60
C SER C 36 14.38 3.26 30.56
N THR C 37 15.01 4.37 30.15
CA THR C 37 14.35 5.67 30.22
C THR C 37 14.32 6.45 28.92
N TYR C 38 13.40 7.42 28.87
CA TYR C 38 13.27 8.37 27.75
C TYR C 38 13.07 9.78 28.31
N GLU C 39 13.15 10.78 27.45
CA GLU C 39 13.04 12.19 27.83
C GLU C 39 11.86 12.89 27.16
N SER C 40 11.12 12.18 26.29
CA SER C 40 9.95 12.79 25.66
C SER C 40 8.95 11.73 25.24
N ASN C 41 7.67 12.14 25.12
CA ASN C 41 6.63 11.25 24.58
C ASN C 41 6.96 10.87 23.14
N GLU C 42 7.50 11.84 22.38
CA GLU C 42 7.81 11.63 20.96
C GLU C 42 8.89 10.56 20.78
N SER C 43 9.91 10.56 21.65
CA SER C 43 10.97 9.54 21.61
C SER C 43 10.43 8.17 22.08
N MET C 44 9.63 8.18 23.15
CA MET C 44 9.00 6.96 23.67
C MET C 44 8.16 6.29 22.55
N TYR C 45 7.32 7.10 21.90
CA TYR C 45 6.41 6.64 20.85
C TYR C 45 7.16 6.04 19.68
N ALA C 46 8.23 6.74 19.20
CA ALA C 46 9.04 6.25 18.09
C ALA C 46 9.65 4.90 18.43
N LYS C 47 10.11 4.73 19.68
CA LYS C 47 10.73 3.47 20.12
C LYS C 47 9.70 2.32 20.11
N LEU C 48 8.49 2.57 20.61
CA LEU C 48 7.44 1.54 20.64
C LEU C 48 6.96 1.18 19.23
N LYS C 49 7.02 2.15 18.30
CA LYS C 49 6.66 1.89 16.90
C LYS C 49 7.63 0.94 16.20
N THR C 50 8.91 0.87 16.65
CA THR C 50 9.91 -0.05 16.07
C THR C 50 9.52 -1.53 16.30
N GLN C 51 9.60 -2.35 15.23
CA GLN C 51 9.20 -3.77 15.21
C GLN C 51 9.63 -4.64 16.43
N GLY C 52 10.88 -4.53 16.88
CA GLY C 52 11.40 -5.32 17.99
C GLY C 52 10.97 -4.92 19.40
N ALA C 53 10.16 -3.83 19.55
CA ALA C 53 9.70 -3.33 20.85
C ALA C 53 8.93 -4.36 21.70
N GLY C 54 9.53 -4.68 22.85
CA GLY C 54 9.00 -5.63 23.81
C GLY C 54 8.96 -5.09 25.23
N TYR C 55 8.15 -4.07 25.48
CA TYR C 55 8.00 -3.52 26.84
C TYR C 55 6.71 -4.03 27.46
N ASP C 56 6.69 -4.12 28.80
CA ASP C 56 5.54 -4.51 29.62
C ASP C 56 4.82 -3.32 30.20
N LEU C 57 5.56 -2.23 30.37
CA LEU C 57 5.03 -0.97 30.90
C LEU C 57 5.65 0.17 30.16
N VAL C 58 4.84 1.21 29.93
CA VAL C 58 5.29 2.46 29.31
C VAL C 58 4.54 3.60 30.01
N VAL C 59 5.07 4.82 29.97
CA VAL C 59 4.45 5.91 30.74
C VAL C 59 4.16 7.14 29.88
N PRO C 60 3.07 7.13 29.09
CA PRO C 60 2.77 8.31 28.28
C PRO C 60 2.18 9.46 29.07
N SER C 61 2.38 10.70 28.58
CA SER C 61 1.63 11.82 29.15
C SER C 61 0.19 11.62 28.65
N THR C 62 -0.79 12.19 29.34
CA THR C 62 -2.20 12.01 28.99
C THR C 62 -2.52 12.38 27.55
N TYR C 63 -1.79 13.37 26.99
CA TYR C 63 -2.06 13.83 25.63
C TYR C 63 -1.57 12.85 24.53
N PHE C 64 -0.99 11.71 24.93
CA PHE C 64 -0.58 10.64 24.02
C PHE C 64 -1.46 9.40 24.17
N VAL C 65 -2.23 9.31 25.27
CA VAL C 65 -2.99 8.09 25.57
C VAL C 65 -4.04 7.73 24.51
N SER C 66 -4.90 8.69 24.12
CA SER C 66 -5.96 8.43 23.13
C SER C 66 -5.36 7.98 21.78
N LYS C 67 -4.29 8.67 21.34
CA LYS C 67 -3.58 8.34 20.09
C LYS C 67 -3.09 6.89 20.15
N MET C 68 -2.37 6.53 21.22
CA MET C 68 -1.80 5.16 21.36
C MET C 68 -2.89 4.08 21.44
N ARG C 69 -3.99 4.37 22.15
CA ARG C 69 -5.12 3.45 22.28
C ARG C 69 -5.73 3.20 20.88
N LYS C 70 -6.04 4.27 20.15
CA LYS C 70 -6.67 4.21 18.81
C LYS C 70 -5.79 3.49 17.79
N GLU C 71 -4.47 3.58 17.96
CA GLU C 71 -3.52 2.91 17.05
C GLU C 71 -3.24 1.45 17.43
N GLY C 72 -3.93 0.94 18.45
CA GLY C 72 -3.78 -0.45 18.90
C GLY C 72 -2.46 -0.72 19.61
N MET C 73 -1.83 0.32 20.18
CA MET C 73 -0.54 0.19 20.85
C MET C 73 -0.59 -0.28 22.30
N LEU C 74 -1.78 -0.18 22.92
CA LEU C 74 -1.97 -0.48 24.33
C LEU C 74 -2.98 -1.59 24.58
N GLN C 75 -2.98 -2.14 25.80
CA GLN C 75 -4.01 -3.11 26.16
C GLN C 75 -4.70 -2.63 27.45
N GLU C 76 -5.89 -3.15 27.69
CA GLU C 76 -6.71 -2.81 28.84
C GLU C 76 -6.07 -3.24 30.15
N ILE C 77 -6.11 -2.33 31.14
CA ILE C 77 -5.54 -2.56 32.47
C ILE C 77 -6.67 -3.08 33.37
N ASP C 78 -6.42 -4.15 34.11
CA ASP C 78 -7.42 -4.76 34.99
C ASP C 78 -7.35 -4.12 36.37
N HIS C 79 -8.35 -3.26 36.71
CA HIS C 79 -8.41 -2.57 38.02
C HIS C 79 -8.51 -3.55 39.21
N SER C 80 -9.05 -4.77 38.98
CA SER C 80 -9.18 -5.78 40.06
C SER C 80 -7.82 -6.29 40.53
N LYS C 81 -6.77 -6.08 39.71
CA LYS C 81 -5.38 -6.47 40.04
C LYS C 81 -4.68 -5.29 40.74
N LEU C 82 -5.40 -4.16 40.92
CA LEU C 82 -4.82 -2.96 41.53
C LEU C 82 -5.54 -2.63 42.81
N SER C 83 -5.07 -3.21 43.93
CA SER C 83 -5.69 -2.99 45.25
C SER C 83 -5.66 -1.51 45.69
N HIS C 84 -4.69 -0.72 45.16
CA HIS C 84 -4.54 0.69 45.50
C HIS C 84 -5.16 1.65 44.49
N PHE C 85 -5.94 1.14 43.51
CA PHE C 85 -6.62 2.01 42.56
C PHE C 85 -7.54 3.01 43.34
N LYS C 86 -8.18 2.52 44.44
CA LYS C 86 -9.06 3.31 45.31
C LYS C 86 -8.35 4.50 45.98
N ASP C 87 -7.00 4.46 46.04
CA ASP C 87 -6.21 5.52 46.68
C ASP C 87 -6.01 6.74 45.76
N LEU C 88 -6.37 6.60 44.47
CA LEU C 88 -6.21 7.68 43.52
C LEU C 88 -7.18 8.82 43.77
N ASP C 89 -6.75 10.05 43.49
CA ASP C 89 -7.59 11.24 43.65
C ASP C 89 -8.64 11.22 42.52
N PRO C 90 -9.95 11.21 42.86
CA PRO C 90 -10.99 11.20 41.80
C PRO C 90 -10.90 12.33 40.78
N ASN C 91 -10.27 13.47 41.15
CA ASN C 91 -10.09 14.65 40.29
C ASN C 91 -9.18 14.39 39.07
N TYR C 92 -8.39 13.30 39.11
CA TYR C 92 -7.46 12.93 38.05
C TYR C 92 -7.91 11.70 37.24
N LEU C 93 -9.12 11.20 37.48
CA LEU C 93 -9.64 9.99 36.84
C LEU C 93 -10.81 10.20 35.90
N ASN C 94 -11.06 9.18 35.01
CA ASN C 94 -12.19 9.11 34.07
C ASN C 94 -12.37 10.38 33.23
N LYS C 95 -11.32 10.73 32.51
CA LYS C 95 -11.31 11.91 31.66
C LYS C 95 -11.57 11.48 30.21
N PRO C 96 -11.98 12.39 29.29
CA PRO C 96 -12.20 11.98 27.89
C PRO C 96 -11.01 11.30 27.20
N PHE C 97 -9.75 11.59 27.61
CA PHE C 97 -8.59 10.93 26.98
C PHE C 97 -8.56 9.42 27.25
N ASP C 98 -9.20 8.97 28.35
CA ASP C 98 -9.25 7.56 28.70
C ASP C 98 -10.43 7.28 29.62
N PRO C 99 -11.67 7.21 29.06
CA PRO C 99 -12.84 6.96 29.91
C PRO C 99 -12.71 5.64 30.67
N GLY C 100 -13.03 5.69 31.96
CA GLY C 100 -12.95 4.57 32.89
C GLY C 100 -11.54 4.09 33.20
N ASN C 101 -10.50 4.86 32.78
CA ASN C 101 -9.09 4.49 32.97
C ASN C 101 -8.83 3.05 32.50
N LYS C 102 -9.37 2.71 31.32
CA LYS C 102 -9.18 1.36 30.77
C LYS C 102 -7.75 1.16 30.28
N PHE C 103 -7.09 2.23 29.82
CA PHE C 103 -5.75 2.12 29.21
C PHE C 103 -4.62 2.85 29.94
N SER C 104 -4.92 3.61 30.99
CA SER C 104 -3.88 4.37 31.67
C SER C 104 -4.23 4.58 33.14
N ILE C 105 -3.20 4.64 33.97
CA ILE C 105 -3.36 4.85 35.42
C ILE C 105 -2.58 6.11 35.81
N PRO C 106 -3.24 7.14 36.43
CA PRO C 106 -2.49 8.33 36.86
C PRO C 106 -1.31 7.97 37.73
N TYR C 107 -0.19 8.62 37.48
CA TYR C 107 1.05 8.25 38.16
C TYR C 107 1.78 9.47 38.73
N ILE C 108 2.11 10.46 37.90
CA ILE C 108 2.79 11.67 38.38
C ILE C 108 2.17 12.84 37.66
N TRP C 109 1.92 13.95 38.37
CA TRP C 109 1.53 15.18 37.69
C TRP C 109 2.57 16.21 38.08
N GLY C 110 2.77 17.17 37.21
CA GLY C 110 3.73 18.23 37.46
C GLY C 110 3.37 19.44 36.66
N ALA C 111 4.26 20.41 36.70
CA ALA C 111 4.03 21.65 36.01
C ALA C 111 5.34 22.26 35.55
N THR C 112 5.27 23.09 34.52
CA THR C 112 6.43 23.79 33.99
C THR C 112 6.22 25.30 34.19
N GLY C 113 7.21 25.92 34.81
CA GLY C 113 7.23 27.36 35.04
C GLY C 113 8.54 27.92 34.57
N ILE C 114 8.91 29.08 35.11
CA ILE C 114 10.16 29.74 34.81
C ILE C 114 11.11 29.41 35.93
N GLY C 115 12.17 28.66 35.61
CA GLY C 115 13.21 28.32 36.56
C GLY C 115 14.12 29.51 36.75
N ILE C 116 14.49 29.80 38.02
CA ILE C 116 15.34 30.95 38.30
C ILE C 116 16.36 30.68 39.37
N ASN C 117 17.56 31.20 39.16
CA ASN C 117 18.61 31.16 40.18
C ASN C 117 18.41 32.48 40.95
N THR C 118 17.92 32.39 42.21
CA THR C 118 17.60 33.57 43.05
C THR C 118 18.84 34.36 43.52
N ASP C 119 20.05 33.80 43.43
CA ASP C 119 21.28 34.52 43.75
C ASP C 119 21.66 35.45 42.57
N MET C 120 21.15 35.13 41.37
CA MET C 120 21.43 35.83 40.13
C MET C 120 20.34 36.82 39.73
N LEU C 121 19.07 36.42 39.92
CA LEU C 121 17.89 37.16 39.47
C LEU C 121 16.84 37.32 40.59
N ASP C 122 16.00 38.36 40.52
CA ASP C 122 14.94 38.58 41.50
C ASP C 122 13.68 37.75 41.12
N LYS C 123 12.98 37.18 42.14
CA LYS C 123 11.76 36.38 41.96
C LYS C 123 10.56 37.17 41.41
N LYS C 124 10.56 38.52 41.51
CA LYS C 124 9.47 39.36 41.02
C LYS C 124 9.82 40.14 39.72
N SER C 125 10.99 39.87 39.11
CA SER C 125 11.40 40.55 37.86
C SER C 125 10.68 40.01 36.60
N LEU C 126 10.54 38.66 36.47
CA LEU C 126 9.86 37.93 35.38
C LEU C 126 8.48 37.47 35.87
N LYS C 127 7.41 37.61 35.05
CA LYS C 127 6.06 37.24 35.49
C LYS C 127 5.25 36.44 34.48
N ASN C 128 5.66 36.44 33.21
CA ASN C 128 4.91 35.74 32.18
C ASN C 128 5.87 35.19 31.13
N TRP C 129 5.39 34.25 30.30
CA TRP C 129 6.22 33.59 29.30
C TRP C 129 6.84 34.58 28.32
N GLY C 130 6.08 35.61 27.93
CA GLY C 130 6.53 36.63 27.00
C GLY C 130 7.77 37.39 27.45
N ASP C 131 7.99 37.44 28.79
CA ASP C 131 9.18 38.09 29.39
C ASP C 131 10.50 37.42 28.93
N LEU C 132 10.43 36.12 28.58
CA LEU C 132 11.60 35.37 28.10
C LEU C 132 12.12 35.88 26.75
N TRP C 133 11.25 36.57 25.99
CA TRP C 133 11.61 37.14 24.69
C TRP C 133 12.41 38.44 24.81
N ASP C 134 12.47 39.08 26.01
CA ASP C 134 13.20 40.35 26.17
C ASP C 134 14.65 40.24 25.68
N ALA C 135 15.14 41.32 25.01
CA ALA C 135 16.50 41.39 24.44
C ALA C 135 17.61 41.09 25.46
N LYS C 136 17.38 41.42 26.75
CA LYS C 136 18.37 41.21 27.82
C LYS C 136 18.74 39.75 28.08
N TRP C 137 17.94 38.79 27.59
CA TRP C 137 18.17 37.36 27.80
C TRP C 137 18.96 36.67 26.66
N ALA C 138 19.67 37.46 25.82
CA ALA C 138 20.46 36.92 24.70
C ALA C 138 21.42 35.82 25.14
N GLY C 139 21.29 34.63 24.55
CA GLY C 139 22.07 33.42 24.81
C GLY C 139 22.09 32.96 26.25
N GLN C 140 20.97 33.16 26.99
CA GLN C 140 20.94 32.85 28.42
C GLN C 140 19.91 31.82 28.91
N LEU C 141 18.94 31.43 28.06
CA LEU C 141 17.87 30.54 28.50
C LEU C 141 18.04 29.06 28.24
N MET C 142 17.41 28.26 29.09
CA MET C 142 17.24 26.84 28.83
C MET C 142 15.75 26.66 28.51
N LEU C 143 15.43 25.89 27.46
CA LEU C 143 14.05 25.55 27.13
C LEU C 143 13.90 24.03 27.30
N MET C 144 12.68 23.54 27.53
CA MET C 144 12.48 22.08 27.59
C MET C 144 12.68 21.52 26.18
N ASP C 145 13.17 20.27 26.06
CA ASP C 145 13.34 19.66 24.75
C ASP C 145 12.04 18.90 24.45
N ASP C 146 10.95 19.68 24.29
CA ASP C 146 9.62 19.11 24.18
C ASP C 146 8.79 20.00 23.27
N ALA C 147 8.38 19.46 22.10
CA ALA C 147 7.62 20.23 21.12
C ALA C 147 6.40 20.92 21.70
N ARG C 148 5.56 20.16 22.41
CA ARG C 148 4.30 20.71 22.95
C ARG C 148 4.53 21.75 24.03
N GLU C 149 5.52 21.55 24.90
CA GLU C 149 5.77 22.56 25.94
C GLU C 149 6.32 23.86 25.35
N VAL C 150 7.27 23.77 24.39
CA VAL C 150 7.85 24.97 23.76
C VAL C 150 6.78 25.73 22.97
N PHE C 151 5.92 24.99 22.22
CA PHE C 151 4.83 25.65 21.50
C PHE C 151 3.80 26.23 22.45
N HIS C 152 3.58 25.57 23.61
CA HIS C 152 2.63 26.03 24.63
C HIS C 152 2.97 27.48 25.05
N ILE C 153 4.26 27.76 25.35
CA ILE C 153 4.64 29.10 25.84
C ILE C 153 4.46 30.18 24.76
N ALA C 154 4.70 29.85 23.47
CA ALA C 154 4.53 30.82 22.38
C ALA C 154 3.06 31.05 22.08
N LEU C 155 2.26 29.94 22.07
CA LEU C 155 0.81 30.06 21.84
C LEU C 155 0.17 30.90 22.95
N SER C 156 0.60 30.67 24.20
CA SER C 156 0.14 31.41 25.36
C SER C 156 0.47 32.92 25.18
N LYS C 157 1.71 33.23 24.77
CA LYS C 157 2.18 34.62 24.53
C LYS C 157 1.30 35.30 23.47
N LEU C 158 0.93 34.54 22.42
CA LEU C 158 0.12 35.07 21.32
C LEU C 158 -1.37 35.14 21.60
N GLY C 159 -1.80 34.60 22.75
CA GLY C 159 -3.20 34.59 23.15
C GLY C 159 -4.01 33.49 22.49
N TYR C 160 -3.33 32.44 21.97
CA TYR C 160 -3.99 31.31 21.35
C TYR C 160 -4.01 30.14 22.33
N SER C 161 -4.87 29.15 22.10
CA SER C 161 -4.87 27.98 22.96
C SER C 161 -3.55 27.20 22.80
N PRO C 162 -2.90 26.82 23.92
CA PRO C 162 -1.69 25.96 23.84
C PRO C 162 -2.01 24.56 23.34
N ASN C 163 -3.33 24.26 23.16
CA ASN C 163 -3.81 22.98 22.65
C ASN C 163 -4.55 23.19 21.31
N THR C 164 -4.19 24.27 20.60
CA THR C 164 -4.83 24.56 19.31
C THR C 164 -4.55 23.48 18.25
N THR C 165 -5.50 23.31 17.34
CA THR C 165 -5.33 22.42 16.19
C THR C 165 -5.40 23.30 14.92
N ASN C 166 -5.37 24.64 15.09
CA ASN C 166 -5.44 25.59 13.98
C ASN C 166 -4.04 25.75 13.37
N PRO C 167 -3.80 25.26 12.14
CA PRO C 167 -2.45 25.37 11.54
C PRO C 167 -1.91 26.79 11.39
N LYS C 168 -2.80 27.80 11.17
CA LYS C 168 -2.38 29.21 11.09
C LYS C 168 -1.78 29.67 12.44
N GLU C 169 -2.42 29.26 13.56
CA GLU C 169 -1.96 29.60 14.90
C GLU C 169 -0.64 28.89 15.23
N ILE C 170 -0.49 27.62 14.83
CA ILE C 170 0.73 26.85 15.08
C ILE C 170 1.88 27.52 14.31
N LYS C 171 1.62 27.94 13.07
CA LYS C 171 2.61 28.63 12.23
C LYS C 171 2.98 29.98 12.88
N ALA C 172 1.99 30.73 13.39
CA ALA C 172 2.25 32.01 14.06
C ALA C 172 3.14 31.78 15.31
N ALA C 173 2.89 30.70 16.08
CA ALA C 173 3.69 30.34 17.26
C ALA C 173 5.12 29.98 16.83
N TYR C 174 5.26 29.30 15.69
CA TYR C 174 6.57 28.95 15.14
C TYR C 174 7.35 30.26 14.82
N ARG C 175 6.71 31.23 14.13
CA ARG C 175 7.36 32.51 13.81
C ARG C 175 7.74 33.26 15.08
N GLU C 176 6.90 33.19 16.13
CA GLU C 176 7.18 33.82 17.42
C GLU C 176 8.38 33.14 18.08
N LEU C 177 8.45 31.80 18.01
CA LEU C 177 9.58 31.05 18.58
C LEU C 177 10.90 31.34 17.87
N LYS C 178 10.86 31.64 16.54
CA LYS C 178 12.06 32.04 15.80
C LYS C 178 12.68 33.31 16.41
N LYS C 179 11.84 34.23 16.94
CA LYS C 179 12.31 35.46 17.59
C LYS C 179 12.91 35.20 18.98
N LEU C 180 12.55 34.06 19.59
CA LEU C 180 13.07 33.68 20.92
C LEU C 180 14.44 32.99 20.81
N MET C 181 14.72 32.32 19.67
CA MET C 181 15.94 31.53 19.47
C MET C 181 17.26 32.27 19.82
N PRO C 182 17.47 33.61 19.53
CA PRO C 182 18.71 34.27 19.98
C PRO C 182 18.92 34.24 21.51
N ASN C 183 17.83 34.03 22.29
CA ASN C 183 17.90 33.95 23.76
C ASN C 183 18.15 32.54 24.30
N VAL C 184 18.05 31.52 23.44
CA VAL C 184 18.16 30.11 23.83
C VAL C 184 19.58 29.59 23.75
N LEU C 185 20.08 29.10 24.90
CA LEU C 185 21.41 28.51 25.00
C LEU C 185 21.29 27.02 24.74
N VAL C 186 20.29 26.35 25.34
CA VAL C 186 20.13 24.89 25.27
C VAL C 186 18.69 24.44 25.42
N PHE C 187 18.38 23.24 24.86
CA PHE C 187 17.12 22.51 25.02
C PHE C 187 17.46 21.29 25.90
N ASN C 188 16.71 21.04 27.00
CA ASN C 188 16.94 19.90 27.91
C ASN C 188 15.66 19.36 28.55
N SER C 189 15.42 18.03 28.43
CA SER C 189 14.28 17.34 29.03
C SER C 189 14.69 16.07 29.81
N ASP C 190 15.99 15.74 29.78
CA ASP C 190 16.45 14.54 30.47
C ASP C 190 16.76 14.82 31.94
N PHE C 191 17.68 15.80 32.19
CA PHE C 191 18.06 16.27 33.52
C PHE C 191 17.99 17.81 33.43
N PRO C 192 16.76 18.37 33.41
CA PRO C 192 16.60 19.83 33.21
C PRO C 192 17.22 20.71 34.28
N ALA C 193 17.50 20.15 35.47
CA ALA C 193 18.12 20.91 36.55
C ALA C 193 19.62 21.10 36.35
N ASN C 194 20.27 20.21 35.56
CA ASN C 194 21.72 20.21 35.36
C ASN C 194 22.29 21.55 34.82
N PRO C 195 21.75 22.20 33.76
CA PRO C 195 22.31 23.51 33.35
C PRO C 195 22.20 24.61 34.44
N TYR C 196 21.15 24.53 35.29
CA TYR C 196 20.98 25.47 36.42
C TYR C 196 22.01 25.15 37.51
N LEU C 197 22.17 23.86 37.85
CA LEU C 197 23.14 23.40 38.86
C LEU C 197 24.59 23.74 38.46
N ALA C 198 24.92 23.63 37.16
CA ALA C 198 26.25 23.92 36.62
C ALA C 198 26.55 25.43 36.48
N GLY C 199 25.52 26.27 36.62
CA GLY C 199 25.64 27.71 36.47
C GLY C 199 25.69 28.14 35.02
N GLU C 200 25.31 27.24 34.09
CA GLU C 200 25.28 27.51 32.65
C GLU C 200 24.13 28.45 32.29
N VAL C 201 23.01 28.32 33.01
CA VAL C 201 21.84 29.18 32.86
C VAL C 201 21.38 29.60 34.26
N SER C 202 20.73 30.77 34.33
CA SER C 202 20.12 31.32 35.56
C SER C 202 18.63 31.38 35.41
N LEU C 203 18.12 31.12 34.18
CA LEU C 203 16.70 31.24 33.87
C LEU C 203 16.32 30.43 32.66
N GLY C 204 15.03 30.16 32.55
CA GLY C 204 14.45 29.43 31.43
C GLY C 204 13.23 28.66 31.86
N MET C 205 12.81 27.66 31.06
CA MET C 205 11.70 26.81 31.44
C MET C 205 12.25 25.77 32.42
N LEU C 206 11.42 25.31 33.36
CA LEU C 206 11.84 24.26 34.30
C LEU C 206 10.65 23.57 34.90
N TRP C 207 10.74 22.24 35.02
CA TRP C 207 9.72 21.43 35.68
C TRP C 207 9.86 21.66 37.20
N ASN C 208 8.73 21.65 37.92
CA ASN C 208 8.73 21.85 39.38
C ASN C 208 9.62 20.81 40.10
N GLY C 209 9.53 19.54 39.70
CA GLY C 209 10.33 18.48 40.32
C GLY C 209 11.83 18.66 40.14
N SER C 210 12.25 19.04 38.90
CA SER C 210 13.66 19.32 38.58
C SER C 210 14.21 20.44 39.48
N ALA C 211 13.44 21.53 39.66
CA ALA C 211 13.87 22.63 40.53
C ALA C 211 14.04 22.16 41.98
N TYR C 212 13.12 21.33 42.48
CA TYR C 212 13.20 20.77 43.84
C TYR C 212 14.48 19.95 43.99
N MET C 213 14.77 19.08 43.02
CA MET C 213 15.98 18.28 43.03
C MET C 213 17.26 19.16 43.08
N ALA C 214 17.26 20.30 42.36
CA ALA C 214 18.37 21.27 42.38
C ALA C 214 18.51 21.87 43.80
N ARG C 215 17.37 22.20 44.46
CA ARG C 215 17.38 22.74 45.83
C ARG C 215 17.90 21.73 46.84
N GLN C 216 17.60 20.43 46.63
CA GLN C 216 18.07 19.33 47.48
C GLN C 216 19.59 19.18 47.43
N GLU C 217 20.21 19.61 46.33
CA GLU C 217 21.67 19.63 46.12
C GLU C 217 22.29 20.93 46.67
N GLY C 218 21.46 21.82 47.21
CA GLY C 218 21.87 23.09 47.81
C GLY C 218 21.83 24.32 46.90
N ALA C 219 21.35 24.16 45.66
CA ALA C 219 21.29 25.27 44.69
C ALA C 219 20.04 26.16 44.88
N PRO C 220 20.16 27.50 44.73
CA PRO C 220 18.99 28.36 44.94
C PRO C 220 18.09 28.43 43.68
N ILE C 221 17.57 27.28 43.26
CA ILE C 221 16.74 27.22 42.06
C ILE C 221 15.27 27.19 42.42
N GLN C 222 14.55 28.27 42.13
CA GLN C 222 13.13 28.37 42.40
C GLN C 222 12.32 28.37 41.11
N ILE C 223 11.00 28.28 41.24
CA ILE C 223 10.08 28.37 40.11
C ILE C 223 9.26 29.67 40.26
N ILE C 224 9.17 30.43 39.17
CA ILE C 224 8.28 31.57 39.03
C ILE C 224 7.12 31.00 38.20
N TRP C 225 5.90 31.09 38.72
CA TRP C 225 4.76 30.58 37.96
C TRP C 225 4.24 31.67 37.07
N PRO C 226 4.31 31.52 35.72
CA PRO C 226 3.73 32.54 34.83
C PRO C 226 2.28 32.80 35.20
N GLU C 227 1.91 34.08 35.27
CA GLU C 227 0.57 34.50 35.69
C GLU C 227 -0.54 33.84 34.87
N LYS C 228 -0.28 33.62 33.59
CA LYS C 228 -1.17 32.95 32.67
C LYS C 228 -0.37 31.90 31.90
N GLY C 229 -1.02 30.81 31.50
CA GLY C 229 -0.38 29.81 30.66
C GLY C 229 0.62 28.90 31.30
N THR C 230 0.63 28.79 32.66
CA THR C 230 1.52 27.79 33.28
C THR C 230 1.17 26.43 32.67
N ILE C 231 2.17 25.59 32.40
CA ILE C 231 1.96 24.27 31.81
C ILE C 231 1.67 23.24 32.90
N PHE C 232 0.56 22.51 32.79
CA PHE C 232 0.21 21.41 33.70
C PHE C 232 0.21 20.15 32.86
N TRP C 233 0.75 19.05 33.39
CA TRP C 233 0.77 17.79 32.67
C TRP C 233 0.67 16.62 33.62
N MET C 234 0.25 15.48 33.08
CA MET C 234 0.17 14.26 33.88
C MET C 234 0.69 13.11 33.06
N ASP C 235 1.51 12.28 33.70
CA ASP C 235 2.07 11.06 33.16
C ASP C 235 1.31 9.90 33.81
N SER C 236 0.92 8.94 32.98
CA SER C 236 0.15 7.80 33.42
C SER C 236 0.83 6.56 32.98
N ILE C 237 0.61 5.45 33.71
CA ILE C 237 1.22 4.17 33.35
C ILE C 237 0.26 3.40 32.45
N SER C 238 0.81 2.79 31.38
CA SER C 238 0.06 1.99 30.41
C SER C 238 0.77 0.68 30.14
N ILE C 239 0.04 -0.30 29.61
CA ILE C 239 0.57 -1.61 29.30
C ILE C 239 0.56 -1.79 27.78
N PRO C 240 1.74 -1.90 27.12
CA PRO C 240 1.75 -2.07 25.66
C PRO C 240 1.04 -3.34 25.21
N ALA C 241 0.47 -3.27 24.01
CA ALA C 241 -0.25 -4.40 23.39
C ALA C 241 0.51 -5.73 23.39
N GLY C 242 1.81 -5.74 23.08
CA GLY C 242 2.53 -7.00 23.01
C GLY C 242 3.15 -7.50 24.31
N ALA C 243 2.81 -6.87 25.47
CA ALA C 243 3.42 -7.20 26.77
C ALA C 243 3.38 -8.70 27.08
N LYS C 244 4.53 -9.28 27.47
CA LYS C 244 4.61 -10.72 27.80
C LYS C 244 4.43 -10.96 29.28
N ASN C 245 4.68 -9.94 30.12
CA ASN C 245 4.63 -10.07 31.58
C ASN C 245 3.55 -9.19 32.19
N ILE C 246 2.30 -9.54 31.89
CA ILE C 246 1.09 -8.80 32.28
C ILE C 246 0.88 -8.80 33.80
N GLU C 247 1.14 -9.94 34.48
CA GLU C 247 0.98 -10.00 35.95
C GLU C 247 2.03 -9.13 36.64
N ALA C 248 3.29 -9.19 36.17
CA ALA C 248 4.37 -8.35 36.68
C ALA C 248 4.03 -6.87 36.47
N ALA C 249 3.44 -6.52 35.29
CA ALA C 249 3.04 -5.15 34.96
C ALA C 249 2.04 -4.60 35.98
N HIS C 250 1.00 -5.36 36.31
CA HIS C 250 0.00 -4.93 37.28
C HIS C 250 0.58 -4.84 38.70
N LYS C 251 1.51 -5.77 39.03
CA LYS C 251 2.18 -5.77 40.34
C LYS C 251 3.00 -4.49 40.51
N MET C 252 3.69 -4.04 39.43
CA MET C 252 4.47 -2.80 39.49
C MET C 252 3.57 -1.57 39.61
N ILE C 253 2.49 -1.51 38.82
CA ILE C 253 1.56 -0.37 38.92
C ILE C 253 1.05 -0.27 40.38
N ASP C 254 0.55 -1.41 40.94
CA ASP C 254 0.03 -1.41 42.30
C ASP C 254 1.09 -1.05 43.35
N PHE C 255 2.33 -1.47 43.14
CA PHE C 255 3.47 -1.15 44.00
C PHE C 255 3.69 0.40 44.02
N LEU C 256 3.66 1.04 42.85
CA LEU C 256 3.84 2.49 42.72
C LEU C 256 2.64 3.26 43.27
N LEU C 257 1.42 2.67 43.20
CA LEU C 257 0.22 3.29 43.74
C LEU C 257 0.15 3.22 45.27
N ARG C 258 0.88 2.27 45.88
CA ARG C 258 0.91 2.10 47.34
C ARG C 258 1.22 3.48 47.96
N PRO C 259 0.29 4.03 48.76
CA PRO C 259 0.49 5.39 49.31
C PRO C 259 1.85 5.67 49.95
N GLU C 260 2.40 4.72 50.76
CA GLU C 260 3.71 4.89 51.38
C GLU C 260 4.82 5.02 50.33
N ASN C 261 4.69 4.27 49.21
CA ASN C 261 5.66 4.32 48.10
C ASN C 261 5.52 5.62 47.31
N ALA C 262 4.30 5.99 46.90
CA ALA C 262 4.07 7.22 46.13
C ALA C 262 4.54 8.45 46.93
N ALA C 263 4.28 8.50 48.26
CA ALA C 263 4.73 9.61 49.10
C ALA C 263 6.26 9.67 49.24
N LYS C 264 6.91 8.53 49.52
CA LYS C 264 8.36 8.45 49.71
C LYS C 264 9.07 8.89 48.43
N ILE C 265 8.58 8.42 47.28
CA ILE C 265 9.17 8.76 45.99
C ILE C 265 8.98 10.25 45.72
N ALA C 266 7.75 10.78 45.97
CA ALA C 266 7.45 12.21 45.79
C ALA C 266 8.49 13.08 46.51
N LEU C 267 8.85 12.72 47.76
CA LEU C 267 9.85 13.45 48.56
C LEU C 267 11.25 13.39 47.97
N GLU C 268 11.54 12.34 47.20
CA GLU C 268 12.84 12.15 46.59
C GLU C 268 12.94 12.84 45.22
N ILE C 269 11.86 12.86 44.44
CA ILE C 269 11.89 13.39 43.06
C ILE C 269 11.32 14.79 42.88
N GLY C 270 10.57 15.28 43.88
CA GLY C 270 10.01 16.62 43.90
C GLY C 270 8.75 16.87 43.12
N TYR C 271 8.06 15.81 42.72
CA TYR C 271 6.83 15.97 41.95
C TYR C 271 5.59 15.70 42.76
N PRO C 272 4.49 16.39 42.44
CA PRO C 272 3.23 16.06 43.07
C PRO C 272 2.78 14.65 42.70
N THR C 273 1.82 14.16 43.46
CA THR C 273 1.27 12.83 43.21
C THR C 273 -0.27 12.86 43.08
N PRO C 274 -0.85 12.11 42.10
CA PRO C 274 -2.31 12.02 41.99
C PRO C 274 -2.88 10.97 42.95
N VAL C 275 -2.01 10.33 43.77
CA VAL C 275 -2.44 9.31 44.75
C VAL C 275 -2.88 10.11 45.99
N LYS C 276 -4.20 10.24 46.17
CA LYS C 276 -4.82 11.04 47.23
C LYS C 276 -4.33 10.66 48.63
N THR C 277 -4.31 9.35 48.93
CA THR C 277 -3.87 8.82 50.23
C THR C 277 -2.41 9.22 50.51
N ALA C 278 -1.57 9.20 49.44
CA ALA C 278 -0.13 9.55 49.49
C ALA C 278 0.06 11.04 49.68
N HIS C 279 -0.72 11.87 48.92
CA HIS C 279 -0.66 13.33 49.04
C HIS C 279 -0.91 13.73 50.51
N ASP C 280 -1.87 13.05 51.17
CA ASP C 280 -2.21 13.30 52.57
C ASP C 280 -1.09 12.91 53.56
N LEU C 281 -0.18 12.00 53.17
CA LEU C 281 0.97 11.56 53.98
C LEU C 281 2.16 12.53 53.89
N LEU C 282 2.13 13.50 52.94
CA LEU C 282 3.24 14.42 52.69
C LEU C 282 3.48 15.47 53.78
N PRO C 283 4.76 15.75 54.14
CA PRO C 283 5.03 16.80 55.14
C PRO C 283 4.60 18.17 54.64
N LYS C 284 4.20 19.03 55.57
CA LYS C 284 3.74 20.40 55.30
C LYS C 284 4.75 21.22 54.50
N GLU C 285 6.07 21.03 54.75
CA GLU C 285 7.19 21.69 54.07
C GLU C 285 7.19 21.39 52.58
N PHE C 286 6.80 20.18 52.21
CA PHE C 286 6.72 19.78 50.82
C PHE C 286 5.40 20.23 50.21
N ALA C 287 4.28 19.87 50.86
CA ALA C 287 2.92 20.20 50.41
C ALA C 287 2.67 21.71 50.23
N ASN C 288 3.35 22.54 51.03
CA ASN C 288 3.20 23.99 50.97
C ASN C 288 4.37 24.72 50.29
N ASP C 289 5.28 23.97 49.62
CA ASP C 289 6.42 24.55 48.90
C ASP C 289 5.87 25.28 47.66
N PRO C 290 6.00 26.64 47.62
CA PRO C 290 5.43 27.40 46.48
C PRO C 290 6.06 27.11 45.14
N SER C 291 7.31 26.61 45.11
CA SER C 291 7.94 26.24 43.84
C SER C 291 7.48 24.85 43.35
N ILE C 292 6.75 24.07 44.19
CA ILE C 292 6.19 22.76 43.77
C ILE C 292 4.73 22.92 43.38
N TYR C 293 3.91 23.43 44.34
CA TYR C 293 2.46 23.57 44.20
C TYR C 293 2.08 24.97 43.83
N PRO C 294 1.57 25.14 42.59
CA PRO C 294 1.18 26.47 42.13
C PRO C 294 -0.05 27.06 42.84
N PRO C 295 -0.10 28.39 43.02
CA PRO C 295 -1.28 29.02 43.64
C PRO C 295 -2.54 28.84 42.79
N GLN C 296 -3.74 28.98 43.40
CA GLN C 296 -5.03 28.83 42.72
C GLN C 296 -5.15 29.71 41.47
N SER C 297 -4.70 30.98 41.53
CA SER C 297 -4.76 31.89 40.37
C SER C 297 -3.97 31.34 39.17
N VAL C 298 -2.82 30.74 39.45
CA VAL C 298 -1.94 30.12 38.44
C VAL C 298 -2.63 28.90 37.81
N ILE C 299 -3.32 28.09 38.65
CA ILE C 299 -4.10 26.92 38.21
C ILE C 299 -5.22 27.39 37.26
N ASP C 300 -6.04 28.33 37.71
CA ASP C 300 -7.17 28.87 36.97
C ASP C 300 -6.80 29.47 35.61
N ASN C 301 -5.62 30.12 35.52
CA ASN C 301 -5.16 30.78 34.29
C ASN C 301 -4.18 29.96 33.47
N GLY C 302 -3.87 28.75 33.94
CA GLY C 302 -2.95 27.84 33.28
C GLY C 302 -3.68 26.83 32.41
N GLU C 303 -2.96 25.89 31.79
CA GLU C 303 -3.61 24.89 30.93
C GLU C 303 -2.97 23.54 31.04
N TRP C 304 -3.81 22.49 31.12
CA TRP C 304 -3.32 21.12 31.06
C TRP C 304 -3.00 20.84 29.60
N GLN C 305 -1.87 20.15 29.36
CA GLN C 305 -1.49 19.76 28.01
C GLN C 305 -2.49 18.71 27.54
N ASP C 306 -3.12 18.98 26.40
CA ASP C 306 -4.15 18.11 25.86
C ASP C 306 -3.78 17.60 24.48
N GLU C 307 -4.48 16.54 24.03
CA GLU C 307 -4.30 15.97 22.70
C GLU C 307 -4.65 17.03 21.64
N VAL C 308 -3.99 16.95 20.49
CA VAL C 308 -4.21 17.86 19.36
C VAL C 308 -4.53 17.06 18.10
N GLY C 309 -4.98 15.82 18.30
CA GLY C 309 -5.27 14.90 17.21
C GLY C 309 -4.09 14.79 16.25
N GLU C 310 -4.43 14.82 14.97
CA GLU C 310 -3.46 14.72 13.89
C GLU C 310 -2.59 15.94 13.73
N ALA C 311 -2.92 17.08 14.42
CA ALA C 311 -2.08 18.30 14.36
C ALA C 311 -0.71 18.07 15.06
N SER C 312 -0.55 16.94 15.82
CA SER C 312 0.70 16.60 16.49
C SER C 312 1.87 16.62 15.49
N VAL C 313 1.62 16.21 14.23
CA VAL C 313 2.66 16.19 13.18
C VAL C 313 3.19 17.61 12.88
N LEU C 314 2.31 18.64 12.88
CA LEU C 314 2.75 20.04 12.64
C LEU C 314 3.61 20.55 13.77
N TYR C 315 3.20 20.31 15.03
CA TYR C 315 3.99 20.71 16.20
C TYR C 315 5.39 20.10 16.09
N ASP C 316 5.47 18.80 15.76
CA ASP C 316 6.77 18.14 15.61
C ASP C 316 7.61 18.72 14.48
N GLU C 317 7.01 18.90 13.28
CA GLU C 317 7.71 19.43 12.11
C GLU C 317 8.29 20.81 12.41
N TYR C 318 7.47 21.73 12.96
CA TYR C 318 7.95 23.09 13.27
C TYR C 318 8.96 23.11 14.40
N PHE C 319 8.81 22.23 15.41
CA PHE C 319 9.76 22.21 16.53
C PHE C 319 11.14 21.72 16.02
N GLN C 320 11.14 20.71 15.12
CA GLN C 320 12.39 20.22 14.53
C GLN C 320 13.06 21.34 13.70
N LYS C 321 12.25 22.12 12.93
CA LYS C 321 12.73 23.26 12.11
C LYS C 321 13.39 24.32 13.00
N LEU C 322 12.79 24.58 14.17
CA LEU C 322 13.29 25.52 15.17
C LEU C 322 14.69 25.14 15.68
N LYS C 323 14.88 23.87 16.07
CA LYS C 323 16.11 23.34 16.62
C LYS C 323 17.24 23.26 15.58
N VAL C 324 16.90 23.06 14.29
CA VAL C 324 17.88 22.93 13.20
C VAL C 324 18.28 24.26 12.60
N ASN C 325 17.54 25.36 12.92
CA ASN C 325 17.75 26.74 12.46
C ASN C 325 18.03 26.85 10.95
N LYS D 4 -1.46 33.37 -13.11
CA LYS D 4 -2.34 32.58 -12.26
C LYS D 4 -3.84 32.75 -12.58
N ASP D 5 -4.67 31.78 -12.13
CA ASP D 5 -6.13 31.76 -12.28
C ASP D 5 -6.62 31.71 -13.75
N GLN D 6 -5.76 31.22 -14.69
CA GLN D 6 -6.11 30.97 -16.10
C GLN D 6 -6.41 29.45 -16.23
N GLU D 7 -6.01 28.69 -15.20
CA GLU D 7 -6.26 27.25 -15.13
C GLU D 7 -6.69 26.83 -13.74
N LEU D 8 -7.19 25.60 -13.64
CA LEU D 8 -7.67 25.05 -12.38
C LEU D 8 -7.34 23.56 -12.31
N TYR D 9 -6.57 23.14 -11.31
CA TYR D 9 -6.27 21.72 -11.08
C TYR D 9 -7.32 21.20 -10.10
N PHE D 10 -8.20 20.34 -10.58
CA PHE D 10 -9.34 19.86 -9.79
C PHE D 10 -9.30 18.36 -9.68
N TYR D 11 -9.18 17.88 -8.43
CA TYR D 11 -9.08 16.45 -8.10
C TYR D 11 -10.42 16.07 -7.40
N ASN D 12 -11.19 15.17 -8.03
CA ASN D 12 -12.52 14.86 -7.51
C ASN D 12 -12.82 13.38 -7.61
N TRP D 13 -13.94 12.97 -7.04
CA TRP D 13 -14.42 11.59 -7.17
C TRP D 13 -14.84 11.38 -8.64
N SER D 14 -14.83 10.13 -9.11
CA SER D 14 -15.33 9.84 -10.45
C SER D 14 -16.86 10.13 -10.52
N GLU D 15 -17.39 10.29 -11.73
CA GLU D 15 -18.83 10.40 -12.03
C GLU D 15 -19.59 11.65 -11.57
N TYR D 16 -19.02 12.47 -10.70
CA TYR D 16 -19.69 13.66 -10.18
C TYR D 16 -19.93 14.80 -11.17
N ILE D 17 -18.96 15.07 -12.06
CA ILE D 17 -19.11 16.20 -12.98
C ILE D 17 -19.09 15.74 -14.43
N PRO D 18 -20.27 15.84 -15.11
CA PRO D 18 -20.32 15.51 -16.55
C PRO D 18 -19.35 16.40 -17.33
N SER D 19 -18.74 15.84 -18.38
CA SER D 19 -17.76 16.55 -19.22
C SER D 19 -18.31 17.88 -19.76
N GLU D 20 -19.62 17.93 -20.11
CA GLU D 20 -20.26 19.14 -20.66
C GLU D 20 -20.32 20.28 -19.62
N VAL D 21 -20.40 19.91 -18.32
CA VAL D 21 -20.43 20.88 -17.23
C VAL D 21 -19.06 21.59 -17.08
N LEU D 22 -17.94 20.83 -17.22
CA LEU D 22 -16.59 21.42 -17.19
C LEU D 22 -16.40 22.32 -18.40
N GLU D 23 -16.93 21.90 -19.58
CA GLU D 23 -16.88 22.68 -20.81
C GLU D 23 -17.62 24.00 -20.58
N ASP D 24 -18.80 23.94 -19.90
CA ASP D 24 -19.61 25.12 -19.61
C ASP D 24 -18.87 26.08 -18.70
N PHE D 25 -18.15 25.54 -17.66
CA PHE D 25 -17.37 26.38 -16.76
C PHE D 25 -16.28 27.14 -17.57
N THR D 26 -15.54 26.42 -18.44
CA THR D 26 -14.47 27.00 -19.27
C THR D 26 -15.03 28.06 -20.24
N LYS D 27 -16.22 27.80 -20.81
CA LYS D 27 -16.87 28.75 -21.71
C LYS D 27 -17.21 30.06 -20.97
N GLU D 28 -17.76 29.93 -19.76
CA GLU D 28 -18.18 31.05 -18.93
C GLU D 28 -17.02 31.90 -18.38
N THR D 29 -15.94 31.25 -17.94
CA THR D 29 -14.83 31.90 -17.25
C THR D 29 -13.53 32.08 -18.03
N GLY D 30 -13.33 31.26 -19.06
CA GLY D 30 -12.07 31.24 -19.82
C GLY D 30 -11.01 30.40 -19.11
N ILE D 31 -11.35 29.80 -17.94
CA ILE D 31 -10.43 29.00 -17.13
C ILE D 31 -10.40 27.54 -17.60
N LYS D 32 -9.21 27.05 -17.97
CA LYS D 32 -8.98 25.67 -18.39
C LYS D 32 -8.97 24.77 -17.13
N VAL D 33 -9.71 23.66 -17.16
CA VAL D 33 -9.73 22.74 -16.01
C VAL D 33 -8.88 21.52 -16.31
N ILE D 34 -7.88 21.25 -15.46
CA ILE D 34 -7.04 20.06 -15.54
C ILE D 34 -7.68 19.15 -14.49
N TYR D 35 -8.53 18.24 -14.96
CA TYR D 35 -9.37 17.41 -14.12
C TYR D 35 -8.82 16.00 -13.95
N SER D 36 -8.85 15.48 -12.74
CA SER D 36 -8.44 14.11 -12.48
C SER D 36 -9.28 13.52 -11.37
N THR D 37 -9.33 12.21 -11.28
CA THR D 37 -10.24 11.59 -10.32
C THR D 37 -9.60 10.56 -9.41
N TYR D 38 -10.29 10.28 -8.32
CA TYR D 38 -9.90 9.24 -7.37
C TYR D 38 -11.16 8.44 -6.99
N GLU D 39 -10.93 7.25 -6.44
CA GLU D 39 -12.01 6.33 -6.08
C GLU D 39 -12.25 6.28 -4.58
N SER D 40 -11.36 6.89 -3.75
CA SER D 40 -11.54 6.84 -2.30
C SER D 40 -10.84 8.00 -1.63
N ASN D 41 -11.29 8.33 -0.41
CA ASN D 41 -10.60 9.35 0.40
C ASN D 41 -9.15 8.89 0.68
N GLU D 42 -8.97 7.59 0.90
CA GLU D 42 -7.65 7.04 1.27
C GLU D 42 -6.65 7.24 0.14
N SER D 43 -7.08 7.03 -1.11
CA SER D 43 -6.23 7.23 -2.29
C SER D 43 -5.96 8.72 -2.49
N MET D 44 -7.00 9.56 -2.37
CA MET D 44 -6.86 11.03 -2.49
C MET D 44 -5.82 11.53 -1.48
N TYR D 45 -5.99 11.12 -0.20
CA TYR D 45 -5.14 11.55 0.89
C TYR D 45 -3.68 11.12 0.67
N ALA D 46 -3.47 9.85 0.31
CA ALA D 46 -2.12 9.33 0.10
C ALA D 46 -1.42 10.12 -0.99
N LYS D 47 -2.18 10.53 -2.00
CA LYS D 47 -1.65 11.29 -3.12
C LYS D 47 -1.20 12.65 -2.66
N LEU D 48 -2.06 13.36 -1.91
CA LEU D 48 -1.72 14.70 -1.44
C LEU D 48 -0.51 14.65 -0.51
N LYS D 49 -0.36 13.55 0.24
CA LYS D 49 0.80 13.38 1.13
C LYS D 49 2.14 13.24 0.42
N THR D 50 2.17 12.46 -0.65
CA THR D 50 3.43 12.26 -1.37
C THR D 50 3.66 13.29 -2.45
N GLN D 51 2.58 13.69 -3.14
CA GLN D 51 2.72 14.62 -4.28
C GLN D 51 2.84 16.07 -3.85
N GLY D 52 2.28 16.44 -2.70
CA GLY D 52 2.39 17.80 -2.20
C GLY D 52 1.57 18.82 -2.98
N ALA D 53 2.07 20.09 -3.08
CA ALA D 53 1.36 21.18 -3.72
C ALA D 53 1.04 20.94 -5.18
N GLY D 54 -0.15 21.37 -5.58
CA GLY D 54 -0.53 21.32 -6.97
C GLY D 54 -2.01 21.45 -7.26
N TYR D 55 -2.86 20.79 -6.44
CA TYR D 55 -4.29 20.87 -6.68
C TYR D 55 -4.88 22.15 -6.14
N ASP D 56 -5.83 22.69 -6.87
CA ASP D 56 -6.53 23.88 -6.45
C ASP D 56 -7.81 23.52 -5.70
N LEU D 57 -8.36 22.33 -6.01
CA LEU D 57 -9.59 21.83 -5.37
C LEU D 57 -9.45 20.35 -5.13
N VAL D 58 -9.99 19.89 -4.00
CA VAL D 58 -10.03 18.47 -3.64
C VAL D 58 -11.39 18.25 -2.97
N VAL D 59 -11.90 17.01 -2.96
CA VAL D 59 -13.26 16.79 -2.46
C VAL D 59 -13.30 15.69 -1.39
N PRO D 60 -12.92 16.00 -0.15
CA PRO D 60 -12.96 14.94 0.88
C PRO D 60 -14.36 14.66 1.40
N SER D 61 -14.59 13.42 1.87
CA SER D 61 -15.83 13.12 2.62
C SER D 61 -15.64 13.81 3.98
N THR D 62 -16.74 14.10 4.68
CA THR D 62 -16.66 14.85 5.93
C THR D 62 -15.76 14.21 6.99
N TYR D 63 -15.64 12.87 6.98
CA TYR D 63 -14.84 12.14 7.94
C TYR D 63 -13.32 12.25 7.68
N PHE D 64 -12.92 12.98 6.63
CA PHE D 64 -11.51 13.29 6.34
C PHE D 64 -11.19 14.76 6.56
N VAL D 65 -12.22 15.62 6.64
CA VAL D 65 -11.99 17.07 6.71
C VAL D 65 -11.18 17.50 7.93
N SER D 66 -11.57 17.06 9.13
CA SER D 66 -10.88 17.48 10.36
C SER D 66 -9.40 17.03 10.34
N LYS D 67 -9.14 15.79 9.90
CA LYS D 67 -7.79 15.22 9.80
C LYS D 67 -6.93 16.10 8.86
N MET D 68 -7.44 16.37 7.65
CA MET D 68 -6.72 17.19 6.67
C MET D 68 -6.46 18.62 7.15
N ARG D 69 -7.46 19.21 7.83
CA ARG D 69 -7.32 20.57 8.38
C ARG D 69 -6.20 20.59 9.43
N LYS D 70 -6.24 19.66 10.40
CA LYS D 70 -5.25 19.55 11.49
C LYS D 70 -3.83 19.30 10.98
N GLU D 71 -3.71 18.60 9.85
CA GLU D 71 -2.40 18.29 9.28
C GLU D 71 -1.87 19.38 8.34
N GLY D 72 -2.57 20.52 8.27
CA GLY D 72 -2.16 21.67 7.47
C GLY D 72 -2.29 21.44 5.95
N MET D 73 -3.16 20.50 5.55
CA MET D 73 -3.34 20.14 4.13
C MET D 73 -4.29 21.06 3.35
N LEU D 74 -5.10 21.85 4.10
CA LEU D 74 -6.12 22.70 3.50
C LEU D 74 -5.94 24.17 3.85
N GLN D 75 -6.62 25.03 3.13
CA GLN D 75 -6.62 26.45 3.48
C GLN D 75 -8.05 26.95 3.64
N GLU D 76 -8.22 28.07 4.36
CA GLU D 76 -9.53 28.66 4.61
C GLU D 76 -10.20 29.15 3.35
N ILE D 77 -11.49 28.85 3.21
CA ILE D 77 -12.31 29.22 2.07
C ILE D 77 -13.00 30.57 2.41
N ASP D 78 -12.93 31.51 1.48
CA ASP D 78 -13.51 32.85 1.67
C ASP D 78 -14.97 32.86 1.20
N HIS D 79 -15.94 32.85 2.16
CA HIS D 79 -17.38 32.84 1.83
C HIS D 79 -17.82 34.07 1.02
N SER D 80 -17.10 35.20 1.15
CA SER D 80 -17.43 36.44 0.41
C SER D 80 -17.22 36.27 -1.09
N LYS D 81 -16.42 35.24 -1.48
CA LYS D 81 -16.19 34.93 -2.90
C LYS D 81 -17.23 33.91 -3.40
N LEU D 82 -18.13 33.47 -2.52
CA LEU D 82 -19.16 32.49 -2.87
C LEU D 82 -20.54 33.12 -2.76
N SER D 83 -21.01 33.74 -3.85
CA SER D 83 -22.32 34.41 -3.88
C SER D 83 -23.48 33.44 -3.60
N HIS D 84 -23.29 32.14 -3.88
CA HIS D 84 -24.32 31.12 -3.67
C HIS D 84 -24.18 30.37 -2.33
N PHE D 85 -23.31 30.85 -1.41
CA PHE D 85 -23.20 30.22 -0.09
C PHE D 85 -24.58 30.22 0.62
N LYS D 86 -25.36 31.33 0.42
CA LYS D 86 -26.71 31.51 0.97
C LYS D 86 -27.72 30.44 0.48
N ASP D 87 -27.42 29.78 -0.67
CA ASP D 87 -28.29 28.74 -1.23
C ASP D 87 -28.12 27.37 -0.56
N LEU D 88 -27.10 27.20 0.28
CA LEU D 88 -26.86 25.93 0.95
C LEU D 88 -27.89 25.67 2.03
N ASP D 89 -28.22 24.38 2.23
CA ASP D 89 -29.19 23.96 3.23
C ASP D 89 -28.50 24.08 4.60
N PRO D 90 -29.06 24.89 5.54
CA PRO D 90 -28.45 25.03 6.87
C PRO D 90 -28.25 23.71 7.63
N ASN D 91 -29.08 22.68 7.35
CA ASN D 91 -29.01 21.37 7.99
C ASN D 91 -27.69 20.63 7.72
N TYR D 92 -26.94 21.03 6.68
CA TYR D 92 -25.66 20.40 6.29
C TYR D 92 -24.45 21.26 6.58
N LEU D 93 -24.68 22.44 7.20
CA LEU D 93 -23.61 23.39 7.51
C LEU D 93 -23.21 23.38 8.97
N ASN D 94 -22.02 23.96 9.26
CA ASN D 94 -21.55 24.26 10.61
C ASN D 94 -21.63 23.08 11.58
N LYS D 95 -21.01 21.98 11.16
CA LYS D 95 -20.94 20.75 11.95
C LYS D 95 -19.61 20.71 12.70
N PRO D 96 -19.47 19.86 13.76
CA PRO D 96 -18.18 19.80 14.47
C PRO D 96 -16.96 19.45 13.61
N PHE D 97 -17.14 18.71 12.47
CA PHE D 97 -15.97 18.40 11.61
C PHE D 97 -15.36 19.65 10.96
N ASP D 98 -16.18 20.72 10.80
CA ASP D 98 -15.72 21.97 10.20
C ASP D 98 -16.60 23.14 10.66
N PRO D 99 -16.43 23.61 11.90
CA PRO D 99 -17.25 24.74 12.38
C PRO D 99 -17.10 25.98 11.51
N GLY D 100 -18.24 26.60 11.18
CA GLY D 100 -18.31 27.77 10.32
C GLY D 100 -17.96 27.53 8.87
N ASN D 101 -17.78 26.24 8.46
CA ASN D 101 -17.40 25.89 7.08
C ASN D 101 -16.15 26.68 6.64
N LYS D 102 -15.14 26.73 7.52
CA LYS D 102 -13.91 27.46 7.19
C LYS D 102 -13.09 26.70 6.14
N PHE D 103 -13.16 25.35 6.14
CA PHE D 103 -12.32 24.51 5.29
C PHE D 103 -13.03 23.64 4.27
N SER D 104 -14.37 23.62 4.30
CA SER D 104 -15.11 22.73 3.39
C SER D 104 -16.49 23.27 3.06
N ILE D 105 -16.96 22.99 1.85
CA ILE D 105 -18.27 23.44 1.38
C ILE D 105 -19.08 22.20 1.02
N PRO D 106 -20.30 21.97 1.62
CA PRO D 106 -21.11 20.80 1.23
C PRO D 106 -21.36 20.78 -0.27
N TYR D 107 -21.26 19.58 -0.83
CA TYR D 107 -21.32 19.47 -2.28
C TYR D 107 -22.28 18.39 -2.72
N ILE D 108 -22.08 17.13 -2.26
CA ILE D 108 -22.98 16.02 -2.62
C ILE D 108 -23.14 15.16 -1.37
N TRP D 109 -24.35 14.66 -1.10
CA TRP D 109 -24.50 13.67 -0.02
C TRP D 109 -25.19 12.46 -0.64
N GLY D 110 -24.99 11.32 -0.03
CA GLY D 110 -25.55 10.10 -0.60
C GLY D 110 -25.58 8.98 0.42
N ALA D 111 -25.89 7.78 -0.08
CA ALA D 111 -25.99 6.63 0.81
C ALA D 111 -25.61 5.34 0.09
N THR D 112 -25.22 4.33 0.87
CA THR D 112 -24.87 3.02 0.34
C THR D 112 -25.85 2.00 0.89
N GLY D 113 -26.45 1.24 -0.02
CA GLY D 113 -27.36 0.15 0.33
C GLY D 113 -26.95 -1.12 -0.39
N ILE D 114 -27.89 -2.05 -0.54
CA ILE D 114 -27.65 -3.29 -1.26
C ILE D 114 -28.19 -3.09 -2.68
N GLY D 115 -27.29 -3.16 -3.66
CA GLY D 115 -27.66 -3.08 -5.07
C GLY D 115 -28.15 -4.44 -5.54
N ILE D 116 -29.24 -4.48 -6.32
CA ILE D 116 -29.78 -5.75 -6.78
C ILE D 116 -30.33 -5.66 -8.22
N ASN D 117 -30.03 -6.68 -9.03
CA ASN D 117 -30.58 -6.79 -10.38
C ASN D 117 -31.88 -7.59 -10.21
N THR D 118 -33.05 -6.91 -10.34
CA THR D 118 -34.38 -7.52 -10.12
C THR D 118 -34.80 -8.54 -11.21
N ASP D 119 -34.13 -8.55 -12.37
CA ASP D 119 -34.39 -9.55 -13.42
C ASP D 119 -33.65 -10.85 -13.08
N MET D 120 -32.64 -10.77 -12.21
CA MET D 120 -31.83 -11.91 -11.81
C MET D 120 -32.20 -12.48 -10.45
N LEU D 121 -32.54 -11.60 -9.50
CA LEU D 121 -32.82 -11.97 -8.12
C LEU D 121 -34.08 -11.30 -7.57
N ASP D 122 -34.64 -11.87 -6.48
CA ASP D 122 -35.78 -11.27 -5.78
C ASP D 122 -35.32 -10.41 -4.61
N LYS D 123 -35.85 -9.18 -4.56
CA LYS D 123 -35.65 -8.12 -3.55
C LYS D 123 -35.90 -8.59 -2.09
N LYS D 124 -37.02 -9.31 -1.87
CA LYS D 124 -37.50 -9.78 -0.55
C LYS D 124 -36.53 -10.70 0.23
N SER D 125 -35.60 -11.39 -0.48
CA SER D 125 -34.62 -12.32 0.12
C SER D 125 -33.53 -11.59 0.95
N LEU D 126 -33.33 -10.28 0.71
CA LEU D 126 -32.27 -9.53 1.40
C LEU D 126 -32.82 -8.38 2.22
N LYS D 127 -32.46 -8.32 3.50
CA LYS D 127 -32.97 -7.28 4.40
C LYS D 127 -31.89 -6.56 5.19
N ASN D 128 -30.73 -7.23 5.42
CA ASN D 128 -29.67 -6.69 6.25
C ASN D 128 -28.30 -6.95 5.68
N TRP D 129 -27.30 -6.19 6.11
CA TRP D 129 -25.93 -6.39 5.61
C TRP D 129 -25.47 -7.84 5.84
N GLY D 130 -25.85 -8.42 6.99
CA GLY D 130 -25.45 -9.79 7.34
C GLY D 130 -25.90 -10.85 6.35
N ASP D 131 -26.95 -10.54 5.58
CA ASP D 131 -27.49 -11.44 4.53
C ASP D 131 -26.50 -11.67 3.40
N LEU D 132 -25.58 -10.71 3.19
CA LEU D 132 -24.52 -10.84 2.17
C LEU D 132 -23.55 -11.99 2.49
N TRP D 133 -23.45 -12.41 3.77
CA TRP D 133 -22.59 -13.49 4.21
C TRP D 133 -23.19 -14.89 3.90
N ASP D 134 -24.46 -14.96 3.44
CA ASP D 134 -25.13 -16.25 3.17
C ASP D 134 -24.31 -17.08 2.18
N ALA D 135 -24.30 -18.43 2.38
CA ALA D 135 -23.56 -19.35 1.52
C ALA D 135 -23.92 -19.21 0.05
N LYS D 136 -25.19 -18.91 -0.24
CA LYS D 136 -25.72 -18.85 -1.61
C LYS D 136 -25.07 -17.77 -2.47
N TRP D 137 -24.37 -16.77 -1.86
CA TRP D 137 -23.74 -15.68 -2.60
C TRP D 137 -22.25 -15.92 -2.97
N ALA D 138 -21.78 -17.19 -2.92
CA ALA D 138 -20.38 -17.55 -3.26
C ALA D 138 -19.98 -16.98 -4.62
N GLY D 139 -18.90 -16.19 -4.63
CA GLY D 139 -18.31 -15.55 -5.81
C GLY D 139 -19.26 -14.67 -6.60
N GLN D 140 -20.21 -14.01 -5.92
CA GLN D 140 -21.21 -13.23 -6.64
C GLN D 140 -21.31 -11.75 -6.34
N LEU D 141 -20.66 -11.25 -5.26
CA LEU D 141 -20.86 -9.87 -4.85
C LEU D 141 -19.87 -8.84 -5.33
N MET D 142 -20.35 -7.60 -5.44
CA MET D 142 -19.48 -6.45 -5.63
C MET D 142 -19.49 -5.73 -4.28
N LEU D 143 -18.31 -5.32 -3.80
CA LEU D 143 -18.24 -4.49 -2.61
C LEU D 143 -17.67 -3.15 -3.06
N MET D 144 -17.90 -2.07 -2.28
CA MET D 144 -17.26 -0.80 -2.62
C MET D 144 -15.76 -0.93 -2.34
N ASP D 145 -14.94 -0.21 -3.08
CA ASP D 145 -13.48 -0.23 -2.87
C ASP D 145 -13.18 0.87 -1.86
N ASP D 146 -13.67 0.69 -0.64
CA ASP D 146 -13.62 1.75 0.36
C ASP D 146 -13.51 1.12 1.75
N ALA D 147 -12.39 1.38 2.44
CA ALA D 147 -12.12 0.78 3.75
C ALA D 147 -13.23 1.02 4.76
N ARG D 148 -13.65 2.27 4.93
CA ARG D 148 -14.65 2.59 5.95
C ARG D 148 -16.02 2.03 5.61
N GLU D 149 -16.41 2.00 4.32
CA GLU D 149 -17.72 1.44 3.99
C GLU D 149 -17.75 -0.07 4.18
N VAL D 150 -16.68 -0.78 3.77
CA VAL D 150 -16.62 -2.24 3.92
C VAL D 150 -16.59 -2.61 5.42
N PHE D 151 -15.81 -1.86 6.23
CA PHE D 151 -15.81 -2.09 7.68
C PHE D 151 -17.14 -1.74 8.32
N HIS D 152 -17.83 -0.70 7.80
CA HIS D 152 -19.12 -0.24 8.31
C HIS D 152 -20.11 -1.43 8.29
N ILE D 153 -20.19 -2.17 7.15
CA ILE D 153 -21.19 -3.25 7.04
C ILE D 153 -20.90 -4.41 8.02
N ALA D 154 -19.61 -4.71 8.27
CA ALA D 154 -19.23 -5.79 9.21
C ALA D 154 -19.44 -5.33 10.65
N LEU D 155 -19.07 -4.06 10.97
CA LEU D 155 -19.29 -3.52 12.34
C LEU D 155 -20.77 -3.49 12.65
N SER D 156 -21.59 -3.08 11.66
CA SER D 156 -23.05 -3.06 11.79
C SER D 156 -23.57 -4.50 12.08
N LYS D 157 -23.11 -5.50 11.29
CA LYS D 157 -23.50 -6.93 11.46
C LYS D 157 -23.17 -7.40 12.89
N LEU D 158 -22.00 -7.00 13.41
CA LEU D 158 -21.52 -7.39 14.74
C LEU D 158 -22.17 -6.61 15.90
N GLY D 159 -22.93 -5.56 15.58
CA GLY D 159 -23.59 -4.71 16.57
C GLY D 159 -22.68 -3.67 17.20
N TYR D 160 -21.55 -3.38 16.55
CA TYR D 160 -20.61 -2.36 17.00
C TYR D 160 -20.83 -1.08 16.22
N SER D 161 -20.32 0.05 16.75
CA SER D 161 -20.46 1.29 16.00
C SER D 161 -19.64 1.22 14.68
N PRO D 162 -20.24 1.62 13.54
CA PRO D 162 -19.45 1.69 12.29
C PRO D 162 -18.40 2.81 12.33
N ASN D 163 -18.40 3.61 13.41
CA ASN D 163 -17.44 4.70 13.65
C ASN D 163 -16.59 4.38 14.90
N THR D 164 -16.45 3.10 15.25
CA THR D 164 -15.69 2.75 16.45
C THR D 164 -14.19 3.10 16.32
N THR D 165 -13.59 3.41 17.46
CA THR D 165 -12.14 3.62 17.54
C THR D 165 -11.53 2.51 18.42
N ASN D 166 -12.32 1.46 18.74
CA ASN D 166 -11.88 0.35 19.59
C ASN D 166 -11.14 -0.66 18.69
N PRO D 167 -9.81 -0.81 18.84
CA PRO D 167 -9.06 -1.74 17.96
C PRO D 167 -9.54 -3.20 18.03
N LYS D 168 -10.03 -3.66 19.19
CA LYS D 168 -10.56 -5.03 19.34
C LYS D 168 -11.82 -5.21 18.43
N GLU D 169 -12.68 -4.18 18.36
CA GLU D 169 -13.88 -4.22 17.51
C GLU D 169 -13.50 -4.15 16.03
N ILE D 170 -12.46 -3.34 15.71
CA ILE D 170 -12.02 -3.23 14.33
C ILE D 170 -11.49 -4.58 13.86
N LYS D 171 -10.68 -5.24 14.73
CA LYS D 171 -10.13 -6.55 14.45
C LYS D 171 -11.24 -7.60 14.31
N ALA D 172 -12.29 -7.53 15.17
CA ALA D 172 -13.41 -8.48 15.08
C ALA D 172 -14.14 -8.29 13.72
N ALA D 173 -14.28 -7.03 13.25
CA ALA D 173 -14.90 -6.74 11.94
C ALA D 173 -14.01 -7.31 10.82
N TYR D 174 -12.69 -7.22 10.97
CA TYR D 174 -11.75 -7.78 9.98
C TYR D 174 -11.94 -9.32 9.89
N ARG D 175 -12.02 -10.00 11.04
CA ARG D 175 -12.23 -11.46 11.04
C ARG D 175 -13.59 -11.81 10.41
N GLU D 176 -14.62 -10.99 10.67
CA GLU D 176 -15.94 -11.19 10.08
C GLU D 176 -15.87 -11.00 8.54
N LEU D 177 -15.11 -10.00 8.09
CA LEU D 177 -14.95 -9.73 6.65
C LEU D 177 -14.17 -10.84 5.94
N LYS D 178 -13.26 -11.54 6.65
CA LYS D 178 -12.53 -12.66 6.06
C LYS D 178 -13.52 -13.76 5.66
N LYS D 179 -14.64 -13.91 6.42
CA LYS D 179 -15.68 -14.91 6.13
C LYS D 179 -16.54 -14.48 4.93
N LEU D 180 -16.58 -13.17 4.63
CA LEU D 180 -17.36 -12.66 3.50
C LEU D 180 -16.58 -12.78 2.18
N MET D 181 -15.23 -12.78 2.24
CA MET D 181 -14.38 -12.78 1.04
C MET D 181 -14.72 -13.89 0.01
N PRO D 182 -15.09 -15.15 0.38
CA PRO D 182 -15.50 -16.15 -0.63
C PRO D 182 -16.72 -15.72 -1.47
N ASN D 183 -17.53 -14.76 -0.97
CA ASN D 183 -18.70 -14.25 -1.70
C ASN D 183 -18.36 -13.04 -2.59
N VAL D 184 -17.14 -12.48 -2.47
CA VAL D 184 -16.74 -11.26 -3.17
C VAL D 184 -16.06 -11.56 -4.49
N LEU D 185 -16.62 -11.01 -5.57
CA LEU D 185 -16.06 -11.16 -6.90
C LEU D 185 -15.14 -9.97 -7.18
N VAL D 186 -15.59 -8.75 -6.85
CA VAL D 186 -14.85 -7.53 -7.16
C VAL D 186 -15.10 -6.41 -6.16
N PHE D 187 -14.11 -5.51 -6.02
CA PHE D 187 -14.20 -4.25 -5.26
C PHE D 187 -14.19 -3.16 -6.32
N ASN D 188 -15.13 -2.22 -6.26
CA ASN D 188 -15.15 -1.17 -7.29
C ASN D 188 -15.80 0.09 -6.73
N SER D 189 -15.02 1.18 -6.68
CA SER D 189 -15.58 2.48 -6.30
C SER D 189 -15.46 3.49 -7.44
N ASP D 190 -14.80 3.12 -8.56
CA ASP D 190 -14.66 4.09 -9.65
C ASP D 190 -15.90 4.15 -10.51
N PHE D 191 -16.37 2.98 -10.96
CA PHE D 191 -17.61 2.95 -11.76
C PHE D 191 -18.44 1.80 -11.17
N PRO D 192 -19.00 2.00 -9.96
CA PRO D 192 -19.67 0.87 -9.28
C PRO D 192 -20.89 0.31 -10.01
N ALA D 193 -21.56 1.10 -10.85
CA ALA D 193 -22.71 0.57 -11.58
C ALA D 193 -22.25 -0.39 -12.72
N ASN D 194 -20.99 -0.25 -13.21
CA ASN D 194 -20.50 -1.03 -14.37
C ASN D 194 -20.57 -2.56 -14.19
N PRO D 195 -20.14 -3.18 -13.05
CA PRO D 195 -20.29 -4.64 -12.92
C PRO D 195 -21.77 -5.09 -12.95
N TYR D 196 -22.70 -4.23 -12.46
CA TYR D 196 -24.14 -4.54 -12.50
C TYR D 196 -24.64 -4.42 -13.95
N LEU D 197 -24.26 -3.32 -14.65
CA LEU D 197 -24.64 -3.09 -16.06
C LEU D 197 -24.11 -4.19 -16.98
N ALA D 198 -22.88 -4.67 -16.73
CA ALA D 198 -22.25 -5.74 -17.53
C ALA D 198 -22.78 -7.16 -17.24
N GLY D 199 -23.55 -7.30 -16.16
CA GLY D 199 -24.09 -8.58 -15.73
C GLY D 199 -23.06 -9.44 -15.01
N GLU D 200 -21.94 -8.83 -14.58
CA GLU D 200 -20.86 -9.52 -13.86
C GLU D 200 -21.29 -9.85 -12.44
N VAL D 201 -22.13 -8.98 -11.86
CA VAL D 201 -22.72 -9.15 -10.52
C VAL D 201 -24.19 -8.80 -10.62
N SER D 202 -24.99 -9.41 -9.76
CA SER D 202 -26.42 -9.15 -9.65
C SER D 202 -26.73 -8.58 -8.25
N LEU D 203 -25.73 -8.53 -7.37
CA LEU D 203 -25.93 -8.10 -5.99
C LEU D 203 -24.63 -7.60 -5.37
N GLY D 204 -24.76 -6.81 -4.32
CA GLY D 204 -23.60 -6.30 -3.57
C GLY D 204 -23.91 -4.96 -2.95
N MET D 205 -22.87 -4.22 -2.58
CA MET D 205 -23.05 -2.86 -2.06
C MET D 205 -23.22 -1.96 -3.28
N LEU D 206 -23.94 -0.86 -3.12
CA LEU D 206 -24.08 0.09 -4.21
C LEU D 206 -24.52 1.46 -3.69
N TRP D 207 -23.91 2.53 -4.24
CA TRP D 207 -24.31 3.90 -3.92
C TRP D 207 -25.65 4.20 -4.60
N ASN D 208 -26.51 5.00 -3.95
CA ASN D 208 -27.83 5.37 -4.49
C ASN D 208 -27.72 6.00 -5.88
N GLY D 209 -26.78 6.93 -6.07
CA GLY D 209 -26.60 7.61 -7.37
C GLY D 209 -26.20 6.65 -8.47
N SER D 210 -25.26 5.71 -8.19
CA SER D 210 -24.83 4.68 -9.16
C SER D 210 -26.01 3.82 -9.59
N ALA D 211 -26.89 3.41 -8.65
CA ALA D 211 -28.07 2.60 -9.03
C ALA D 211 -29.02 3.38 -9.91
N TYR D 212 -29.25 4.68 -9.61
CA TYR D 212 -30.09 5.56 -10.44
C TYR D 212 -29.50 5.64 -11.85
N MET D 213 -28.19 5.88 -11.97
CA MET D 213 -27.50 5.95 -13.26
C MET D 213 -27.66 4.63 -14.06
N ALA D 214 -27.62 3.48 -13.39
CA ALA D 214 -27.80 2.17 -14.05
C ALA D 214 -29.25 2.09 -14.59
N ARG D 215 -30.24 2.56 -13.78
CA ARG D 215 -31.66 2.59 -14.22
C ARG D 215 -31.89 3.52 -15.41
N GLN D 216 -31.14 4.65 -15.47
CA GLN D 216 -31.22 5.62 -16.57
C GLN D 216 -30.71 5.03 -17.88
N GLU D 217 -29.84 4.00 -17.80
CA GLU D 217 -29.31 3.26 -18.96
C GLU D 217 -30.24 2.10 -19.32
N GLY D 218 -31.34 1.95 -18.58
CA GLY D 218 -32.36 0.92 -18.81
C GLY D 218 -32.20 -0.38 -18.02
N ALA D 219 -31.20 -0.46 -17.12
CA ALA D 219 -30.93 -1.67 -16.34
C ALA D 219 -31.83 -1.74 -15.08
N PRO D 220 -32.35 -2.94 -14.73
CA PRO D 220 -33.24 -3.04 -13.55
C PRO D 220 -32.44 -3.14 -12.24
N ILE D 221 -31.65 -2.09 -11.94
CA ILE D 221 -30.82 -2.07 -10.72
C ILE D 221 -31.48 -1.25 -9.64
N GLN D 222 -31.97 -1.92 -8.60
CA GLN D 222 -32.63 -1.27 -7.48
C GLN D 222 -31.74 -1.24 -6.24
N ILE D 223 -32.12 -0.44 -5.24
CA ILE D 223 -31.43 -0.35 -3.96
C ILE D 223 -32.35 -0.88 -2.87
N ILE D 224 -31.83 -1.79 -2.03
CA ILE D 224 -32.52 -2.28 -0.85
C ILE D 224 -31.83 -1.52 0.28
N TRP D 225 -32.60 -0.83 1.12
CA TRP D 225 -32.01 -0.14 2.26
C TRP D 225 -31.97 -1.13 3.44
N PRO D 226 -30.76 -1.55 3.89
CA PRO D 226 -30.68 -2.46 5.04
C PRO D 226 -31.49 -1.94 6.22
N GLU D 227 -32.20 -2.83 6.93
CA GLU D 227 -33.07 -2.46 8.06
C GLU D 227 -32.38 -1.57 9.10
N LYS D 228 -31.11 -1.87 9.34
CA LYS D 228 -30.26 -1.04 10.19
C LYS D 228 -28.89 -0.91 9.51
N GLY D 229 -28.18 0.14 9.85
CA GLY D 229 -26.81 0.31 9.34
C GLY D 229 -26.61 0.78 7.92
N THR D 230 -27.67 1.38 7.25
CA THR D 230 -27.46 2.00 5.93
C THR D 230 -26.36 3.06 6.10
N ILE D 231 -25.44 3.11 5.14
CA ILE D 231 -24.33 4.06 5.19
C ILE D 231 -24.77 5.40 4.63
N PHE D 232 -24.51 6.49 5.37
CA PHE D 232 -24.76 7.85 4.90
C PHE D 232 -23.43 8.59 4.86
N TRP D 233 -23.21 9.39 3.84
CA TRP D 233 -21.97 10.15 3.72
C TRP D 233 -22.20 11.48 3.02
N MET D 234 -21.27 12.41 3.21
CA MET D 234 -21.30 13.68 2.50
C MET D 234 -19.90 14.03 2.03
N ASP D 235 -19.80 14.48 0.77
CA ASP D 235 -18.57 14.95 0.15
C ASP D 235 -18.64 16.47 0.10
N SER D 236 -17.54 17.11 0.46
CA SER D 236 -17.46 18.57 0.46
C SER D 236 -16.26 19.02 -0.33
N ILE D 237 -16.29 20.25 -0.85
CA ILE D 237 -15.17 20.78 -1.62
C ILE D 237 -14.26 21.57 -0.69
N SER D 238 -12.94 21.36 -0.85
CA SER D 238 -11.92 22.03 -0.05
C SER D 238 -10.82 22.57 -0.99
N ILE D 239 -10.04 23.51 -0.48
CA ILE D 239 -8.94 24.11 -1.24
C ILE D 239 -7.62 23.68 -0.58
N PRO D 240 -6.76 22.91 -1.29
CA PRO D 240 -5.48 22.48 -0.68
C PRO D 240 -4.56 23.63 -0.33
N ALA D 241 -3.75 23.43 0.70
CA ALA D 241 -2.82 24.46 1.20
C ALA D 241 -1.93 25.11 0.14
N GLY D 242 -1.36 24.37 -0.79
CA GLY D 242 -0.46 25.03 -1.75
C GLY D 242 -1.11 25.53 -3.03
N ALA D 243 -2.46 25.62 -3.07
CA ALA D 243 -3.20 26.01 -4.30
C ALA D 243 -2.67 27.31 -4.93
N LYS D 244 -2.41 27.26 -6.25
CA LYS D 244 -1.89 28.43 -6.98
C LYS D 244 -2.99 29.28 -7.59
N ASN D 245 -4.15 28.65 -7.84
CA ASN D 245 -5.26 29.31 -8.51
C ASN D 245 -6.47 29.43 -7.57
N ILE D 246 -6.32 30.24 -6.53
CA ILE D 246 -7.31 30.46 -5.48
C ILE D 246 -8.57 31.15 -5.99
N GLU D 247 -8.45 32.12 -6.92
CA GLU D 247 -9.62 32.80 -7.47
C GLU D 247 -10.42 31.83 -8.34
N ALA D 248 -9.71 31.05 -9.19
CA ALA D 248 -10.34 30.03 -10.04
C ALA D 248 -11.03 28.96 -9.13
N ALA D 249 -10.40 28.58 -7.98
CA ALA D 249 -10.96 27.61 -7.06
C ALA D 249 -12.32 28.08 -6.52
N HIS D 250 -12.39 29.34 -6.05
CA HIS D 250 -13.65 29.89 -5.52
C HIS D 250 -14.69 30.05 -6.63
N LYS D 251 -14.24 30.40 -7.86
CA LYS D 251 -15.15 30.52 -9.01
C LYS D 251 -15.79 29.15 -9.33
N MET D 252 -15.00 28.06 -9.27
CA MET D 252 -15.56 26.72 -9.51
C MET D 252 -16.54 26.30 -8.39
N ILE D 253 -16.19 26.53 -7.12
CA ILE D 253 -17.10 26.19 -6.01
C ILE D 253 -18.44 26.95 -6.22
N ASP D 254 -18.36 28.29 -6.47
CA ASP D 254 -19.58 29.08 -6.66
C ASP D 254 -20.39 28.64 -7.90
N PHE D 255 -19.69 28.20 -8.95
CA PHE D 255 -20.32 27.67 -10.18
C PHE D 255 -21.13 26.40 -9.84
N LEU D 256 -20.55 25.50 -9.03
CA LEU D 256 -21.21 24.26 -8.63
C LEU D 256 -22.35 24.52 -7.66
N LEU D 257 -22.24 25.59 -6.83
CA LEU D 257 -23.29 25.96 -5.88
C LEU D 257 -24.49 26.61 -6.59
N ARG D 258 -24.28 27.16 -7.79
CA ARG D 258 -25.35 27.83 -8.54
C ARG D 258 -26.54 26.86 -8.63
N PRO D 259 -27.72 27.23 -8.08
CA PRO D 259 -28.85 26.28 -8.03
C PRO D 259 -29.21 25.62 -9.35
N GLU D 260 -29.20 26.37 -10.50
CA GLU D 260 -29.51 25.74 -11.81
C GLU D 260 -28.45 24.65 -12.19
N ASN D 261 -27.18 24.87 -11.81
CA ASN D 261 -26.10 23.90 -12.04
C ASN D 261 -26.22 22.70 -11.11
N ALA D 262 -26.39 22.93 -9.79
CA ALA D 262 -26.51 21.83 -8.83
C ALA D 262 -27.74 20.95 -9.15
N ALA D 263 -28.88 21.56 -9.57
CA ALA D 263 -30.07 20.79 -9.92
C ALA D 263 -29.86 19.95 -11.20
N LYS D 264 -29.29 20.55 -12.27
CA LYS D 264 -29.05 19.86 -13.54
C LYS D 264 -28.13 18.67 -13.30
N ILE D 265 -27.05 18.88 -12.52
CA ILE D 265 -26.11 17.81 -12.26
C ILE D 265 -26.78 16.70 -11.44
N ALA D 266 -27.55 17.07 -10.39
CA ALA D 266 -28.27 16.08 -9.56
C ALA D 266 -29.11 15.11 -10.43
N LEU D 267 -29.82 15.65 -11.44
CA LEU D 267 -30.65 14.82 -12.34
C LEU D 267 -29.84 13.91 -13.23
N GLU D 268 -28.61 14.30 -13.52
CA GLU D 268 -27.71 13.50 -14.34
C GLU D 268 -27.00 12.41 -13.55
N ILE D 269 -26.60 12.69 -12.30
CA ILE D 269 -25.76 11.77 -11.52
C ILE D 269 -26.55 10.94 -10.47
N GLY D 270 -27.77 11.33 -10.16
CA GLY D 270 -28.63 10.56 -9.25
C GLY D 270 -28.40 10.71 -7.77
N TYR D 271 -27.69 11.77 -7.37
CA TYR D 271 -27.42 12.00 -5.97
C TYR D 271 -28.18 13.20 -5.44
N PRO D 272 -28.60 13.16 -4.16
CA PRO D 272 -29.14 14.34 -3.50
C PRO D 272 -28.15 15.52 -3.52
N THR D 273 -28.68 16.73 -3.34
CA THR D 273 -27.87 17.95 -3.27
C THR D 273 -28.10 18.66 -1.95
N PRO D 274 -27.02 19.11 -1.25
CA PRO D 274 -27.21 19.94 -0.04
C PRO D 274 -27.46 21.42 -0.39
N VAL D 275 -27.59 21.75 -1.70
CA VAL D 275 -27.91 23.13 -2.12
C VAL D 275 -29.45 23.22 -2.05
N LYS D 276 -29.97 23.83 -0.97
CA LYS D 276 -31.41 23.95 -0.72
C LYS D 276 -32.19 24.53 -1.90
N THR D 277 -31.72 25.64 -2.47
CA THR D 277 -32.42 26.33 -3.58
C THR D 277 -32.56 25.39 -4.77
N ALA D 278 -31.54 24.56 -5.02
CA ALA D 278 -31.53 23.55 -6.09
C ALA D 278 -32.49 22.41 -5.75
N HIS D 279 -32.40 21.88 -4.50
CA HIS D 279 -33.28 20.81 -4.02
C HIS D 279 -34.74 21.20 -4.30
N ASP D 280 -35.09 22.47 -4.06
CA ASP D 280 -36.43 23.02 -4.35
C ASP D 280 -36.76 23.10 -5.86
N LEU D 281 -35.72 23.22 -6.73
CA LEU D 281 -35.88 23.24 -8.20
C LEU D 281 -36.08 21.85 -8.81
N LEU D 282 -35.72 20.78 -8.06
CA LEU D 282 -35.82 19.41 -8.58
C LEU D 282 -37.24 18.92 -8.90
N PRO D 283 -37.41 18.12 -9.99
CA PRO D 283 -38.73 17.52 -10.23
C PRO D 283 -39.14 16.69 -9.03
N LYS D 284 -40.43 16.77 -8.66
CA LYS D 284 -40.98 16.06 -7.50
C LYS D 284 -40.73 14.55 -7.54
N GLU D 285 -40.77 13.93 -8.74
CA GLU D 285 -40.52 12.51 -8.97
C GLU D 285 -39.09 12.12 -8.53
N PHE D 286 -38.12 13.01 -8.73
CA PHE D 286 -36.75 12.77 -8.34
C PHE D 286 -36.58 13.07 -6.85
N ALA D 287 -37.01 14.28 -6.42
CA ALA D 287 -36.89 14.75 -5.03
C ALA D 287 -37.58 13.85 -4.00
N ASN D 288 -38.65 13.18 -4.40
CA ASN D 288 -39.41 12.29 -3.50
C ASN D 288 -39.17 10.79 -3.74
N ASP D 289 -38.18 10.44 -4.60
CA ASP D 289 -37.85 9.05 -4.90
C ASP D 289 -37.09 8.46 -3.67
N PRO D 290 -37.68 7.48 -2.95
CA PRO D 290 -37.00 6.93 -1.74
C PRO D 290 -35.71 6.15 -2.04
N SER D 291 -35.40 5.83 -3.31
CA SER D 291 -34.14 5.18 -3.71
C SER D 291 -33.02 6.23 -3.90
N ILE D 292 -33.39 7.49 -3.86
CA ILE D 292 -32.43 8.59 -4.02
C ILE D 292 -32.31 9.37 -2.72
N TYR D 293 -33.45 9.89 -2.20
CA TYR D 293 -33.52 10.58 -0.92
C TYR D 293 -34.11 9.55 0.05
N PRO D 294 -33.29 8.79 0.82
CA PRO D 294 -33.88 7.69 1.64
C PRO D 294 -34.85 8.23 2.68
N PRO D 295 -35.83 7.41 3.06
CA PRO D 295 -36.79 7.87 4.10
C PRO D 295 -36.07 8.18 5.42
N GLN D 296 -36.69 9.06 6.23
CA GLN D 296 -36.15 9.41 7.57
C GLN D 296 -35.85 8.19 8.46
N SER D 297 -36.71 7.15 8.43
CA SER D 297 -36.49 5.91 9.22
C SER D 297 -35.17 5.23 8.80
N VAL D 298 -34.83 5.23 7.50
CA VAL D 298 -33.59 4.65 6.96
C VAL D 298 -32.37 5.45 7.47
N ILE D 299 -32.52 6.78 7.46
CA ILE D 299 -31.49 7.70 7.98
C ILE D 299 -31.25 7.42 9.48
N ASP D 300 -32.33 7.43 10.27
CA ASP D 300 -32.29 7.21 11.73
C ASP D 300 -31.76 5.84 12.13
N ASN D 301 -32.05 4.78 11.36
CA ASN D 301 -31.51 3.45 11.66
C ASN D 301 -30.15 3.17 11.07
N GLY D 302 -29.68 4.09 10.22
CA GLY D 302 -28.39 4.02 9.59
C GLY D 302 -27.40 4.91 10.36
N GLU D 303 -26.23 5.13 9.77
CA GLU D 303 -25.22 5.96 10.42
C GLU D 303 -24.47 6.79 9.41
N TRP D 304 -24.25 8.05 9.76
CA TRP D 304 -23.38 8.91 8.96
C TRP D 304 -21.94 8.47 9.26
N GLN D 305 -21.12 8.37 8.21
CA GLN D 305 -19.71 8.02 8.37
C GLN D 305 -19.02 9.18 9.07
N ASP D 306 -18.34 8.86 10.17
CA ASP D 306 -17.69 9.88 10.99
C ASP D 306 -16.20 9.62 11.15
N GLU D 307 -15.45 10.64 11.60
CA GLU D 307 -14.01 10.52 11.83
C GLU D 307 -13.75 9.46 12.92
N VAL D 308 -12.59 8.79 12.82
CA VAL D 308 -12.16 7.77 13.79
C VAL D 308 -10.76 8.13 14.34
N GLY D 309 -10.38 9.40 14.21
CA GLY D 309 -9.08 9.90 14.62
C GLY D 309 -7.95 9.04 14.09
N GLU D 310 -7.00 8.74 14.95
CA GLU D 310 -5.80 7.94 14.60
C GLU D 310 -6.10 6.46 14.33
N ALA D 311 -7.32 5.98 14.63
CA ALA D 311 -7.70 4.58 14.33
C ALA D 311 -7.86 4.35 12.82
N SER D 312 -7.87 5.44 12.01
CA SER D 312 -7.97 5.34 10.54
C SER D 312 -6.87 4.41 9.98
N VAL D 313 -5.69 4.39 10.61
CA VAL D 313 -4.58 3.54 10.16
C VAL D 313 -4.95 2.05 10.24
N LEU D 314 -5.68 1.64 11.30
CA LEU D 314 -6.09 0.23 11.46
C LEU D 314 -7.09 -0.17 10.39
N TYR D 315 -8.10 0.69 10.14
CA TYR D 315 -9.09 0.42 9.09
C TYR D 315 -8.37 0.20 7.75
N ASP D 316 -7.42 1.09 7.42
CA ASP D 316 -6.67 0.96 6.16
C ASP D 316 -5.85 -0.30 6.08
N GLU D 317 -5.07 -0.59 7.14
CA GLU D 317 -4.19 -1.77 7.19
C GLU D 317 -5.00 -3.06 6.98
N TYR D 318 -6.11 -3.20 7.71
CA TYR D 318 -6.93 -4.41 7.62
C TYR D 318 -7.65 -4.53 6.27
N PHE D 319 -8.08 -3.38 5.72
CA PHE D 319 -8.77 -3.40 4.42
C PHE D 319 -7.79 -3.82 3.30
N GLN D 320 -6.55 -3.32 3.38
CA GLN D 320 -5.53 -3.68 2.38
C GLN D 320 -5.22 -5.16 2.46
N LYS D 321 -5.19 -5.73 3.69
CA LYS D 321 -4.97 -7.17 3.92
C LYS D 321 -6.09 -7.97 3.28
N LEU D 322 -7.37 -7.55 3.45
CA LEU D 322 -8.53 -8.25 2.86
C LEU D 322 -8.43 -8.34 1.35
N LYS D 323 -8.05 -7.23 0.70
CA LYS D 323 -7.92 -7.17 -0.75
C LYS D 323 -6.78 -8.02 -1.30
N VAL D 324 -5.70 -8.19 -0.52
CA VAL D 324 -4.51 -8.98 -0.92
C VAL D 324 -4.73 -10.47 -0.60
N1 SPD E . 3.23 13.18 -18.63
C2 SPD E . 3.89 12.88 -19.92
C3 SPD E . 5.16 12.06 -19.79
C4 SPD E . 4.86 10.56 -19.56
C5 SPD E . 6.08 9.65 -19.47
N6 SPD E . 5.69 8.24 -19.38
C7 SPD E . 6.82 7.30 -19.38
C8 SPD E . 7.39 7.08 -17.99
C9 SPD E . 8.41 5.96 -17.94
N10 SPD E . 8.93 5.76 -16.60
O1 P6G F . 22.22 2.54 -24.65
C2 P6G F . 20.98 3.14 -25.00
C3 P6G F . 21.00 3.64 -26.40
O4 P6G F . 19.79 4.33 -26.69
C5 P6G F . 19.66 4.85 -28.00
C6 P6G F . 19.27 3.80 -28.99
O7 P6G F . 18.20 4.28 -29.80
C8 P6G F . 18.00 3.51 -30.98
C9 P6G F . 17.01 2.42 -30.74
O10 P6G F . 15.87 2.93 -30.09
C11 P6G F . 15.17 1.94 -29.35
C12 P6G F . 13.81 2.46 -28.98
O13 P6G F . 12.88 1.39 -28.83
C14 P6G F . 12.54 1.11 -27.48
C15 P6G F . 12.99 -0.27 -27.13
O16 P6G F . 13.11 -0.41 -25.73
C17 P6G F . 13.39 -1.75 -25.34
C18 P6G F . 14.31 -1.76 -24.17
O19 P6G F . 15.47 -2.53 -24.42
N1 SPD G . 3.64 -36.83 -6.19
C2 SPD G . 4.99 -37.00 -6.72
C3 SPD G . 5.17 -36.49 -8.15
C4 SPD G . 5.21 -34.96 -8.21
C5 SPD G . 5.37 -34.37 -9.61
N6 SPD G . 5.72 -32.94 -9.55
C7 SPD G . 5.93 -32.32 -10.86
C8 SPD G . 4.65 -31.99 -11.60
C9 SPD G . 4.87 -31.08 -12.80
N10 SPD G . 3.62 -30.72 -13.49
N1 SPD H . 11.74 13.58 34.26
C2 SPD H . 10.47 13.54 34.99
C3 SPD H . 9.40 14.49 34.46
C4 SPD H . 8.72 13.97 33.19
C5 SPD H . 7.68 14.90 32.59
N6 SPD H . 6.91 14.22 31.56
C7 SPD H . 5.78 15.00 31.03
C8 SPD H . 6.21 16.05 30.02
C9 SPD H . 5.01 16.65 29.31
N10 SPD H . 5.42 17.67 28.38
O1 P6G I . -8.77 18.73 29.43
C2 P6G I . -7.53 18.04 29.42
C3 P6G I . -7.45 17.04 30.53
O4 P6G I . -6.18 16.42 30.54
C5 P6G I . -5.52 16.47 31.81
C6 P6G I . -5.98 15.39 32.73
O7 P6G I . -5.44 15.59 34.03
C8 P6G I . -6.40 15.59 35.07
C9 P6G I . -6.75 17.00 35.46
O10 P6G I . -7.43 17.03 36.71
C11 P6G I . -8.26 18.17 36.88
C12 P6G I . -7.93 18.88 38.16
O13 P6G I . -6.77 19.70 37.98
C14 P6G I . -6.99 21.07 38.30
C15 P6G I . -6.05 21.94 37.52
O16 P6G I . -6.73 22.53 36.42
C17 P6G I . -6.04 23.61 35.79
C18 P6G I . -7.04 24.55 35.19
O19 P6G I . -7.46 24.13 33.91
N1 SPD J . -18.54 8.45 -7.58
C2 SPD J . -19.36 9.45 -6.87
C3 SPD J . -19.70 9.03 -5.45
C4 SPD J . -18.54 9.26 -4.50
C5 SPD J . -18.91 9.02 -3.03
N6 SPD J . -17.82 9.47 -2.15
C7 SPD J . -18.09 9.26 -0.71
C8 SPD J . -17.78 7.82 -0.29
C9 SPD J . -17.73 7.66 1.22
N10 SPD J . -17.36 6.29 1.63
O1 PG4 K . -28.03 16.53 9.65
C1 PG4 K . -27.21 15.62 8.91
C2 PG4 K . -26.20 16.34 8.08
O2 PG4 K . -25.10 15.48 7.82
C3 PG4 K . -23.89 16.18 7.54
C4 PG4 K . -22.90 15.87 8.62
O3 PG4 K . -21.86 15.08 8.11
C5 PG4 K . -21.95 13.70 8.43
C6 PG4 K . -21.01 13.34 9.53
O4 PG4 K . -21.62 13.64 10.78
C7 PG4 K . -20.96 13.00 11.87
C8 PG4 K . -21.79 13.14 13.11
O5 PG4 K . -22.89 12.23 13.10
#